data_7S4L
#
_entry.id   7S4L
#
_cell.length_a   1.00
_cell.length_b   1.00
_cell.length_c   1.00
_cell.angle_alpha   90.00
_cell.angle_beta   90.00
_cell.angle_gamma   90.00
#
_symmetry.space_group_name_H-M   'P 1'
#
loop_
_entity.id
_entity.type
_entity.pdbx_description
1 polymer 'Particulate methane monooxygenase, B subunit'
2 polymer 'Particulate methane monooxygenase, A subunit'
3 polymer 'Particulate methane monooxygenase, C subunit'
4 non-polymer 'COPPER (II) ION'
5 non-polymer 1,2-dihexanoyl-sn-glycero-3-phosphocholine
6 non-polymer DECANE
7 non-polymer (S)-2,3-bis(hexanoyloxy)propyl(2-(trimethylammonio)ethyl)phosphate
8 water water
#
loop_
_entity_poly.entity_id
_entity_poly.type
_entity_poly.pdbx_seq_one_letter_code
_entity_poly.pdbx_strand_id
1 'polypeptide(L)'
;MKIIKDKVAKLSFVALLVTVTAAMFYTPTASAHGEKSQAAFMRMRTIHWFDLNWSKDQVSVNETMSISGKFHVFAGWPET
VDKPEVAFLNIGIPGPVFIRAGSWIGGQLVPRSVSLELGETYEFKVLLKARRPGDWHVHTMMNVQGGGPIIGPGKWVTIT
GSMGDFKNPITTLTGETIDLETYALDGVYGWHLFWYLLGVAWMVYWCRKPVFIPRRIAVDAGKADSLITPTDKKVGMAFA
AGTLAIVAVSMGQANEKYPVTTPLQAGLMRGIKSLELPQPTVSVKVVDASYRVPGRAMQMTLEITNNGDSAVRLAEFNTA
SVRFLDADVYEDDTNYPDDLLAEEGLSVSDNSPLAPGETRTVDVTASDAAWEVYRLADLIYDPDSRFAGLLFFIDEDGNR
QMTMVDAPLIPTFI
;
A,D,E
2 'polypeptide(L)'
;MSASQSAVRSRAEAVKVSRTFDYMILFTVFFVVLGGYHIHYMLTGGDWDFWTDWKDRRLWVTVAPIVSITFPAAVQAVLW
WRYRIAWGATLCVLGLLLGEWINRYFNFWGWTYFPVNFVFPSNLMPGAIVLDVILMLSNSMTLTAVVGGLAWGLLFYPGN
WPIIAPLHVPVEYNGMMMTLADLQGYHYVRTGTPEYIRMVEKGTLRTFGKDVAPVSAFFSGFVSILIYFLWHFFGSWFGS
EKFVQAA
;
B,F,G
3 'polypeptide(L)'
;MAATTESVKADAAEAPLLNKKNIIAGASLYLVFYAWVRWYEGVYGWSAGLDSFAPEFETYWMNFLYIEMVLEVLVASVLW
GYIWKSRDRKVMSITPREELRRHFTHWTWLMMYGIAIYFGASYFTEQDGTWHQTIVRDTDFTPSHIIEFYLSYPIYIITG
GASFLYAKTRLPTYQQGLSLQYLVVVVGPFMILPNVGLNEWGHTFWFMEELFVAPLHYGFVFFGWSALGVLGVINIELGA
LSKLLKKDLA
;
C,H,I
#
# COMPACT_ATOMS: atom_id res chain seq x y z
N HIS A 33 -12.31 -7.72 -31.44
CA HIS A 33 -12.18 -6.62 -32.42
C HIS A 33 -10.96 -5.79 -32.04
N GLY A 34 -10.70 -5.64 -30.74
CA GLY A 34 -9.57 -4.82 -30.27
C GLY A 34 -8.30 -5.65 -30.06
N GLU A 35 -8.32 -6.92 -30.47
CA GLU A 35 -7.09 -7.76 -30.39
C GLU A 35 -5.98 -7.11 -31.23
N LYS A 36 -6.33 -6.40 -32.31
CA LYS A 36 -5.30 -5.85 -33.18
C LYS A 36 -4.44 -4.81 -32.46
N SER A 37 -4.89 -4.29 -31.33
CA SER A 37 -4.13 -3.27 -30.63
C SER A 37 -3.30 -3.82 -29.48
N GLN A 38 -3.40 -5.11 -29.18
CA GLN A 38 -2.63 -5.69 -28.10
C GLN A 38 -1.23 -6.03 -28.57
N ALA A 39 -0.30 -6.02 -27.61
CA ALA A 39 1.11 -6.34 -27.89
C ALA A 39 1.21 -7.64 -28.70
N ALA A 40 1.96 -7.62 -29.81
CA ALA A 40 2.07 -8.81 -30.69
C ALA A 40 2.62 -10.01 -29.90
N PHE A 41 3.68 -9.81 -29.12
CA PHE A 41 4.31 -10.95 -28.38
C PHE A 41 3.33 -11.50 -27.33
N MET A 42 2.52 -10.64 -26.74
CA MET A 42 1.51 -11.10 -25.74
C MET A 42 0.51 -12.01 -26.45
N ARG A 43 -0.02 -11.55 -27.59
CA ARG A 43 -1.00 -12.36 -28.36
C ARG A 43 -0.39 -13.70 -28.72
N MET A 44 0.94 -13.79 -28.85
CA MET A 44 1.57 -15.05 -29.35
C MET A 44 1.99 -15.97 -28.21
N ARG A 45 2.26 -15.42 -27.01
CA ARG A 45 2.80 -16.26 -25.92
C ARG A 45 1.86 -16.32 -24.72
N THR A 46 0.54 -16.45 -24.94
CA THR A 46 -0.38 -16.58 -23.78
C THR A 46 -1.25 -17.83 -23.93
N ILE A 47 -2.33 -17.74 -24.73
CA ILE A 47 -3.30 -18.87 -24.86
C ILE A 47 -3.52 -19.14 -26.35
N HIS A 48 -3.56 -20.42 -26.74
CA HIS A 48 -3.72 -20.78 -28.18
C HIS A 48 -5.04 -21.51 -28.40
N TRP A 49 -5.96 -20.92 -29.17
CA TRP A 49 -7.29 -21.53 -29.40
C TRP A 49 -7.26 -22.37 -30.68
N PHE A 50 -7.58 -23.67 -30.59
CA PHE A 50 -7.54 -24.54 -31.76
C PHE A 50 -8.71 -25.50 -31.67
N ASP A 51 -8.97 -26.20 -32.78
CA ASP A 51 -10.08 -27.12 -32.87
C ASP A 51 -11.41 -26.40 -32.66
N LEU A 52 -11.43 -25.14 -33.06
CA LEU A 52 -12.62 -24.31 -32.88
C LEU A 52 -13.69 -24.71 -33.87
N ASN A 53 -14.94 -24.68 -33.41
CA ASN A 53 -16.08 -25.05 -34.23
C ASN A 53 -17.27 -24.19 -33.86
N TRP A 54 -17.82 -23.49 -34.84
CA TRP A 54 -19.04 -22.72 -34.68
C TRP A 54 -20.19 -23.52 -35.29
N SER A 55 -21.23 -23.76 -34.50
CA SER A 55 -22.32 -24.60 -34.97
C SER A 55 -23.18 -23.91 -36.02
N LYS A 56 -23.14 -22.59 -36.10
CA LYS A 56 -23.95 -21.87 -37.06
C LYS A 56 -23.32 -20.52 -37.34
N ASP A 57 -23.75 -19.90 -38.44
CA ASP A 57 -23.39 -18.53 -38.74
C ASP A 57 -24.59 -17.68 -39.10
N GLN A 58 -25.80 -18.22 -39.00
CA GLN A 58 -27.03 -17.50 -39.35
C GLN A 58 -28.11 -17.97 -38.39
N VAL A 59 -28.40 -17.15 -37.38
CA VAL A 59 -29.35 -17.52 -36.35
C VAL A 59 -30.50 -16.53 -36.34
N SER A 60 -31.65 -16.99 -35.87
CA SER A 60 -32.80 -16.13 -35.65
C SER A 60 -32.99 -15.91 -34.15
N VAL A 61 -33.68 -14.83 -33.81
CA VAL A 61 -33.88 -14.51 -32.41
C VAL A 61 -34.53 -15.68 -31.72
N ASN A 62 -34.10 -15.96 -30.49
CA ASN A 62 -34.54 -17.07 -29.65
C ASN A 62 -33.86 -18.38 -30.04
N GLU A 63 -33.03 -18.39 -31.09
CA GLU A 63 -32.32 -19.60 -31.47
C GLU A 63 -30.94 -19.62 -30.80
N THR A 64 -30.37 -20.81 -30.73
CA THR A 64 -29.10 -21.01 -30.06
C THR A 64 -28.03 -21.50 -31.02
N MET A 65 -26.79 -21.11 -30.75
CA MET A 65 -25.62 -21.62 -31.43
C MET A 65 -24.56 -21.90 -30.39
N SER A 66 -23.61 -22.76 -30.74
CA SER A 66 -22.58 -23.17 -29.79
C SER A 66 -21.21 -22.95 -30.40
N ILE A 67 -20.24 -22.72 -29.53
CA ILE A 67 -18.84 -22.55 -29.91
C ILE A 67 -18.02 -23.50 -29.05
N SER A 68 -17.31 -24.42 -29.70
CA SER A 68 -16.54 -25.42 -28.98
C SER A 68 -15.10 -25.38 -29.45
N GLY A 69 -14.24 -26.06 -28.72
CA GLY A 69 -12.84 -26.14 -29.09
C GLY A 69 -11.99 -26.43 -27.88
N LYS A 70 -10.69 -26.18 -28.03
CA LYS A 70 -9.75 -26.33 -26.94
C LYS A 70 -8.83 -25.14 -26.94
N PHE A 71 -8.19 -24.91 -25.80
CA PHE A 71 -7.16 -23.88 -25.70
C PHE A 71 -6.05 -24.39 -24.82
N HIS A 72 -4.82 -24.02 -25.18
CA HIS A 72 -3.63 -24.50 -24.49
C HIS A 72 -2.92 -23.33 -23.84
N VAL A 73 -2.78 -23.37 -22.52
CA VAL A 73 -2.11 -22.27 -21.77
C VAL A 73 -0.60 -22.41 -22.01
N PHE A 74 0.07 -21.33 -22.44
CA PHE A 74 1.52 -21.42 -22.75
C PHE A 74 2.34 -21.36 -21.45
N ALA A 75 3.28 -22.28 -21.30
CA ALA A 75 4.14 -22.34 -20.08
C ALA A 75 5.06 -21.12 -20.03
N GLY A 76 5.47 -20.60 -21.19
CA GLY A 76 6.30 -19.37 -21.23
C GLY A 76 5.42 -18.14 -21.09
N TRP A 77 4.55 -18.12 -20.07
CA TRP A 77 3.61 -16.99 -19.83
C TRP A 77 4.37 -15.66 -19.73
N PRO A 78 3.78 -14.51 -20.12
CA PRO A 78 4.44 -13.21 -19.93
C PRO A 78 4.59 -12.84 -18.45
N GLU A 79 5.68 -12.17 -18.09
CA GLU A 79 5.96 -11.81 -16.70
C GLU A 79 4.93 -10.82 -16.16
N THR A 80 4.56 -9.84 -16.97
CA THR A 80 3.66 -8.80 -16.50
C THR A 80 2.21 -9.26 -16.44
N VAL A 81 1.90 -10.46 -16.93
CA VAL A 81 0.56 -11.02 -16.83
C VAL A 81 0.56 -12.04 -15.71
N ASP A 82 -0.26 -11.79 -14.68
CA ASP A 82 -0.33 -12.71 -13.56
C ASP A 82 -0.66 -14.11 -14.06
N LYS A 83 -0.10 -15.11 -13.38
CA LYS A 83 -0.45 -16.49 -13.72
C LYS A 83 -1.96 -16.69 -13.50
N PRO A 84 -2.59 -17.48 -14.34
CA PRO A 84 -4.05 -17.56 -14.30
C PRO A 84 -4.61 -18.38 -13.15
N GLU A 85 -4.34 -17.97 -11.90
CA GLU A 85 -5.06 -18.59 -10.79
C GLU A 85 -6.54 -18.30 -10.87
N VAL A 86 -6.90 -17.11 -11.33
CA VAL A 86 -8.28 -16.67 -11.43
C VAL A 86 -8.54 -16.25 -12.87
N ALA A 87 -9.34 -17.03 -13.58
CA ALA A 87 -9.69 -16.72 -14.95
C ALA A 87 -11.18 -16.90 -15.13
N PHE A 88 -11.72 -16.24 -16.15
CA PHE A 88 -13.15 -16.29 -16.43
C PHE A 88 -13.34 -16.49 -17.91
N LEU A 89 -14.08 -17.53 -18.29
CA LEU A 89 -14.36 -17.81 -19.68
C LEU A 89 -15.48 -16.89 -20.14
N ASN A 90 -15.13 -15.90 -20.96
CA ASN A 90 -16.05 -14.85 -21.36
C ASN A 90 -16.39 -14.99 -22.83
N ILE A 91 -17.20 -14.06 -23.31
CA ILE A 91 -17.57 -13.98 -24.73
C ILE A 91 -17.39 -12.54 -25.18
N GLY A 92 -16.72 -12.37 -26.32
CA GLY A 92 -16.50 -11.04 -26.84
C GLY A 92 -17.56 -10.62 -27.83
N ILE A 93 -18.46 -9.73 -27.42
CA ILE A 93 -19.49 -9.21 -28.31
C ILE A 93 -19.87 -7.81 -27.85
N PRO A 94 -20.40 -7.00 -28.75
CA PRO A 94 -20.76 -5.61 -28.41
C PRO A 94 -22.05 -5.52 -27.61
N GLY A 95 -21.98 -5.90 -26.34
CA GLY A 95 -23.14 -5.93 -25.49
C GLY A 95 -23.93 -7.20 -25.70
N PRO A 96 -24.96 -7.38 -24.91
CA PRO A 96 -25.73 -8.63 -25.00
C PRO A 96 -26.55 -8.74 -26.26
N VAL A 97 -25.88 -8.95 -27.40
CA VAL A 97 -26.61 -9.32 -28.60
C VAL A 97 -27.01 -10.78 -28.55
N PHE A 98 -26.16 -11.62 -27.95
CA PHE A 98 -26.53 -12.94 -27.50
C PHE A 98 -26.63 -12.92 -25.98
N ILE A 99 -27.17 -13.99 -25.42
CA ILE A 99 -27.08 -14.24 -23.99
C ILE A 99 -26.37 -15.56 -23.79
N ARG A 100 -25.46 -15.59 -22.82
CA ARG A 100 -24.67 -16.77 -22.54
C ARG A 100 -25.55 -17.77 -21.83
N ALA A 101 -26.20 -18.64 -22.59
CA ALA A 101 -27.10 -19.62 -21.99
C ALA A 101 -26.34 -20.66 -21.19
N GLY A 102 -25.04 -20.81 -21.43
CA GLY A 102 -24.24 -21.76 -20.69
C GLY A 102 -22.82 -21.76 -21.19
N SER A 103 -21.92 -22.30 -20.36
CA SER A 103 -20.52 -22.37 -20.73
C SER A 103 -19.85 -23.45 -19.89
N TRP A 104 -19.13 -24.35 -20.55
CA TRP A 104 -18.50 -25.48 -19.89
C TRP A 104 -17.01 -25.49 -20.18
N ILE A 105 -16.23 -25.91 -19.20
CA ILE A 105 -14.81 -26.17 -19.37
C ILE A 105 -14.53 -27.57 -18.88
N GLY A 106 -14.26 -28.47 -19.80
CA GLY A 106 -14.06 -29.86 -19.41
C GLY A 106 -15.31 -30.55 -18.94
N GLY A 107 -16.47 -30.04 -19.31
CA GLY A 107 -17.72 -30.68 -18.98
C GLY A 107 -18.47 -30.08 -17.82
N GLN A 108 -17.87 -29.15 -17.07
CA GLN A 108 -18.52 -28.53 -15.93
C GLN A 108 -18.96 -27.12 -16.27
N LEU A 109 -20.15 -26.75 -15.81
CA LEU A 109 -20.59 -25.37 -15.96
C LEU A 109 -19.68 -24.46 -15.18
N VAL A 110 -19.33 -23.32 -15.77
CA VAL A 110 -18.39 -22.40 -15.13
C VAL A 110 -18.99 -21.01 -15.06
N PRO A 111 -20.06 -20.80 -14.29
CA PRO A 111 -20.57 -19.44 -14.11
C PRO A 111 -19.67 -18.59 -13.24
N ARG A 112 -18.78 -19.19 -12.46
CA ARG A 112 -17.83 -18.46 -11.65
C ARG A 112 -16.47 -18.43 -12.34
N SER A 113 -15.52 -17.77 -11.71
CA SER A 113 -14.15 -17.82 -12.21
C SER A 113 -13.56 -19.20 -11.93
N VAL A 114 -12.46 -19.50 -12.60
CA VAL A 114 -11.82 -20.80 -12.52
C VAL A 114 -10.31 -20.62 -12.43
N SER A 115 -9.61 -21.71 -12.19
CA SER A 115 -8.16 -21.74 -12.10
C SER A 115 -7.59 -22.58 -13.23
N LEU A 116 -6.44 -22.17 -13.75
CA LEU A 116 -5.78 -22.88 -14.83
C LEU A 116 -4.32 -23.09 -14.47
N GLU A 117 -3.69 -24.05 -15.13
CA GLU A 117 -2.27 -24.32 -14.94
C GLU A 117 -1.51 -24.06 -16.22
N LEU A 118 -0.36 -23.39 -16.08
CA LEU A 118 0.50 -23.17 -17.23
C LEU A 118 0.86 -24.51 -17.87
N GLY A 119 0.68 -24.59 -19.19
CA GLY A 119 1.07 -25.77 -19.93
C GLY A 119 -0.02 -26.80 -20.11
N GLU A 120 -1.22 -26.57 -19.60
CA GLU A 120 -2.29 -27.53 -19.76
C GLU A 120 -3.15 -27.20 -20.97
N THR A 121 -3.93 -28.19 -21.39
CA THR A 121 -4.89 -28.03 -22.48
C THR A 121 -6.27 -28.34 -21.95
N TYR A 122 -7.24 -27.48 -22.27
CA TYR A 122 -8.59 -27.63 -21.80
C TYR A 122 -9.56 -27.66 -22.97
N GLU A 123 -10.65 -28.39 -22.81
CA GLU A 123 -11.73 -28.38 -23.77
C GLU A 123 -12.85 -27.51 -23.23
N PHE A 124 -13.40 -26.64 -24.08
CA PHE A 124 -14.42 -25.70 -23.65
C PHE A 124 -15.57 -25.72 -24.62
N LYS A 125 -16.70 -25.17 -24.20
CA LYS A 125 -17.88 -25.04 -25.02
C LYS A 125 -18.74 -23.91 -24.48
N VAL A 126 -19.34 -23.15 -25.37
CA VAL A 126 -20.19 -22.02 -24.98
C VAL A 126 -21.48 -22.11 -25.78
N LEU A 127 -22.60 -21.82 -25.14
CA LEU A 127 -23.91 -21.89 -25.75
C LEU A 127 -24.55 -20.51 -25.72
N LEU A 128 -24.84 -19.97 -26.89
CA LEU A 128 -25.38 -18.63 -27.03
C LEU A 128 -26.81 -18.69 -27.52
N LYS A 129 -27.59 -17.67 -27.15
CA LYS A 129 -28.96 -17.52 -27.60
C LYS A 129 -29.11 -16.16 -28.26
N ALA A 130 -29.50 -16.16 -29.53
CA ALA A 130 -29.57 -14.92 -30.29
C ALA A 130 -30.62 -13.99 -29.70
N ARG A 131 -30.28 -12.72 -29.56
CA ARG A 131 -31.17 -11.76 -28.92
C ARG A 131 -31.45 -10.52 -29.76
N ARG A 132 -30.46 -10.00 -30.47
CA ARG A 132 -30.62 -8.74 -31.18
C ARG A 132 -30.17 -8.88 -32.63
N PRO A 133 -31.00 -8.52 -33.59
CA PRO A 133 -30.63 -8.68 -35.00
C PRO A 133 -29.44 -7.82 -35.38
N GLY A 134 -28.74 -8.27 -36.41
CA GLY A 134 -27.57 -7.57 -36.90
C GLY A 134 -26.51 -8.56 -37.31
N ASP A 135 -25.32 -8.04 -37.58
CA ASP A 135 -24.15 -8.85 -37.90
C ASP A 135 -23.09 -8.55 -36.85
N TRP A 136 -22.67 -9.59 -36.12
CA TRP A 136 -21.73 -9.36 -34.98
C TRP A 136 -20.49 -10.26 -35.08
N HIS A 137 -19.32 -9.72 -34.73
CA HIS A 137 -18.09 -10.56 -34.69
C HIS A 137 -18.02 -11.23 -33.32
N VAL A 138 -18.22 -12.54 -33.27
CA VAL A 138 -18.27 -13.26 -31.95
C VAL A 138 -16.90 -13.87 -31.66
N HIS A 139 -16.22 -13.38 -30.61
CA HIS A 139 -14.87 -13.89 -30.24
C HIS A 139 -14.97 -14.72 -28.96
N THR A 140 -14.03 -15.64 -28.75
CA THR A 140 -13.98 -16.42 -27.48
C THR A 140 -12.82 -15.87 -26.67
N MET A 141 -13.07 -15.36 -25.46
CA MET A 141 -12.00 -14.70 -24.73
C MET A 141 -11.90 -15.28 -23.32
N MET A 142 -10.77 -15.03 -22.71
CA MET A 142 -10.48 -15.47 -21.35
C MET A 142 -9.96 -14.28 -20.57
N ASN A 143 -10.72 -13.84 -19.59
CA ASN A 143 -10.27 -12.77 -18.71
C ASN A 143 -9.42 -13.38 -17.61
N VAL A 144 -8.23 -12.82 -17.41
CA VAL A 144 -7.29 -13.30 -16.40
C VAL A 144 -7.09 -12.18 -15.39
N GLN A 145 -7.46 -12.43 -14.15
CA GLN A 145 -7.29 -11.42 -13.11
C GLN A 145 -5.83 -11.03 -13.02
N GLY A 146 -5.58 -9.74 -12.84
CA GLY A 146 -4.22 -9.25 -12.88
C GLY A 146 -3.56 -9.29 -14.23
N GLY A 147 -4.25 -9.83 -15.23
CA GLY A 147 -3.74 -9.88 -16.58
C GLY A 147 -4.54 -8.96 -17.48
N GLY A 148 -5.48 -9.51 -18.21
CA GLY A 148 -6.35 -8.74 -19.05
C GLY A 148 -7.19 -9.62 -19.93
N PRO A 149 -7.77 -9.06 -20.96
CA PRO A 149 -8.54 -9.88 -21.89
C PRO A 149 -7.64 -10.62 -22.86
N ILE A 150 -7.86 -11.91 -23.02
CA ILE A 150 -7.11 -12.73 -23.96
C ILE A 150 -8.10 -13.20 -25.02
N ILE A 151 -8.11 -12.54 -26.16
CA ILE A 151 -9.16 -12.67 -27.15
C ILE A 151 -8.76 -13.74 -28.17
N GLY A 152 -9.67 -14.67 -28.42
CA GLY A 152 -9.46 -15.68 -29.43
C GLY A 152 -9.97 -15.21 -30.77
N PRO A 153 -9.97 -16.09 -31.76
CA PRO A 153 -10.44 -15.70 -33.09
C PRO A 153 -11.92 -15.43 -33.09
N GLY A 154 -12.33 -14.48 -33.91
CA GLY A 154 -13.73 -14.09 -34.03
C GLY A 154 -14.33 -14.61 -35.32
N LYS A 155 -15.65 -14.74 -35.31
CA LYS A 155 -16.40 -15.19 -36.47
C LYS A 155 -17.60 -14.29 -36.67
N TRP A 156 -17.95 -14.04 -37.92
CA TRP A 156 -19.09 -13.19 -38.24
C TRP A 156 -20.37 -14.01 -38.20
N VAL A 157 -21.27 -13.66 -37.28
CA VAL A 157 -22.55 -14.33 -37.15
C VAL A 157 -23.64 -13.31 -37.38
N THR A 158 -24.68 -13.73 -38.10
CA THR A 158 -25.80 -12.85 -38.41
C THR A 158 -27.04 -13.31 -37.66
N ILE A 159 -27.72 -12.37 -37.02
CA ILE A 159 -28.95 -12.61 -36.29
C ILE A 159 -30.08 -11.94 -37.05
N THR A 160 -31.15 -12.68 -37.29
CA THR A 160 -32.31 -12.17 -38.00
C THR A 160 -33.56 -12.31 -37.15
N GLY A 161 -34.50 -11.40 -37.35
CA GLY A 161 -35.72 -11.38 -36.59
C GLY A 161 -35.92 -10.02 -35.95
N SER A 162 -36.77 -9.98 -34.93
CA SER A 162 -37.06 -8.76 -34.21
C SER A 162 -36.79 -8.98 -32.73
N MET A 163 -36.06 -8.03 -32.12
CA MET A 163 -35.72 -8.17 -30.72
C MET A 163 -36.94 -8.27 -29.83
N GLY A 164 -38.09 -7.77 -30.29
CA GLY A 164 -39.29 -7.86 -29.49
C GLY A 164 -39.77 -9.27 -29.24
N ASP A 165 -39.22 -10.25 -29.95
CA ASP A 165 -39.63 -11.63 -29.79
C ASP A 165 -38.78 -12.40 -28.78
N PHE A 166 -37.74 -11.78 -28.24
CA PHE A 166 -36.84 -12.50 -27.36
C PHE A 166 -37.54 -12.89 -26.06
N LYS A 167 -37.40 -14.15 -25.68
CA LYS A 167 -37.96 -14.69 -24.46
C LYS A 167 -36.87 -15.36 -23.66
N ASN A 168 -36.85 -15.11 -22.36
CA ASN A 168 -35.85 -15.69 -21.46
C ASN A 168 -36.56 -16.34 -20.29
N PRO A 169 -37.28 -17.43 -20.55
CA PRO A 169 -38.06 -18.07 -19.48
C PRO A 169 -37.15 -18.77 -18.48
N ILE A 170 -37.54 -18.74 -17.21
CA ILE A 170 -36.77 -19.34 -16.14
C ILE A 170 -37.74 -19.86 -15.09
N THR A 171 -37.41 -21.00 -14.49
CA THR A 171 -38.19 -21.54 -13.38
C THR A 171 -37.35 -21.52 -12.13
N THR A 172 -37.93 -21.03 -11.03
CA THR A 172 -37.20 -20.85 -9.80
C THR A 172 -37.36 -22.06 -8.89
N LEU A 173 -36.57 -22.08 -7.81
CA LEU A 173 -36.70 -23.15 -6.85
C LEU A 173 -38.06 -23.17 -6.17
N THR A 174 -38.94 -22.24 -6.51
CA THR A 174 -40.34 -22.27 -6.12
C THR A 174 -41.26 -22.54 -7.30
N GLY A 175 -40.92 -22.03 -8.48
CA GLY A 175 -41.54 -22.48 -9.73
C GLY A 175 -43.04 -22.34 -9.85
N GLU A 176 -43.56 -21.13 -10.06
CA GLU A 176 -42.80 -19.92 -10.35
C GLU A 176 -41.83 -19.97 -11.51
N THR A 177 -42.38 -20.04 -12.72
CA THR A 177 -41.62 -19.76 -13.93
C THR A 177 -41.83 -18.31 -14.32
N ILE A 178 -40.73 -17.61 -14.60
CA ILE A 178 -40.76 -16.18 -14.87
C ILE A 178 -40.03 -15.90 -16.18
N ASP A 179 -40.08 -14.65 -16.59
CA ASP A 179 -39.41 -14.19 -17.81
C ASP A 179 -38.34 -13.19 -17.40
N LEU A 180 -37.09 -13.65 -17.38
CA LEU A 180 -36.01 -12.84 -16.85
C LEU A 180 -35.80 -11.54 -17.61
N GLU A 181 -36.46 -11.38 -18.76
CA GLU A 181 -36.24 -10.18 -19.55
C GLU A 181 -36.96 -8.98 -18.95
N THR A 182 -38.12 -9.21 -18.34
CA THR A 182 -38.92 -8.12 -17.81
C THR A 182 -39.38 -8.35 -16.38
N TYR A 183 -38.89 -9.40 -15.73
CA TYR A 183 -39.38 -9.74 -14.39
C TYR A 183 -38.94 -8.71 -13.38
N ALA A 184 -39.85 -8.33 -12.49
CA ALA A 184 -39.61 -7.40 -11.39
C ALA A 184 -39.45 -5.97 -11.86
N LEU A 185 -39.76 -5.66 -13.11
CA LEU A 185 -39.54 -4.31 -13.61
C LEU A 185 -40.53 -3.32 -13.01
N ASP A 186 -41.80 -3.67 -12.98
CA ASP A 186 -42.80 -2.75 -12.44
C ASP A 186 -42.47 -2.36 -11.02
N GLY A 187 -41.94 -3.30 -10.23
CA GLY A 187 -41.56 -2.97 -8.88
C GLY A 187 -40.48 -1.92 -8.83
N VAL A 188 -39.43 -2.09 -9.64
CA VAL A 188 -38.36 -1.11 -9.69
C VAL A 188 -38.93 0.26 -10.05
N TYR A 189 -39.70 0.31 -11.13
CA TYR A 189 -40.26 1.58 -11.57
C TYR A 189 -41.09 2.22 -10.47
N GLY A 190 -42.02 1.44 -9.89
CA GLY A 190 -42.89 2.00 -8.87
C GLY A 190 -42.12 2.55 -7.69
N TRP A 191 -41.18 1.77 -7.15
CA TRP A 191 -40.48 2.22 -5.96
C TRP A 191 -39.64 3.45 -6.25
N HIS A 192 -38.91 3.44 -7.36
CA HIS A 192 -38.06 4.59 -7.65
C HIS A 192 -38.90 5.83 -7.92
N LEU A 193 -39.99 5.68 -8.67
CA LEU A 193 -40.86 6.82 -8.91
C LEU A 193 -41.46 7.35 -7.63
N PHE A 194 -41.85 6.46 -6.71
CA PHE A 194 -42.43 6.92 -5.46
C PHE A 194 -41.41 7.71 -4.66
N TRP A 195 -40.22 7.16 -4.47
CA TRP A 195 -39.23 7.89 -3.69
C TRP A 195 -38.87 9.21 -4.34
N TYR A 196 -38.80 9.24 -5.68
CA TYR A 196 -38.48 10.49 -6.35
C TYR A 196 -39.58 11.52 -6.15
N LEU A 197 -40.84 11.12 -6.29
CA LEU A 197 -41.92 12.06 -6.06
C LEU A 197 -41.95 12.53 -4.63
N LEU A 198 -41.59 11.68 -3.68
CA LEU A 198 -41.52 12.12 -2.30
C LEU A 198 -40.47 13.20 -2.11
N GLY A 199 -39.29 12.98 -2.69
CA GLY A 199 -38.19 13.97 -2.58
C GLY A 199 -38.53 15.27 -3.28
N VAL A 200 -39.20 15.20 -4.44
CA VAL A 200 -39.62 16.42 -5.18
C VAL A 200 -40.59 17.20 -4.31
N ALA A 201 -41.54 16.51 -3.66
CA ALA A 201 -42.55 17.19 -2.81
C ALA A 201 -41.86 17.96 -1.68
N TRP A 202 -40.79 17.40 -1.10
CA TRP A 202 -40.05 18.10 -0.01
C TRP A 202 -39.56 19.46 -0.55
N MET A 203 -38.86 19.45 -1.68
CA MET A 203 -38.34 20.71 -2.27
C MET A 203 -39.51 21.63 -2.62
N VAL A 204 -40.59 21.08 -3.19
CA VAL A 204 -41.77 21.90 -3.60
C VAL A 204 -42.35 22.61 -2.37
N TYR A 205 -42.42 21.93 -1.22
CA TYR A 205 -42.94 22.58 -0.02
C TYR A 205 -42.22 23.89 0.23
N TRP A 206 -40.91 23.94 -0.07
CA TRP A 206 -40.11 25.18 0.18
C TRP A 206 -39.94 26.03 -1.08
N CYS A 207 -40.30 25.51 -2.26
CA CYS A 207 -40.03 26.25 -3.52
C CYS A 207 -41.01 27.41 -3.72
N ARG A 208 -42.26 27.26 -3.27
CA ARG A 208 -43.28 28.32 -3.44
C ARG A 208 -42.80 29.59 -2.72
N LYS A 209 -42.21 29.44 -1.54
CA LYS A 209 -41.71 30.60 -0.76
C LYS A 209 -40.54 31.23 -1.53
N PRO A 210 -40.49 32.56 -1.69
CA PRO A 210 -39.35 33.23 -2.35
C PRO A 210 -38.03 32.80 -1.69
N VAL A 211 -37.09 32.28 -2.49
CA VAL A 211 -35.84 31.74 -1.91
C VAL A 211 -34.66 32.66 -2.27
N PHE A 212 -33.47 32.35 -1.76
CA PHE A 212 -32.24 33.12 -2.07
C PHE A 212 -32.29 34.56 -1.54
N ILE A 213 -32.62 35.54 -2.38
CA ILE A 213 -32.59 36.98 -1.97
C ILE A 213 -33.21 37.24 -0.58
N PRO A 214 -34.54 37.05 -0.30
CA PRO A 214 -35.08 37.40 1.01
C PRO A 214 -34.33 36.64 2.11
N ARG A 215 -34.01 35.37 1.85
CA ARG A 215 -33.31 34.54 2.87
C ARG A 215 -31.93 35.13 3.16
N ARG A 216 -31.16 35.49 2.14
CA ARG A 216 -29.84 36.14 2.35
C ARG A 216 -30.03 37.36 3.24
N ILE A 217 -30.85 38.32 2.79
CA ILE A 217 -31.09 39.59 3.56
C ILE A 217 -31.46 39.24 5.00
N ALA A 218 -32.37 38.27 5.19
CA ALA A 218 -32.83 37.92 6.56
C ALA A 218 -31.64 37.57 7.44
N VAL A 219 -30.85 36.55 7.08
CA VAL A 219 -29.73 36.11 7.97
C VAL A 219 -28.66 37.21 8.04
N ASP A 220 -28.47 37.97 6.96
CA ASP A 220 -27.49 39.10 6.97
C ASP A 220 -27.91 40.11 8.03
N ALA A 221 -29.21 40.41 8.12
CA ALA A 221 -29.72 41.38 9.13
C ALA A 221 -29.68 40.76 10.52
N GLY A 222 -29.82 39.44 10.61
CA GLY A 222 -29.81 38.75 11.91
C GLY A 222 -31.11 38.03 12.18
N LYS A 223 -32.02 38.03 11.19
CA LYS A 223 -33.28 37.26 11.31
C LYS A 223 -33.01 35.86 10.75
N ALA A 224 -32.09 35.12 11.37
CA ALA A 224 -31.74 33.75 10.90
C ALA A 224 -33.00 32.90 10.77
N ASP A 225 -33.98 33.10 11.65
CA ASP A 225 -35.28 32.39 11.54
C ASP A 225 -36.06 32.98 10.36
N SER A 226 -35.68 32.63 9.13
CA SER A 226 -36.34 33.22 7.94
C SER A 226 -37.67 32.51 7.68
N LEU A 227 -37.63 31.23 7.31
CA LEU A 227 -38.87 30.48 7.00
C LEU A 227 -38.90 29.18 7.80
N ILE A 228 -38.14 29.11 8.89
CA ILE A 228 -38.17 27.90 9.77
C ILE A 228 -39.21 28.13 10.88
N THR A 229 -40.49 28.21 10.50
CA THR A 229 -41.58 28.42 11.50
C THR A 229 -41.95 27.07 12.12
N PRO A 230 -42.62 27.01 13.29
CA PRO A 230 -43.07 25.73 13.86
C PRO A 230 -43.82 24.84 12.86
N THR A 231 -44.74 25.41 12.08
CA THR A 231 -45.50 24.63 11.07
C THR A 231 -44.53 24.07 10.03
N ASP A 232 -43.47 24.80 9.73
CA ASP A 232 -42.47 24.37 8.71
C ASP A 232 -41.59 23.26 9.30
N LYS A 233 -41.45 23.23 10.63
CA LYS A 233 -40.61 22.21 11.28
C LYS A 233 -41.43 20.95 11.54
N LYS A 234 -42.74 21.11 11.75
CA LYS A 234 -43.63 19.93 11.98
C LYS A 234 -43.83 19.20 10.64
N VAL A 235 -43.71 19.92 9.51
CA VAL A 235 -43.79 19.25 8.19
C VAL A 235 -42.57 18.34 8.07
N GLY A 236 -41.41 18.81 8.54
CA GLY A 236 -40.20 17.98 8.54
C GLY A 236 -40.42 16.67 9.29
N MET A 237 -41.07 16.72 10.45
CA MET A 237 -41.33 15.50 11.27
C MET A 237 -42.18 14.52 10.46
N ALA A 238 -43.35 14.91 9.95
CA ALA A 238 -44.21 14.11 9.09
C ALA A 238 -43.38 13.42 8.01
N PHE A 239 -42.62 14.18 7.24
CA PHE A 239 -41.77 13.57 6.23
C PHE A 239 -40.82 12.57 6.85
N ALA A 240 -40.16 12.95 7.95
CA ALA A 240 -39.21 12.04 8.58
C ALA A 240 -39.92 10.82 9.16
N ALA A 241 -41.11 11.02 9.73
CA ALA A 241 -41.86 9.87 10.25
C ALA A 241 -42.47 9.06 9.13
N GLY A 242 -43.15 9.71 8.19
CA GLY A 242 -43.69 8.98 7.05
C GLY A 242 -42.63 8.21 6.31
N THR A 243 -41.40 8.70 6.30
CA THR A 243 -40.31 7.96 5.67
C THR A 243 -39.92 6.75 6.51
N LEU A 244 -39.47 6.99 7.74
CA LEU A 244 -39.07 5.88 8.60
C LEU A 244 -40.19 4.86 8.75
N ALA A 245 -41.43 5.25 8.55
CA ALA A 245 -42.53 4.29 8.59
C ALA A 245 -42.57 3.44 7.33
N ILE A 246 -42.55 4.07 6.16
CA ILE A 246 -42.69 3.33 4.92
C ILE A 246 -41.58 2.30 4.77
N VAL A 247 -40.39 2.61 5.26
CA VAL A 247 -39.28 1.68 5.13
C VAL A 247 -39.57 0.39 5.87
N ALA A 248 -40.12 0.49 7.09
CA ALA A 248 -40.36 -0.70 7.89
C ALA A 248 -41.50 -1.53 7.31
N VAL A 249 -42.63 -0.89 7.00
CA VAL A 249 -43.72 -1.61 6.38
C VAL A 249 -43.27 -2.28 5.10
N SER A 250 -42.41 -1.60 4.34
CA SER A 250 -41.96 -2.16 3.07
C SER A 250 -41.05 -3.36 3.28
N MET A 251 -40.13 -3.27 4.24
CA MET A 251 -39.31 -4.43 4.57
C MET A 251 -40.18 -5.62 4.96
N GLY A 252 -41.15 -5.39 5.83
CA GLY A 252 -42.02 -6.48 6.22
C GLY A 252 -42.78 -7.07 5.05
N GLN A 253 -43.35 -6.22 4.22
CA GLN A 253 -44.11 -6.69 3.07
C GLN A 253 -43.23 -7.47 2.11
N ALA A 254 -41.99 -7.04 1.92
CA ALA A 254 -41.08 -7.78 1.05
C ALA A 254 -40.78 -9.15 1.64
N ASN A 255 -40.45 -9.20 2.93
CA ASN A 255 -40.16 -10.49 3.55
C ASN A 255 -41.36 -11.41 3.46
N GLU A 256 -42.56 -10.85 3.42
CA GLU A 256 -43.76 -11.69 3.39
C GLU A 256 -44.11 -12.08 1.96
N LYS A 257 -43.69 -11.29 0.98
CA LYS A 257 -44.02 -11.58 -0.41
C LYS A 257 -42.99 -12.47 -1.07
N TYR A 258 -41.74 -12.40 -0.64
CA TYR A 258 -40.67 -13.25 -1.14
C TYR A 258 -40.06 -13.95 0.07
N PRO A 259 -40.71 -15.01 0.61
CA PRO A 259 -40.21 -15.65 1.84
C PRO A 259 -38.81 -16.26 1.65
N VAL A 260 -38.45 -16.64 0.42
CA VAL A 260 -37.14 -17.31 0.18
C VAL A 260 -36.23 -16.39 -0.63
N THR A 261 -35.07 -16.02 -0.05
CA THR A 261 -34.11 -15.12 -0.74
C THR A 261 -32.68 -15.48 -0.29
N THR A 262 -31.85 -15.96 -1.21
CA THR A 262 -30.43 -16.30 -0.88
C THR A 262 -29.55 -15.08 -1.19
N PRO A 263 -28.32 -14.99 -0.62
CA PRO A 263 -27.41 -13.89 -0.93
C PRO A 263 -26.80 -14.03 -2.33
N LEU A 264 -26.22 -12.96 -2.87
CA LEU A 264 -25.53 -13.04 -4.19
C LEU A 264 -24.43 -14.09 -4.10
N GLN A 265 -24.52 -15.15 -4.89
CA GLN A 265 -23.51 -16.25 -4.85
C GLN A 265 -22.21 -15.79 -5.50
N ALA A 266 -21.10 -16.46 -5.19
CA ALA A 266 -19.81 -16.10 -5.76
C ALA A 266 -18.76 -17.03 -5.19
N GLY A 267 -17.63 -17.12 -5.90
CA GLY A 267 -16.55 -17.94 -5.43
C GLY A 267 -15.84 -18.73 -6.50
N LEU A 268 -14.52 -18.73 -6.45
CA LEU A 268 -13.69 -19.45 -7.41
C LEU A 268 -14.08 -20.91 -7.51
N MET A 269 -13.77 -21.53 -8.65
CA MET A 269 -14.00 -22.98 -8.86
C MET A 269 -12.63 -23.58 -9.24
N ARG A 270 -11.78 -23.85 -8.25
CA ARG A 270 -10.41 -24.35 -8.54
C ARG A 270 -10.46 -25.66 -9.34
N GLY A 271 -11.33 -26.58 -8.94
CA GLY A 271 -11.40 -27.91 -9.60
C GLY A 271 -11.84 -27.81 -11.06
N ILE A 272 -10.88 -27.70 -11.98
CA ILE A 272 -11.20 -27.66 -13.44
C ILE A 272 -10.33 -28.71 -14.14
N LYS A 273 -10.94 -29.60 -14.92
CA LYS A 273 -10.18 -30.73 -15.52
C LYS A 273 -9.49 -30.32 -16.82
N SER A 274 -8.28 -30.84 -17.06
CA SER A 274 -7.56 -30.57 -18.33
C SER A 274 -7.74 -31.77 -19.27
N LEU A 275 -6.83 -31.92 -20.24
CA LEU A 275 -6.94 -33.02 -21.23
C LEU A 275 -5.68 -33.88 -21.17
N GLU A 276 -5.84 -35.20 -21.11
CA GLU A 276 -4.69 -36.13 -21.03
C GLU A 276 -4.22 -36.47 -22.45
N LEU A 277 -3.64 -35.49 -23.14
CA LEU A 277 -3.19 -35.71 -24.54
C LEU A 277 -1.85 -36.43 -24.54
N PRO A 278 -1.57 -37.51 -25.33
CA PRO A 278 -0.24 -38.12 -25.34
C PRO A 278 0.88 -37.15 -25.77
N GLN A 279 2.05 -37.28 -25.15
CA GLN A 279 3.20 -36.39 -25.49
C GLN A 279 3.49 -36.48 -27.00
N PRO A 280 3.56 -35.36 -27.74
CA PRO A 280 3.92 -35.39 -29.15
C PRO A 280 5.32 -35.99 -29.33
N THR A 281 5.39 -37.25 -29.78
CA THR A 281 6.70 -37.92 -29.98
C THR A 281 7.54 -37.10 -30.96
N VAL A 282 6.89 -36.53 -31.98
CA VAL A 282 7.59 -35.63 -32.94
C VAL A 282 8.10 -34.40 -32.18
N SER A 283 9.42 -34.30 -32.00
CA SER A 283 9.99 -33.16 -31.24
C SER A 283 10.61 -32.14 -32.20
N VAL A 284 10.30 -30.85 -32.00
CA VAL A 284 10.82 -29.78 -32.90
C VAL A 284 11.64 -28.80 -32.07
N LYS A 285 12.83 -28.43 -32.56
CA LYS A 285 13.70 -27.46 -31.84
C LYS A 285 13.94 -26.26 -32.75
N VAL A 286 13.67 -25.03 -32.28
CA VAL A 286 13.83 -23.91 -33.19
C VAL A 286 15.29 -23.47 -33.12
N VAL A 287 15.98 -23.51 -34.26
CA VAL A 287 17.37 -23.06 -34.30
C VAL A 287 17.44 -21.54 -34.33
N ASP A 288 16.58 -20.91 -35.11
CA ASP A 288 16.55 -19.45 -35.15
C ASP A 288 15.37 -19.02 -36.00
N ALA A 289 14.82 -17.85 -35.67
CA ALA A 289 13.66 -17.31 -36.35
C ALA A 289 13.87 -15.83 -36.60
N SER A 290 13.50 -15.37 -37.78
CA SER A 290 13.63 -13.97 -38.13
C SER A 290 12.42 -13.55 -38.94
N TYR A 291 12.26 -12.24 -39.12
CA TYR A 291 11.15 -11.71 -39.96
C TYR A 291 11.64 -10.50 -40.75
N ARG A 292 11.14 -10.34 -41.98
CA ARG A 292 11.60 -9.22 -42.85
C ARG A 292 10.87 -7.93 -42.45
N VAL A 293 11.62 -6.85 -42.23
CA VAL A 293 11.01 -5.53 -41.90
C VAL A 293 11.49 -4.53 -42.95
N PRO A 294 10.62 -4.02 -43.86
CA PRO A 294 9.20 -4.39 -43.88
C PRO A 294 8.87 -5.67 -44.66
N GLY A 295 7.63 -6.16 -44.52
CA GLY A 295 7.23 -7.41 -45.19
C GLY A 295 6.24 -8.20 -44.35
N ARG A 296 5.51 -9.14 -44.97
CA ARG A 296 4.48 -9.93 -44.25
C ARG A 296 4.93 -11.40 -44.19
N ALA A 297 6.18 -11.66 -43.78
CA ALA A 297 6.69 -13.05 -43.79
C ALA A 297 7.63 -13.29 -42.61
N MET A 298 7.56 -14.49 -42.00
CA MET A 298 8.51 -14.85 -40.93
C MET A 298 9.26 -16.12 -41.38
N GLN A 299 10.45 -16.37 -40.84
CA GLN A 299 11.26 -17.53 -41.33
C GLN A 299 11.91 -18.28 -40.16
N MET A 300 11.52 -19.54 -39.95
CA MET A 300 12.08 -20.36 -38.89
C MET A 300 12.99 -21.41 -39.49
N THR A 301 13.93 -21.89 -38.68
CA THR A 301 14.75 -23.05 -39.03
C THR A 301 14.53 -24.10 -37.97
N LEU A 302 13.85 -25.18 -38.34
CA LEU A 302 13.42 -26.19 -37.40
C LEU A 302 14.28 -27.43 -37.52
N GLU A 303 14.60 -28.03 -36.39
CA GLU A 303 15.25 -29.33 -36.32
C GLU A 303 14.22 -30.32 -35.80
N ILE A 304 13.75 -31.20 -36.68
CA ILE A 304 12.61 -32.06 -36.38
C ILE A 304 13.08 -33.49 -36.18
N THR A 305 12.41 -34.18 -35.27
CA THR A 305 12.62 -35.61 -35.04
C THR A 305 11.28 -36.33 -35.09
N ASN A 306 11.34 -37.62 -35.40
CA ASN A 306 10.15 -38.43 -35.58
C ASN A 306 10.18 -39.65 -34.67
N ASN A 307 10.42 -39.43 -33.38
CA ASN A 307 10.47 -40.51 -32.42
C ASN A 307 9.21 -41.38 -32.48
N GLY A 308 8.18 -40.89 -33.14
CA GLY A 308 6.96 -41.66 -33.33
C GLY A 308 7.22 -42.93 -34.12
N ASP A 309 6.12 -43.57 -34.52
CA ASP A 309 6.19 -44.85 -35.22
C ASP A 309 5.80 -44.75 -36.68
N SER A 310 5.29 -43.60 -37.11
CA SER A 310 4.82 -43.43 -38.47
C SER A 310 5.40 -42.15 -39.06
N ALA A 311 5.42 -42.08 -40.40
CA ALA A 311 5.96 -40.91 -41.06
C ALA A 311 5.01 -39.73 -40.92
N VAL A 312 5.56 -38.59 -40.54
CA VAL A 312 4.77 -37.39 -40.28
C VAL A 312 5.14 -36.33 -41.29
N ARG A 313 4.32 -35.28 -41.34
CA ARG A 313 4.56 -34.13 -42.21
C ARG A 313 4.04 -32.88 -41.54
N LEU A 314 4.74 -31.77 -41.74
CA LEU A 314 4.31 -30.51 -41.18
C LEU A 314 3.07 -30.01 -41.90
N ALA A 315 1.98 -29.84 -41.14
CA ALA A 315 0.70 -29.50 -41.74
C ALA A 315 0.32 -28.05 -41.55
N GLU A 316 0.43 -27.52 -40.34
CA GLU A 316 -0.04 -26.17 -40.05
C GLU A 316 0.81 -25.55 -38.96
N PHE A 317 0.95 -24.23 -39.03
CA PHE A 317 1.58 -23.45 -37.99
C PHE A 317 0.57 -22.41 -37.52
N ASN A 318 0.23 -22.45 -36.24
CA ASN A 318 -0.80 -21.60 -35.67
C ASN A 318 -0.19 -20.67 -34.65
N THR A 319 -0.34 -19.37 -34.86
CA THR A 319 0.18 -18.37 -33.94
C THR A 319 -0.74 -17.16 -33.92
N ALA A 320 -1.07 -16.71 -32.71
CA ALA A 320 -1.92 -15.53 -32.55
C ALA A 320 -3.21 -15.67 -33.33
N SER A 321 -3.74 -16.88 -33.38
CA SER A 321 -5.00 -17.22 -34.02
C SER A 321 -4.90 -17.28 -35.53
N VAL A 322 -3.76 -16.94 -36.11
CA VAL A 322 -3.55 -17.06 -37.55
C VAL A 322 -3.11 -18.47 -37.85
N ARG A 323 -3.71 -19.08 -38.86
CA ARG A 323 -3.43 -20.46 -39.23
C ARG A 323 -2.76 -20.49 -40.59
N PHE A 324 -1.48 -20.83 -40.60
CA PHE A 324 -0.73 -21.02 -41.83
C PHE A 324 -0.75 -22.51 -42.16
N LEU A 325 -1.33 -22.86 -43.30
CA LEU A 325 -1.45 -24.24 -43.72
C LEU A 325 -0.56 -24.51 -44.92
N ASP A 326 -0.22 -25.77 -45.11
CA ASP A 326 0.49 -26.23 -46.31
C ASP A 326 -0.50 -27.04 -47.14
N ALA A 327 -1.00 -26.43 -48.20
CA ALA A 327 -2.06 -27.05 -48.99
C ALA A 327 -1.73 -28.48 -49.39
N ASP A 328 -0.46 -28.81 -49.59
CA ASP A 328 -0.09 -30.14 -50.03
C ASP A 328 -0.26 -31.19 -48.95
N VAL A 329 -0.50 -30.80 -47.71
CA VAL A 329 -0.63 -31.73 -46.60
C VAL A 329 -2.02 -31.67 -45.96
N TYR A 330 -2.57 -30.48 -45.80
CA TYR A 330 -3.77 -30.32 -45.01
C TYR A 330 -4.55 -29.11 -45.52
N GLU A 331 -5.87 -29.23 -45.47
CA GLU A 331 -6.76 -28.14 -45.82
C GLU A 331 -7.88 -28.06 -44.79
N ASP A 332 -8.29 -26.83 -44.49
CA ASP A 332 -9.27 -26.57 -43.45
C ASP A 332 -10.64 -27.07 -43.88
N ASP A 333 -11.42 -27.56 -42.92
CA ASP A 333 -12.78 -28.02 -43.17
C ASP A 333 -13.74 -27.55 -42.08
N THR A 334 -13.36 -26.53 -41.33
CA THR A 334 -14.17 -26.04 -40.21
C THR A 334 -14.69 -24.63 -40.43
N ASN A 335 -14.60 -24.11 -41.65
CA ASN A 335 -15.09 -22.78 -41.95
C ASN A 335 -14.38 -21.74 -41.10
N TYR A 336 -13.11 -22.00 -40.81
CA TYR A 336 -12.33 -21.06 -40.02
C TYR A 336 -12.43 -19.66 -40.63
N PRO A 337 -12.51 -18.61 -39.84
CA PRO A 337 -12.62 -17.26 -40.39
C PRO A 337 -11.56 -17.03 -41.45
N ASP A 338 -11.99 -16.67 -42.66
CA ASP A 338 -11.07 -16.63 -43.78
C ASP A 338 -9.96 -15.61 -43.55
N ASP A 339 -10.30 -14.46 -42.97
CA ASP A 339 -9.29 -13.42 -42.79
C ASP A 339 -8.18 -13.85 -41.85
N LEU A 340 -8.36 -14.97 -41.14
CA LEU A 340 -7.32 -15.53 -40.29
C LEU A 340 -6.75 -16.83 -40.83
N LEU A 341 -7.17 -17.26 -42.01
CA LEU A 341 -6.78 -18.54 -42.58
C LEU A 341 -5.87 -18.29 -43.77
N ALA A 342 -4.67 -18.84 -43.71
CA ALA A 342 -3.73 -18.80 -44.82
C ALA A 342 -3.63 -20.21 -45.39
N GLU A 343 -4.40 -20.47 -46.44
CA GLU A 343 -4.47 -21.82 -47.00
C GLU A 343 -3.08 -22.33 -47.40
N GLU A 344 -2.33 -21.52 -48.13
CA GLU A 344 -0.97 -21.88 -48.53
C GLU A 344 0.04 -20.92 -47.93
N GLY A 345 -0.23 -20.42 -46.73
CA GLY A 345 0.70 -19.52 -46.09
C GLY A 345 1.95 -20.18 -45.57
N LEU A 346 1.91 -21.48 -45.30
CA LEU A 346 3.06 -22.21 -44.80
C LEU A 346 3.86 -22.76 -45.98
N SER A 347 5.17 -22.54 -45.96
CA SER A 347 6.05 -23.01 -47.01
C SER A 347 7.25 -23.69 -46.38
N VAL A 348 7.35 -25.00 -46.53
CA VAL A 348 8.45 -25.77 -45.96
C VAL A 348 9.41 -26.12 -47.09
N SER A 349 10.71 -25.94 -46.85
CA SER A 349 11.73 -26.28 -47.87
C SER A 349 11.59 -27.75 -48.27
N ASP A 350 11.40 -28.64 -47.29
CA ASP A 350 11.27 -30.09 -47.58
C ASP A 350 10.17 -30.70 -46.70
N ASN A 351 8.97 -30.90 -47.27
CA ASN A 351 7.85 -31.52 -46.51
C ASN A 351 7.71 -32.98 -46.92
N SER A 352 8.80 -33.61 -47.39
CA SER A 352 8.77 -35.05 -47.73
C SER A 352 8.46 -35.85 -46.45
N PRO A 353 7.54 -36.85 -46.50
CA PRO A 353 7.16 -37.62 -45.31
C PRO A 353 8.32 -37.95 -44.36
N LEU A 354 8.40 -37.20 -43.24
CA LEU A 354 9.46 -37.45 -42.24
C LEU A 354 9.20 -38.81 -41.59
N ALA A 355 10.01 -39.84 -41.87
CA ALA A 355 9.81 -41.22 -41.35
C ALA A 355 10.42 -41.42 -39.96
N PRO A 356 10.03 -42.45 -39.17
CA PRO A 356 10.57 -42.73 -37.82
C PRO A 356 12.04 -42.38 -37.53
N GLY A 357 12.34 -41.88 -36.32
CA GLY A 357 13.71 -41.40 -36.03
C GLY A 357 13.99 -40.35 -37.06
N GLU A 358 15.06 -40.48 -37.86
CA GLU A 358 15.24 -39.59 -39.00
C GLU A 358 15.02 -38.13 -38.62
N THR A 359 15.94 -37.64 -37.79
CA THR A 359 15.99 -36.21 -37.50
C THR A 359 16.19 -35.42 -38.78
N ARG A 360 15.78 -34.16 -38.81
CA ARG A 360 15.93 -33.34 -40.01
C ARG A 360 15.79 -31.88 -39.62
N THR A 361 16.34 -31.01 -40.45
CA THR A 361 16.24 -29.57 -40.27
C THR A 361 15.68 -28.95 -41.54
N VAL A 362 14.68 -28.09 -41.38
CA VAL A 362 14.02 -27.47 -42.50
C VAL A 362 13.82 -25.99 -42.22
N ASP A 363 13.64 -25.23 -43.29
CA ASP A 363 13.40 -23.80 -43.20
C ASP A 363 11.95 -23.52 -43.52
N VAL A 364 11.20 -23.07 -42.53
CA VAL A 364 9.78 -22.81 -42.65
C VAL A 364 9.57 -21.32 -42.87
N THR A 365 8.64 -20.99 -43.77
CA THR A 365 8.29 -19.61 -44.06
C THR A 365 6.79 -19.45 -44.00
N ALA A 366 6.30 -18.73 -42.99
CA ALA A 366 4.89 -18.45 -42.82
C ALA A 366 4.64 -17.02 -43.26
N SER A 367 3.97 -16.85 -44.39
CA SER A 367 3.71 -15.53 -44.94
C SER A 367 2.25 -15.39 -45.29
N ASP A 368 1.66 -14.23 -44.98
CA ASP A 368 0.23 -13.96 -45.30
C ASP A 368 -0.03 -12.47 -45.10
N ALA A 369 -1.06 -11.93 -45.77
CA ALA A 369 -1.42 -10.50 -45.56
C ALA A 369 -1.79 -10.27 -44.09
N ALA A 370 -2.34 -11.28 -43.42
CA ALA A 370 -2.76 -11.16 -42.00
C ALA A 370 -1.58 -10.80 -41.09
N TRP A 371 -0.35 -11.11 -41.49
CA TRP A 371 0.84 -10.71 -40.69
C TRP A 371 0.84 -9.18 -40.53
N GLU A 372 0.45 -8.45 -41.58
CA GLU A 372 0.42 -6.97 -41.51
C GLU A 372 -0.98 -6.48 -41.14
N VAL A 373 -2.02 -7.19 -41.57
CA VAL A 373 -3.43 -6.77 -41.30
C VAL A 373 -3.67 -6.84 -39.78
N TYR A 374 -3.23 -7.93 -39.14
CA TYR A 374 -3.47 -8.10 -37.68
C TYR A 374 -2.32 -7.52 -36.87
N ARG A 375 -1.59 -6.56 -37.44
CA ARG A 375 -0.50 -5.84 -36.71
C ARG A 375 0.48 -6.79 -36.03
N LEU A 376 0.66 -8.01 -36.52
CA LEU A 376 1.70 -8.88 -35.98
C LEU A 376 3.09 -8.36 -36.30
N ALA A 377 3.25 -7.64 -37.40
CA ALA A 377 4.53 -7.04 -37.73
C ALA A 377 4.94 -5.97 -36.73
N ASP A 378 4.02 -5.51 -35.90
CA ASP A 378 4.35 -4.52 -34.87
C ASP A 378 5.12 -5.12 -33.71
N LEU A 379 5.59 -6.36 -33.84
CA LEU A 379 6.50 -6.91 -32.85
C LEU A 379 7.74 -6.05 -32.69
N ILE A 380 8.02 -5.18 -33.66
CA ILE A 380 9.20 -4.34 -33.60
C ILE A 380 9.12 -3.30 -32.50
N TYR A 381 7.89 -2.92 -32.11
CA TYR A 381 7.70 -1.85 -31.10
C TYR A 381 7.58 -2.50 -29.73
N ASP A 382 7.49 -3.83 -29.74
CA ASP A 382 7.36 -4.58 -28.46
C ASP A 382 8.74 -4.59 -27.79
N PRO A 383 8.83 -4.36 -26.46
CA PRO A 383 10.11 -4.46 -25.75
C PRO A 383 10.49 -5.93 -25.49
N ASP A 384 9.96 -6.86 -26.29
CA ASP A 384 10.28 -8.31 -26.15
C ASP A 384 10.07 -8.96 -27.52
N SER A 385 11.10 -9.00 -28.35
CA SER A 385 10.97 -9.56 -29.72
C SER A 385 11.09 -11.09 -29.66
N ARG A 386 10.06 -11.77 -29.17
CA ARG A 386 10.06 -13.26 -29.10
C ARG A 386 8.71 -13.75 -29.63
N PHE A 387 8.54 -15.07 -29.81
CA PHE A 387 7.31 -15.58 -30.37
C PHE A 387 7.05 -16.99 -29.87
N ALA A 388 5.81 -17.45 -30.07
CA ALA A 388 5.42 -18.83 -29.70
C ALA A 388 4.32 -19.27 -30.68
N GLY A 389 4.27 -20.57 -31.01
CA GLY A 389 3.29 -21.04 -32.00
C GLY A 389 2.94 -22.51 -31.83
N LEU A 390 1.97 -23.01 -32.62
CA LEU A 390 1.51 -24.41 -32.49
C LEU A 390 1.80 -25.15 -33.80
N LEU A 391 2.64 -26.19 -33.73
CA LEU A 391 2.96 -26.99 -34.94
C LEU A 391 2.07 -28.24 -34.97
N PHE A 392 1.49 -28.54 -36.13
CA PHE A 392 0.65 -29.72 -36.29
C PHE A 392 1.24 -30.63 -37.36
N PHE A 393 1.36 -31.92 -37.03
CA PHE A 393 1.87 -32.92 -37.95
C PHE A 393 0.79 -33.96 -38.22
N ILE A 394 0.84 -34.58 -39.39
CA ILE A 394 -0.13 -35.58 -39.81
C ILE A 394 0.60 -36.79 -40.33
N ASP A 395 0.07 -37.97 -40.01
CA ASP A 395 0.67 -39.23 -40.42
C ASP A 395 0.07 -39.67 -41.76
N GLU A 396 0.40 -40.89 -42.18
CA GLU A 396 -0.25 -41.45 -43.37
C GLU A 396 -1.73 -41.65 -43.13
N ASP A 397 -2.09 -42.11 -41.92
CA ASP A 397 -3.50 -42.33 -41.60
C ASP A 397 -4.26 -41.02 -41.56
N GLY A 398 -3.69 -39.98 -40.96
CA GLY A 398 -4.35 -38.70 -40.87
C GLY A 398 -4.48 -38.21 -39.44
N ASN A 399 -3.73 -38.82 -38.53
CA ASN A 399 -3.71 -38.34 -37.15
C ASN A 399 -2.94 -37.04 -37.05
N ARG A 400 -3.19 -36.31 -35.97
CA ARG A 400 -2.56 -35.01 -35.76
C ARG A 400 -1.81 -35.00 -34.44
N GLN A 401 -0.60 -34.46 -34.47
CA GLN A 401 0.19 -34.22 -33.28
C GLN A 401 0.40 -32.72 -33.14
N MET A 402 0.36 -32.24 -31.92
CA MET A 402 0.45 -30.83 -31.61
C MET A 402 1.74 -30.59 -30.83
N THR A 403 2.64 -29.81 -31.42
CA THR A 403 3.90 -29.47 -30.80
C THR A 403 3.97 -27.96 -30.58
N MET A 404 4.62 -27.56 -29.49
CA MET A 404 4.74 -26.17 -29.12
C MET A 404 6.12 -25.66 -29.51
N VAL A 405 6.17 -24.50 -30.15
CA VAL A 405 7.42 -23.87 -30.54
C VAL A 405 7.48 -22.49 -29.92
N ASP A 406 8.70 -22.04 -29.63
CA ASP A 406 8.90 -20.69 -29.13
C ASP A 406 10.38 -20.38 -29.12
N ALA A 407 10.72 -19.12 -29.43
CA ALA A 407 12.13 -18.65 -29.48
C ALA A 407 12.15 -17.15 -29.80
N PRO A 408 13.31 -16.44 -29.77
CA PRO A 408 13.37 -15.04 -30.20
C PRO A 408 13.12 -14.81 -31.70
N LEU A 409 12.35 -13.78 -32.05
CA LEU A 409 12.11 -13.43 -33.47
C LEU A 409 13.05 -12.26 -33.80
N ILE A 410 13.93 -12.41 -34.80
CA ILE A 410 14.96 -11.36 -35.08
C ILE A 410 14.58 -10.53 -36.31
N PRO A 411 14.19 -9.26 -36.18
CA PRO A 411 13.90 -8.42 -37.34
C PRO A 411 15.07 -8.30 -38.32
N THR A 412 14.92 -8.90 -39.51
CA THR A 412 15.97 -8.75 -40.56
C THR A 412 15.60 -7.55 -41.43
N PHE A 413 16.21 -6.39 -41.15
CA PHE A 413 15.85 -5.15 -41.88
C PHE A 413 16.33 -5.24 -43.33
N ILE A 414 15.40 -5.11 -44.27
CA ILE A 414 15.74 -5.19 -45.72
C ILE A 414 16.46 -3.90 -46.13
N SER B 6 -35.24 51.57 -7.06
CA SER B 6 -34.82 52.99 -7.15
C SER B 6 -35.05 53.50 -8.58
N ALA B 7 -34.91 52.62 -9.58
CA ALA B 7 -35.09 53.01 -10.99
C ALA B 7 -35.80 51.88 -11.74
N VAL B 8 -36.16 50.79 -11.04
CA VAL B 8 -36.89 49.66 -11.67
C VAL B 8 -38.29 50.13 -12.07
N ARG B 9 -39.24 50.09 -11.13
CA ARG B 9 -40.63 50.54 -11.41
C ARG B 9 -41.34 50.64 -10.06
N SER B 10 -41.75 49.50 -9.51
CA SER B 10 -42.41 49.48 -8.18
C SER B 10 -41.62 48.59 -7.23
N ARG B 11 -42.13 48.37 -6.02
CA ARG B 11 -41.47 47.46 -5.05
C ARG B 11 -41.90 46.03 -5.36
N ALA B 12 -43.03 45.88 -6.04
CA ALA B 12 -43.50 44.54 -6.45
C ALA B 12 -42.70 44.08 -7.68
N GLU B 13 -42.15 45.03 -8.43
CA GLU B 13 -41.29 44.67 -9.59
C GLU B 13 -40.02 43.98 -9.07
N ALA B 14 -39.51 44.42 -7.91
CA ALA B 14 -38.31 43.79 -7.31
C ALA B 14 -38.64 42.36 -6.91
N VAL B 15 -39.87 42.10 -6.46
CA VAL B 15 -40.28 40.73 -6.07
C VAL B 15 -40.24 39.83 -7.32
N LYS B 16 -40.73 40.34 -8.45
CA LYS B 16 -40.71 39.56 -9.71
C LYS B 16 -39.26 39.38 -10.18
N VAL B 17 -38.43 40.41 -10.05
CA VAL B 17 -36.99 40.31 -10.44
C VAL B 17 -36.33 39.26 -9.55
N SER B 18 -36.61 39.28 -8.24
CA SER B 18 -36.07 38.25 -7.32
C SER B 18 -36.52 36.86 -7.78
N ARG B 19 -37.82 36.70 -8.04
CA ARG B 19 -38.38 35.38 -8.44
C ARG B 19 -37.62 34.86 -9.66
N THR B 20 -37.51 35.68 -10.72
CA THR B 20 -36.83 35.23 -11.96
C THR B 20 -35.38 34.83 -11.64
N PHE B 21 -34.67 35.67 -10.88
CA PHE B 21 -33.28 35.35 -10.46
C PHE B 21 -33.26 33.99 -9.76
N ASP B 22 -34.18 33.77 -8.80
CA ASP B 22 -34.24 32.50 -8.04
C ASP B 22 -34.32 31.32 -9.03
N TYR B 23 -35.23 31.40 -10.00
CA TYR B 23 -35.42 30.26 -10.95
C TYR B 23 -34.11 30.00 -11.70
N MET B 24 -33.42 31.06 -12.13
CA MET B 24 -32.12 30.91 -12.82
C MET B 24 -31.10 30.27 -11.88
N ILE B 25 -30.89 30.83 -10.69
CA ILE B 25 -29.89 30.35 -9.74
C ILE B 25 -30.15 28.89 -9.41
N LEU B 26 -31.41 28.53 -9.17
CA LEU B 26 -31.75 27.16 -8.87
C LEU B 26 -31.37 26.23 -10.00
N PHE B 27 -31.72 26.61 -11.23
CA PHE B 27 -31.36 25.83 -12.41
C PHE B 27 -29.85 25.58 -12.44
N THR B 28 -29.07 26.66 -12.36
CA THR B 28 -27.64 26.52 -12.53
C THR B 28 -27.03 25.68 -11.41
N VAL B 29 -27.44 25.93 -10.17
CA VAL B 29 -26.91 25.13 -9.07
C VAL B 29 -27.27 23.67 -9.26
N PHE B 30 -28.56 23.40 -9.50
CA PHE B 30 -29.00 22.04 -9.73
C PHE B 30 -28.08 21.34 -10.72
N PHE B 31 -27.87 21.94 -11.89
CA PHE B 31 -27.18 21.21 -12.93
C PHE B 31 -25.67 21.15 -12.72
N VAL B 32 -25.06 22.21 -12.20
CA VAL B 32 -23.61 22.15 -11.95
C VAL B 32 -23.31 21.14 -10.86
N VAL B 33 -24.05 21.19 -9.76
CA VAL B 33 -23.86 20.22 -8.70
C VAL B 33 -24.19 18.83 -9.19
N LEU B 34 -25.18 18.71 -10.08
CA LEU B 34 -25.48 17.40 -10.66
C LEU B 34 -24.26 16.87 -11.39
N GLY B 35 -23.68 17.66 -12.27
CA GLY B 35 -22.49 17.21 -12.98
C GLY B 35 -21.40 16.75 -12.05
N GLY B 36 -21.03 17.62 -11.11
CA GLY B 36 -19.95 17.28 -10.21
C GLY B 36 -20.24 16.05 -9.37
N TYR B 37 -21.41 16.02 -8.74
CA TYR B 37 -21.81 14.89 -7.92
C TYR B 37 -21.83 13.61 -8.71
N HIS B 38 -22.41 13.64 -9.91
CA HIS B 38 -22.52 12.42 -10.69
C HIS B 38 -21.14 11.90 -11.07
N ILE B 39 -20.24 12.79 -11.48
CA ILE B 39 -18.93 12.29 -11.85
C ILE B 39 -18.23 11.70 -10.63
N HIS B 40 -18.29 12.38 -9.50
CA HIS B 40 -17.66 11.87 -8.29
C HIS B 40 -18.21 10.50 -7.92
N TYR B 41 -19.54 10.37 -7.92
CA TYR B 41 -20.16 9.10 -7.56
C TYR B 41 -19.82 8.01 -8.56
N MET B 42 -20.14 8.23 -9.81
CA MET B 42 -19.88 7.26 -10.86
C MET B 42 -18.41 6.96 -11.04
N LEU B 43 -17.52 7.61 -10.29
CA LEU B 43 -16.08 7.22 -10.43
C LEU B 43 -15.47 6.80 -9.10
N THR B 44 -16.27 6.73 -8.02
CA THR B 44 -15.74 6.24 -6.72
C THR B 44 -16.52 4.99 -6.29
N GLY B 45 -17.84 5.02 -6.44
CA GLY B 45 -18.68 3.87 -6.07
C GLY B 45 -19.88 3.76 -6.99
N GLY B 46 -19.70 3.13 -8.16
CA GLY B 46 -20.79 3.08 -9.13
C GLY B 46 -20.81 1.79 -9.93
N ASP B 47 -19.83 0.89 -9.75
CA ASP B 47 -19.91 -0.43 -10.43
C ASP B 47 -20.97 -1.21 -9.68
N TRP B 48 -21.01 -1.04 -8.37
CA TRP B 48 -22.07 -1.67 -7.56
C TRP B 48 -23.38 -1.03 -8.00
N ASP B 49 -23.36 0.26 -8.34
CA ASP B 49 -24.58 0.97 -8.82
C ASP B 49 -24.97 0.51 -10.23
N PHE B 50 -24.01 0.06 -11.05
CA PHE B 50 -24.39 -0.25 -12.41
C PHE B 50 -25.21 -1.53 -12.49
N TRP B 51 -24.76 -2.60 -11.84
CA TRP B 51 -25.27 -3.93 -12.05
C TRP B 51 -25.92 -4.47 -10.79
N THR B 52 -27.04 -5.17 -10.97
CA THR B 52 -27.73 -5.74 -9.81
C THR B 52 -26.90 -6.84 -9.16
N ASP B 53 -26.13 -7.58 -9.94
CA ASP B 53 -25.33 -8.65 -9.37
C ASP B 53 -24.08 -8.14 -8.68
N TRP B 54 -23.94 -6.83 -8.53
CA TRP B 54 -22.90 -6.25 -7.70
C TRP B 54 -23.45 -5.70 -6.39
N LYS B 55 -24.76 -5.64 -6.22
CA LYS B 55 -25.38 -5.06 -5.04
C LYS B 55 -25.43 -6.13 -3.96
N ASP B 56 -24.28 -6.37 -3.34
CA ASP B 56 -24.12 -7.41 -2.35
C ASP B 56 -24.38 -6.85 -0.96
N ARG B 57 -24.01 -7.61 0.07
CA ARG B 57 -24.29 -7.24 1.45
C ARG B 57 -23.12 -6.60 2.17
N ARG B 58 -21.91 -6.69 1.64
CA ARG B 58 -20.75 -6.17 2.36
C ARG B 58 -20.17 -4.93 1.71
N LEU B 59 -19.78 -4.99 0.43
CA LEU B 59 -19.08 -3.86 -0.15
C LEU B 59 -20.03 -2.80 -0.67
N TRP B 60 -21.16 -3.19 -1.24
CA TRP B 60 -22.14 -2.20 -1.68
C TRP B 60 -22.62 -1.37 -0.49
N VAL B 61 -23.11 -2.05 0.55
CA VAL B 61 -23.65 -1.35 1.71
C VAL B 61 -22.58 -0.52 2.40
N THR B 62 -21.32 -0.87 2.21
CA THR B 62 -20.26 -0.12 2.86
C THR B 62 -19.84 1.10 2.04
N VAL B 63 -19.83 0.97 0.72
CA VAL B 63 -19.24 2.02 -0.11
C VAL B 63 -20.29 3.03 -0.55
N ALA B 64 -21.46 2.56 -0.96
CA ALA B 64 -22.43 3.48 -1.54
C ALA B 64 -22.67 4.68 -0.64
N PRO B 65 -23.10 4.49 0.59
CA PRO B 65 -23.42 5.66 1.43
C PRO B 65 -22.21 6.51 1.76
N ILE B 66 -21.06 5.89 2.01
CA ILE B 66 -19.86 6.65 2.35
C ILE B 66 -19.56 7.68 1.27
N VAL B 67 -19.32 7.22 0.05
CA VAL B 67 -18.99 8.15 -1.02
C VAL B 67 -20.18 8.98 -1.44
N SER B 68 -21.40 8.55 -1.12
CA SER B 68 -22.57 9.30 -1.51
C SER B 68 -22.83 10.51 -0.64
N ILE B 69 -22.40 10.47 0.63
CA ILE B 69 -22.71 11.57 1.54
C ILE B 69 -21.83 12.79 1.35
N THR B 70 -20.85 12.71 0.44
CA THR B 70 -19.86 13.81 0.23
C THR B 70 -20.54 15.11 -0.21
N PHE B 71 -21.09 15.16 -1.43
CA PHE B 71 -21.65 16.42 -1.99
C PHE B 71 -22.81 16.96 -1.15
N PRO B 72 -23.79 16.15 -0.69
CA PRO B 72 -24.84 16.66 0.20
C PRO B 72 -24.29 17.51 1.34
N ALA B 73 -23.24 17.04 2.03
CA ALA B 73 -22.65 17.78 3.18
C ALA B 73 -22.00 19.08 2.70
N ALA B 74 -21.24 19.04 1.61
CA ALA B 74 -20.53 20.23 1.11
C ALA B 74 -21.53 21.32 0.71
N VAL B 75 -22.54 20.96 -0.08
CA VAL B 75 -23.56 21.94 -0.56
C VAL B 75 -24.32 22.50 0.65
N GLN B 76 -24.49 21.67 1.69
CA GLN B 76 -25.24 22.09 2.90
C GLN B 76 -24.45 23.12 3.70
N ALA B 77 -23.14 23.22 3.48
CA ALA B 77 -22.32 24.13 4.32
C ALA B 77 -22.56 25.60 3.97
N VAL B 78 -23.22 25.92 2.84
CA VAL B 78 -23.55 27.34 2.55
C VAL B 78 -25.05 27.44 2.25
N LEU B 79 -25.69 26.35 1.84
CA LEU B 79 -27.15 26.39 1.65
C LEU B 79 -27.82 26.10 2.99
N TRP B 80 -27.37 26.78 4.06
CA TRP B 80 -27.97 26.62 5.41
C TRP B 80 -27.53 27.79 6.30
N TRP B 81 -26.26 28.20 6.23
CA TRP B 81 -25.83 29.28 7.15
C TRP B 81 -25.82 30.61 6.40
N ARG B 82 -26.15 30.58 5.09
CA ARG B 82 -26.23 31.83 4.30
C ARG B 82 -27.69 32.13 3.98
N TYR B 83 -28.48 31.09 3.68
CA TYR B 83 -29.89 31.33 3.25
C TYR B 83 -30.86 30.40 4.00
N ARG B 84 -30.39 29.71 5.04
CA ARG B 84 -31.27 28.81 5.84
C ARG B 84 -32.07 27.88 4.92
N ILE B 85 -31.42 27.34 3.88
CA ILE B 85 -32.15 26.49 2.88
C ILE B 85 -32.30 25.08 3.46
N ALA B 86 -33.53 24.62 3.69
CA ALA B 86 -33.77 23.32 4.31
C ALA B 86 -33.34 22.15 3.44
N TRP B 87 -33.62 22.19 2.15
CA TRP B 87 -33.16 21.18 1.22
C TRP B 87 -31.69 21.42 0.92
N GLY B 88 -31.19 20.74 -0.08
CA GLY B 88 -29.79 20.88 -0.42
C GLY B 88 -29.10 19.53 -0.47
N ALA B 89 -29.46 18.65 0.46
CA ALA B 89 -29.14 17.24 0.29
C ALA B 89 -30.16 16.56 -0.60
N THR B 90 -31.44 16.89 -0.40
CA THR B 90 -32.47 16.45 -1.32
C THR B 90 -32.17 16.89 -2.75
N LEU B 91 -31.67 18.10 -2.92
CA LEU B 91 -31.38 18.58 -4.27
C LEU B 91 -30.21 17.82 -4.87
N CYS B 92 -29.16 17.61 -4.09
CA CYS B 92 -28.05 16.80 -4.56
C CYS B 92 -28.52 15.42 -5.01
N VAL B 93 -29.35 14.77 -4.20
CA VAL B 93 -29.75 13.41 -4.51
C VAL B 93 -30.71 13.38 -5.69
N LEU B 94 -31.60 14.37 -5.79
CA LEU B 94 -32.48 14.45 -6.94
C LEU B 94 -31.66 14.58 -8.22
N GLY B 95 -30.65 15.43 -8.21
CA GLY B 95 -29.82 15.57 -9.38
C GLY B 95 -29.10 14.28 -9.73
N LEU B 96 -28.48 13.66 -8.73
CA LEU B 96 -27.76 12.41 -8.98
C LEU B 96 -28.69 11.38 -9.59
N LEU B 97 -29.87 11.21 -9.00
CA LEU B 97 -30.79 10.18 -9.49
C LEU B 97 -31.29 10.50 -10.87
N LEU B 98 -31.59 11.76 -11.16
CA LEU B 98 -32.03 12.11 -12.50
C LEU B 98 -30.96 11.79 -13.53
N GLY B 99 -29.73 12.21 -13.27
CA GLY B 99 -28.66 11.92 -14.20
C GLY B 99 -28.48 10.43 -14.42
N GLU B 100 -28.46 9.67 -13.32
CA GLU B 100 -28.25 8.24 -13.43
C GLU B 100 -29.38 7.57 -14.19
N TRP B 101 -30.62 7.98 -13.94
CA TRP B 101 -31.72 7.32 -14.64
C TRP B 101 -31.73 7.67 -16.11
N ILE B 102 -31.46 8.93 -16.45
CA ILE B 102 -31.37 9.28 -17.86
C ILE B 102 -30.31 8.43 -18.55
N ASN B 103 -29.15 8.30 -17.92
CA ASN B 103 -28.10 7.51 -18.55
C ASN B 103 -28.48 6.04 -18.66
N ARG B 104 -29.02 5.46 -17.59
CA ARG B 104 -29.37 4.05 -17.63
C ARG B 104 -30.41 3.77 -18.70
N TYR B 105 -31.41 4.63 -18.81
CA TYR B 105 -32.51 4.33 -19.71
C TYR B 105 -32.16 4.64 -21.16
N PHE B 106 -31.38 5.68 -21.40
CA PHE B 106 -31.15 6.08 -22.78
C PHE B 106 -29.82 5.59 -23.34
N ASN B 107 -28.89 5.17 -22.49
CA ASN B 107 -27.61 4.64 -22.96
C ASN B 107 -27.44 3.17 -22.61
N PHE B 108 -27.53 2.81 -21.34
CA PHE B 108 -27.39 1.43 -20.96
C PHE B 108 -28.40 0.56 -21.67
N TRP B 109 -29.66 0.99 -21.68
CA TRP B 109 -30.71 0.22 -22.32
C TRP B 109 -30.94 0.67 -23.76
N GLY B 110 -31.06 1.97 -23.99
CA GLY B 110 -31.38 2.46 -25.32
C GLY B 110 -30.26 2.30 -26.32
N TRP B 111 -29.03 2.20 -25.86
CA TRP B 111 -27.88 2.13 -26.75
C TRP B 111 -27.28 0.74 -26.83
N THR B 112 -26.97 0.12 -25.68
CA THR B 112 -26.38 -1.20 -25.65
C THR B 112 -27.38 -2.30 -25.35
N TYR B 113 -28.59 -1.95 -24.93
CA TYR B 113 -29.68 -2.90 -24.79
C TYR B 113 -29.50 -3.84 -23.61
N PHE B 114 -28.89 -3.37 -22.53
CA PHE B 114 -28.97 -4.09 -21.28
C PHE B 114 -30.36 -3.91 -20.71
N PRO B 115 -31.02 -4.97 -20.27
CA PRO B 115 -32.37 -4.81 -19.72
C PRO B 115 -32.35 -3.88 -18.51
N VAL B 116 -33.42 -3.10 -18.37
CA VAL B 116 -33.44 -2.09 -17.32
C VAL B 116 -33.46 -2.73 -15.94
N ASN B 117 -34.12 -3.87 -15.80
CA ASN B 117 -34.14 -4.53 -14.50
C ASN B 117 -32.78 -5.11 -14.13
N PHE B 118 -31.75 -4.81 -14.90
CA PHE B 118 -30.40 -5.25 -14.63
C PHE B 118 -29.47 -4.10 -14.25
N VAL B 119 -29.83 -2.86 -14.55
CA VAL B 119 -28.89 -1.75 -14.41
C VAL B 119 -29.51 -0.58 -13.67
N PHE B 120 -30.63 -0.77 -13.00
CA PHE B 120 -31.25 0.35 -12.32
C PHE B 120 -30.35 0.87 -11.21
N PRO B 121 -30.50 2.13 -10.83
CA PRO B 121 -29.57 2.75 -9.88
C PRO B 121 -29.93 2.43 -8.43
N SER B 122 -29.02 2.79 -7.54
CA SER B 122 -29.28 2.67 -6.12
C SER B 122 -30.26 3.75 -5.67
N ASN B 123 -30.91 3.54 -4.53
CA ASN B 123 -31.90 4.52 -4.01
C ASN B 123 -31.28 5.26 -2.82
N LEU B 124 -31.12 6.58 -2.93
CA LEU B 124 -30.45 7.35 -1.86
C LEU B 124 -31.40 8.45 -1.35
N MET B 125 -32.66 8.40 -1.75
CA MET B 125 -33.68 9.40 -1.30
C MET B 125 -33.91 9.35 0.22
N PRO B 126 -34.19 8.19 0.89
CA PRO B 126 -34.45 8.20 2.33
C PRO B 126 -33.40 8.98 3.14
N GLY B 127 -32.14 8.54 3.16
CA GLY B 127 -31.09 9.17 3.93
C GLY B 127 -31.02 10.66 3.67
N ALA B 128 -31.25 11.08 2.43
CA ALA B 128 -31.20 12.50 2.11
C ALA B 128 -32.26 13.28 2.88
N ILE B 129 -33.49 12.78 2.87
CA ILE B 129 -34.55 13.50 3.57
C ILE B 129 -34.28 13.54 5.06
N VAL B 130 -33.84 12.41 5.64
CA VAL B 130 -33.61 12.42 7.08
C VAL B 130 -32.47 13.35 7.42
N LEU B 131 -31.44 13.43 6.58
CA LEU B 131 -30.34 14.35 6.84
C LEU B 131 -30.82 15.78 6.79
N ASP B 132 -31.59 16.12 5.77
CA ASP B 132 -32.10 17.49 5.68
C ASP B 132 -32.92 17.85 6.89
N VAL B 133 -33.76 16.93 7.36
CA VAL B 133 -34.58 17.24 8.52
C VAL B 133 -33.73 17.37 9.79
N ILE B 134 -32.85 16.39 10.02
CA ILE B 134 -31.97 16.45 11.19
C ILE B 134 -31.18 17.74 11.21
N LEU B 135 -30.91 18.33 10.04
CA LEU B 135 -30.22 19.60 10.05
C LEU B 135 -31.17 20.76 10.31
N MET B 136 -32.35 20.74 9.70
CA MET B 136 -33.31 21.81 9.95
C MET B 136 -33.57 21.98 11.44
N LEU B 137 -33.93 20.89 12.11
CA LEU B 137 -33.97 20.88 13.56
C LEU B 137 -32.57 20.68 14.10
N SER B 138 -32.31 21.23 15.28
CA SER B 138 -31.04 21.11 15.99
C SER B 138 -29.94 21.98 15.40
N ASN B 139 -30.15 22.58 14.23
CA ASN B 139 -29.28 23.62 13.69
C ASN B 139 -27.82 23.42 14.10
N SER B 140 -27.35 22.17 14.12
CA SER B 140 -26.01 21.88 14.60
C SER B 140 -25.27 21.05 13.58
N MET B 141 -23.99 21.37 13.38
CA MET B 141 -23.22 20.64 12.39
C MET B 141 -22.65 19.36 12.97
N THR B 142 -22.25 19.38 14.25
CA THR B 142 -21.71 18.17 14.87
C THR B 142 -22.83 17.21 15.25
N LEU B 143 -23.93 17.73 15.81
CA LEU B 143 -25.09 16.89 16.06
C LEU B 143 -25.58 16.26 14.77
N THR B 144 -25.75 17.08 13.73
CA THR B 144 -26.13 16.53 12.43
C THR B 144 -25.07 15.58 11.92
N ALA B 145 -23.80 15.97 11.98
CA ALA B 145 -22.74 15.06 11.59
C ALA B 145 -22.98 13.67 12.15
N VAL B 146 -22.99 13.55 13.48
CA VAL B 146 -23.09 12.23 14.12
C VAL B 146 -24.40 11.55 13.72
N VAL B 147 -25.53 12.17 14.04
CA VAL B 147 -26.81 11.48 13.91
C VAL B 147 -27.13 11.21 12.45
N GLY B 148 -27.06 12.24 11.61
CA GLY B 148 -27.34 12.06 10.21
C GLY B 148 -26.38 11.12 9.52
N GLY B 149 -25.12 11.08 9.96
CA GLY B 149 -24.20 10.12 9.38
C GLY B 149 -24.60 8.69 9.72
N LEU B 150 -24.94 8.43 10.98
CA LEU B 150 -25.42 7.11 11.34
C LEU B 150 -26.68 6.76 10.55
N ALA B 151 -27.61 7.71 10.43
CA ALA B 151 -28.83 7.42 9.68
C ALA B 151 -28.54 7.10 8.23
N TRP B 152 -27.84 8.02 7.54
CA TRP B 152 -27.41 7.78 6.17
C TRP B 152 -26.82 6.39 6.01
N GLY B 153 -25.90 6.01 6.90
CA GLY B 153 -25.29 4.70 6.79
C GLY B 153 -26.26 3.56 7.01
N LEU B 154 -27.24 3.73 7.89
CA LEU B 154 -28.12 2.65 8.27
C LEU B 154 -29.37 2.56 7.41
N LEU B 155 -29.83 3.65 6.83
CA LEU B 155 -31.06 3.64 6.05
C LEU B 155 -30.86 3.16 4.63
N PHE B 156 -29.62 2.90 4.21
CA PHE B 156 -29.35 2.59 2.81
C PHE B 156 -29.92 1.24 2.44
N TYR B 157 -29.44 0.19 3.07
CA TYR B 157 -29.82 -1.17 2.71
C TYR B 157 -31.31 -1.39 2.94
N PRO B 158 -31.85 -0.95 4.07
CA PRO B 158 -33.30 -1.04 4.24
C PRO B 158 -34.07 -0.29 3.18
N GLY B 159 -33.56 0.86 2.75
CA GLY B 159 -34.23 1.61 1.71
C GLY B 159 -34.17 0.97 0.35
N ASN B 160 -33.17 0.12 0.11
CA ASN B 160 -33.03 -0.54 -1.17
C ASN B 160 -33.62 -1.95 -1.21
N TRP B 161 -33.73 -2.61 -0.07
CA TRP B 161 -34.13 -4.02 -0.09
C TRP B 161 -35.43 -4.27 -0.82
N PRO B 162 -36.50 -3.52 -0.61
CA PRO B 162 -37.75 -3.82 -1.32
C PRO B 162 -37.61 -3.81 -2.81
N ILE B 163 -36.53 -3.22 -3.34
CA ILE B 163 -36.36 -3.12 -4.79
C ILE B 163 -35.59 -4.31 -5.34
N ILE B 164 -34.57 -4.76 -4.63
CA ILE B 164 -33.74 -5.86 -5.10
C ILE B 164 -34.16 -7.21 -4.55
N ALA B 165 -35.09 -7.25 -3.60
CA ALA B 165 -35.51 -8.53 -3.05
C ALA B 165 -36.00 -9.49 -4.12
N PRO B 166 -36.85 -9.08 -5.06
CA PRO B 166 -37.36 -10.05 -6.04
C PRO B 166 -36.25 -10.75 -6.80
N LEU B 167 -35.08 -10.14 -6.91
CA LEU B 167 -33.98 -10.71 -7.67
C LEU B 167 -33.07 -11.58 -6.83
N HIS B 168 -33.39 -11.80 -5.56
CA HIS B 168 -32.60 -12.67 -4.71
C HIS B 168 -33.26 -14.01 -4.50
N VAL B 169 -34.30 -14.32 -5.26
CA VAL B 169 -34.90 -15.66 -5.20
C VAL B 169 -33.90 -16.67 -5.76
N PRO B 170 -33.64 -17.77 -5.07
CA PRO B 170 -32.65 -18.73 -5.56
C PRO B 170 -33.17 -19.48 -6.77
N VAL B 171 -32.23 -20.01 -7.54
CA VAL B 171 -32.52 -20.75 -8.76
C VAL B 171 -31.45 -21.80 -8.96
N GLU B 172 -31.85 -22.96 -9.45
CA GLU B 172 -30.91 -24.00 -9.83
C GLU B 172 -30.75 -23.96 -11.34
N TYR B 173 -29.54 -23.64 -11.80
CA TYR B 173 -29.27 -23.47 -13.21
C TYR B 173 -28.18 -24.46 -13.61
N ASN B 174 -28.56 -25.47 -14.39
CA ASN B 174 -27.60 -26.44 -14.90
C ASN B 174 -26.78 -27.05 -13.77
N GLY B 175 -27.42 -27.29 -12.63
CA GLY B 175 -26.78 -27.96 -11.53
C GLY B 175 -26.18 -27.07 -10.47
N MET B 176 -25.94 -25.80 -10.77
CA MET B 176 -25.44 -24.85 -9.79
C MET B 176 -26.58 -24.00 -9.26
N MET B 177 -26.45 -23.57 -8.02
CA MET B 177 -27.44 -22.69 -7.40
C MET B 177 -27.03 -21.25 -7.62
N MET B 178 -27.99 -20.43 -8.04
CA MET B 178 -27.72 -19.02 -8.32
C MET B 178 -28.96 -18.21 -8.02
N THR B 179 -28.75 -16.98 -7.58
CA THR B 179 -29.84 -16.04 -7.47
C THR B 179 -30.18 -15.46 -8.83
N LEU B 180 -31.38 -14.89 -8.95
CA LEU B 180 -31.77 -14.30 -10.23
C LEU B 180 -30.82 -13.20 -10.64
N ALA B 181 -30.22 -12.50 -9.68
CA ALA B 181 -29.25 -11.47 -10.03
C ALA B 181 -27.98 -12.07 -10.61
N ASP B 182 -27.49 -13.15 -10.01
CA ASP B 182 -26.35 -13.85 -10.59
C ASP B 182 -26.69 -14.39 -11.97
N LEU B 183 -27.90 -14.90 -12.14
CA LEU B 183 -28.30 -15.38 -13.45
C LEU B 183 -28.31 -14.26 -14.47
N GLN B 184 -28.80 -13.08 -14.09
CA GLN B 184 -28.73 -11.94 -14.99
C GLN B 184 -27.29 -11.65 -15.36
N GLY B 185 -26.43 -11.48 -14.37
CA GLY B 185 -25.03 -11.22 -14.66
C GLY B 185 -24.40 -12.28 -15.54
N TYR B 186 -24.92 -13.49 -15.49
CA TYR B 186 -24.38 -14.57 -16.30
C TYR B 186 -24.88 -14.51 -17.73
N HIS B 187 -26.16 -14.19 -17.91
CA HIS B 187 -26.76 -14.22 -19.24
C HIS B 187 -26.30 -13.06 -20.09
N TYR B 188 -26.42 -11.84 -19.59
CA TYR B 188 -26.17 -10.65 -20.39
C TYR B 188 -24.69 -10.35 -20.36
N VAL B 189 -24.02 -10.65 -21.47
CA VAL B 189 -22.56 -10.62 -21.49
C VAL B 189 -22.06 -9.20 -21.31
N ARG B 190 -21.09 -9.04 -20.44
CA ARG B 190 -20.35 -7.79 -20.27
C ARG B 190 -18.90 -8.09 -20.61
N THR B 191 -18.56 -7.98 -21.89
CA THR B 191 -17.22 -8.36 -22.32
C THR B 191 -16.15 -7.59 -21.56
N GLY B 192 -16.49 -6.40 -21.07
CA GLY B 192 -15.52 -5.61 -20.34
C GLY B 192 -15.48 -5.84 -18.85
N THR B 193 -16.42 -6.62 -18.32
CA THR B 193 -16.54 -6.85 -16.88
C THR B 193 -16.54 -8.34 -16.60
N PRO B 194 -15.36 -8.96 -16.57
CA PRO B 194 -15.29 -10.36 -16.17
C PRO B 194 -15.88 -10.56 -14.78
N GLU B 195 -16.12 -11.82 -14.44
CA GLU B 195 -16.79 -12.12 -13.19
C GLU B 195 -15.85 -11.89 -12.00
N TYR B 196 -14.55 -12.10 -12.18
CA TYR B 196 -13.65 -12.05 -11.04
C TYR B 196 -13.45 -10.64 -10.50
N ILE B 197 -13.69 -9.61 -11.30
CA ILE B 197 -13.57 -8.26 -10.77
C ILE B 197 -14.71 -7.94 -9.83
N ARG B 198 -15.78 -8.72 -9.85
CA ARG B 198 -16.92 -8.47 -8.99
C ARG B 198 -16.49 -8.44 -7.54
N MET B 199 -16.53 -7.27 -6.91
CA MET B 199 -16.12 -7.13 -5.52
C MET B 199 -17.36 -7.25 -4.66
N VAL B 200 -17.70 -8.49 -4.29
CA VAL B 200 -18.85 -8.77 -3.47
C VAL B 200 -18.42 -9.67 -2.32
N GLU B 201 -19.28 -9.76 -1.32
CA GLU B 201 -19.00 -10.62 -0.17
C GLU B 201 -18.79 -12.05 -0.63
N LYS B 202 -17.69 -12.65 -0.20
CA LYS B 202 -17.35 -14.01 -0.57
C LYS B 202 -17.18 -14.93 0.63
N GLY B 203 -17.32 -14.42 1.84
CA GLY B 203 -17.17 -15.28 3.00
C GLY B 203 -15.72 -15.47 3.40
N THR B 204 -15.49 -15.56 4.71
CA THR B 204 -14.11 -15.76 5.23
C THR B 204 -14.16 -16.66 6.47
N LEU B 205 -13.01 -16.96 7.06
CA LEU B 205 -12.97 -17.79 8.29
C LEU B 205 -13.29 -16.89 9.50
N ARG B 206 -13.12 -15.57 9.34
CA ARG B 206 -13.40 -14.61 10.44
C ARG B 206 -14.80 -14.01 10.23
N THR B 207 -15.49 -14.41 9.16
CA THR B 207 -16.88 -13.93 8.93
C THR B 207 -17.86 -14.85 9.67
N PHE B 208 -19.04 -14.34 10.02
CA PHE B 208 -20.07 -15.17 10.70
C PHE B 208 -21.15 -15.52 9.67
N GLY B 209 -21.87 -16.63 9.87
CA GLY B 209 -22.99 -16.99 8.97
C GLY B 209 -24.12 -15.98 9.07
N LYS B 210 -24.17 -15.01 8.16
CA LYS B 210 -25.22 -13.95 8.16
C LYS B 210 -24.96 -12.87 9.22
N ASP B 211 -24.21 -11.82 8.86
CA ASP B 211 -23.95 -10.68 9.78
C ASP B 211 -23.36 -9.57 8.90
N VAL B 212 -23.24 -9.83 7.60
CA VAL B 212 -22.59 -8.86 6.66
C VAL B 212 -23.42 -7.59 6.53
N ALA B 213 -24.67 -7.68 6.06
CA ALA B 213 -25.50 -6.48 5.82
C ALA B 213 -25.48 -5.53 7.03
N PRO B 214 -25.89 -5.96 8.25
CA PRO B 214 -25.96 -5.04 9.40
C PRO B 214 -24.58 -4.47 9.79
N VAL B 215 -23.54 -5.31 9.86
CA VAL B 215 -22.18 -4.86 10.26
C VAL B 215 -21.67 -3.84 9.24
N SER B 216 -21.93 -4.06 7.96
CA SER B 216 -21.43 -3.15 6.89
C SER B 216 -22.21 -1.84 6.91
N ALA B 217 -23.44 -1.86 7.42
CA ALA B 217 -24.28 -0.63 7.50
C ALA B 217 -23.87 0.19 8.73
N PHE B 218 -23.39 -0.47 9.79
CA PHE B 218 -22.94 0.26 11.00
C PHE B 218 -21.54 0.83 10.74
N PHE B 219 -20.64 0.03 10.18
CA PHE B 219 -19.34 0.55 9.78
C PHE B 219 -19.50 1.72 8.82
N SER B 220 -20.42 1.61 7.87
CA SER B 220 -20.64 2.69 6.92
C SER B 220 -21.16 3.93 7.62
N GLY B 221 -22.05 3.76 8.60
CA GLY B 221 -22.53 4.91 9.34
C GLY B 221 -21.42 5.60 10.12
N PHE B 222 -20.60 4.81 10.81
CA PHE B 222 -19.49 5.39 11.54
C PHE B 222 -18.57 6.17 10.61
N VAL B 223 -18.25 5.61 9.45
CA VAL B 223 -17.36 6.33 8.55
C VAL B 223 -18.05 7.54 7.93
N SER B 224 -19.36 7.45 7.72
CA SER B 224 -20.09 8.59 7.20
C SER B 224 -20.07 9.75 8.18
N ILE B 225 -19.98 9.45 9.48
CA ILE B 225 -19.79 10.52 10.45
C ILE B 225 -18.60 11.37 10.06
N LEU B 226 -17.42 10.75 9.94
CA LEU B 226 -16.21 11.49 9.62
C LEU B 226 -16.29 12.13 8.25
N ILE B 227 -16.91 11.44 7.28
CA ILE B 227 -17.00 12.01 5.95
C ILE B 227 -17.82 13.28 5.96
N TYR B 228 -18.97 13.26 6.62
CA TYR B 228 -19.77 14.47 6.74
C TYR B 228 -18.99 15.56 7.46
N PHE B 229 -18.29 15.20 8.54
CA PHE B 229 -17.49 16.17 9.24
C PHE B 229 -16.53 16.88 8.29
N LEU B 230 -15.74 16.10 7.57
CA LEU B 230 -14.74 16.68 6.67
C LEU B 230 -15.38 17.52 5.58
N TRP B 231 -16.41 17.00 4.93
CA TRP B 231 -16.96 17.71 3.80
C TRP B 231 -17.77 18.92 4.21
N HIS B 232 -18.19 19.00 5.47
CA HIS B 232 -18.77 20.26 5.93
C HIS B 232 -17.77 21.39 5.80
N PHE B 233 -16.55 21.19 6.30
CA PHE B 233 -15.53 22.21 6.18
C PHE B 233 -15.13 22.42 4.72
N PHE B 234 -14.98 21.33 3.97
CA PHE B 234 -14.66 21.49 2.56
C PHE B 234 -15.68 22.39 1.88
N GLY B 235 -16.96 22.16 2.12
CA GLY B 235 -17.98 23.00 1.52
C GLY B 235 -17.96 24.42 2.04
N SER B 236 -17.66 24.60 3.32
CA SER B 236 -17.51 25.96 3.83
C SER B 236 -16.43 26.70 3.08
N TRP B 237 -15.36 26.00 2.68
CA TRP B 237 -14.31 26.63 1.89
C TRP B 237 -14.81 26.98 0.49
N PHE B 238 -15.51 26.04 -0.16
CA PHE B 238 -16.04 26.32 -1.48
C PHE B 238 -16.97 27.52 -1.48
N GLY B 239 -17.58 27.84 -0.35
CA GLY B 239 -18.43 28.99 -0.25
C GLY B 239 -17.71 30.30 -0.08
N SER B 240 -16.38 30.29 -0.11
CA SER B 240 -15.61 31.49 0.15
C SER B 240 -15.86 32.54 -0.93
N GLU B 241 -15.80 33.80 -0.52
CA GLU B 241 -15.93 34.92 -1.43
C GLU B 241 -14.60 35.67 -1.59
N LYS B 242 -13.50 35.05 -1.20
CA LYS B 242 -12.21 35.71 -1.26
C LYS B 242 -11.83 36.03 -2.70
N PHE B 243 -11.06 37.09 -2.87
CA PHE B 243 -10.54 37.51 -4.16
C PHE B 243 -9.02 37.47 -4.11
N VAL B 244 -8.41 37.09 -5.23
CA VAL B 244 -6.96 36.96 -5.28
C VAL B 244 -6.41 37.76 -6.45
N LYS C 20 -34.97 41.70 -17.56
CA LYS C 20 -33.88 41.98 -18.53
C LYS C 20 -33.34 40.66 -19.07
N LYS C 21 -34.21 39.76 -19.52
CA LYS C 21 -33.77 38.43 -20.02
C LYS C 21 -34.79 37.87 -21.01
N ASN C 22 -35.02 36.55 -20.99
CA ASN C 22 -36.00 35.90 -21.90
C ASN C 22 -35.65 36.20 -23.36
N ILE C 23 -34.40 35.93 -23.75
CA ILE C 23 -33.95 36.20 -25.16
C ILE C 23 -33.00 35.08 -25.58
N ILE C 24 -31.71 35.21 -25.25
CA ILE C 24 -30.70 34.18 -25.62
C ILE C 24 -30.78 33.02 -24.63
N ALA C 25 -31.52 33.20 -23.53
CA ALA C 25 -31.72 32.10 -22.56
C ALA C 25 -32.51 30.99 -23.25
N GLY C 26 -33.58 31.36 -23.97
CA GLY C 26 -34.38 30.37 -24.71
C GLY C 26 -33.68 29.94 -25.98
N ALA C 27 -32.61 30.65 -26.37
CA ALA C 27 -31.83 30.28 -27.57
C ALA C 27 -30.69 29.34 -27.15
N SER C 28 -30.99 28.30 -26.37
CA SER C 28 -29.95 27.32 -25.96
C SER C 28 -29.86 26.21 -27.01
N LEU C 29 -29.08 26.44 -28.08
CA LEU C 29 -28.92 25.45 -29.12
C LEU C 29 -28.14 24.24 -28.66
N TYR C 30 -27.70 24.22 -27.40
CA TYR C 30 -26.99 23.07 -26.88
C TYR C 30 -27.77 21.78 -27.11
N LEU C 31 -29.09 21.83 -26.97
CA LEU C 31 -29.88 20.62 -27.14
C LEU C 31 -29.80 20.10 -28.56
N VAL C 32 -30.12 20.96 -29.54
CA VAL C 32 -30.09 20.50 -30.93
C VAL C 32 -28.73 19.97 -31.30
N PHE C 33 -27.66 20.66 -30.92
CA PHE C 33 -26.33 20.18 -31.26
C PHE C 33 -26.04 18.85 -30.59
N TYR C 34 -26.29 18.76 -29.29
CA TYR C 34 -26.05 17.51 -28.58
C TYR C 34 -27.03 16.43 -29.00
N ALA C 35 -28.27 16.81 -29.34
CA ALA C 35 -29.18 15.83 -29.90
C ALA C 35 -28.71 15.32 -31.25
N TRP C 36 -27.80 16.05 -31.90
CA TRP C 36 -27.23 15.62 -33.16
C TRP C 36 -26.16 14.57 -33.00
N VAL C 37 -25.32 14.68 -31.97
CA VAL C 37 -24.25 13.73 -31.75
C VAL C 37 -24.76 12.43 -31.17
N ARG C 38 -25.70 12.51 -30.22
CA ARG C 38 -26.32 11.29 -29.71
C ARG C 38 -26.96 10.50 -30.84
N TRP C 39 -27.43 11.17 -31.88
CA TRP C 39 -27.90 10.48 -33.07
C TRP C 39 -26.74 10.01 -33.92
N TYR C 40 -25.79 10.89 -34.20
CA TYR C 40 -24.62 10.50 -34.96
C TYR C 40 -23.87 9.36 -34.29
N GLU C 41 -23.92 9.30 -32.95
CA GLU C 41 -23.27 8.21 -32.24
C GLU C 41 -23.97 6.89 -32.51
N GLY C 42 -25.28 6.84 -32.27
CA GLY C 42 -26.01 5.60 -32.43
C GLY C 42 -26.27 5.19 -33.86
N VAL C 43 -25.78 5.95 -34.82
CA VAL C 43 -25.99 5.63 -36.23
C VAL C 43 -24.70 5.50 -37.01
N TYR C 44 -23.61 6.15 -36.59
CA TYR C 44 -22.39 6.12 -37.37
C TYR C 44 -21.20 5.64 -36.54
N GLY C 45 -21.43 5.15 -35.33
CA GLY C 45 -20.34 4.68 -34.50
C GLY C 45 -20.68 3.35 -33.87
N TRP C 46 -21.88 2.84 -34.13
CA TRP C 46 -22.26 1.56 -33.57
C TRP C 46 -21.40 0.44 -34.14
N SER C 47 -21.50 0.22 -35.46
CA SER C 47 -20.63 -0.73 -36.13
C SER C 47 -19.64 -0.08 -37.07
N ALA C 48 -19.98 1.07 -37.65
CA ALA C 48 -19.04 1.82 -38.48
C ALA C 48 -17.89 2.42 -37.67
N GLY C 49 -17.88 2.23 -36.36
CA GLY C 49 -16.82 2.77 -35.53
C GLY C 49 -16.32 1.78 -34.50
N LEU C 50 -16.69 0.51 -34.67
CA LEU C 50 -16.25 -0.52 -33.72
C LEU C 50 -14.78 -0.85 -33.90
N ASP C 51 -14.27 -0.75 -35.13
CA ASP C 51 -12.85 -1.15 -35.37
C ASP C 51 -12.04 0.08 -35.79
N SER C 52 -10.87 0.28 -35.16
CA SER C 52 -9.98 1.39 -35.58
C SER C 52 -9.61 1.16 -37.05
N PHE C 53 -9.39 -0.10 -37.45
CA PHE C 53 -9.14 -0.45 -38.87
C PHE C 53 -8.35 0.63 -39.59
N ALA C 54 -8.97 1.25 -40.62
CA ALA C 54 -8.31 2.31 -41.41
C ALA C 54 -9.34 3.14 -42.20
N PRO C 55 -10.23 2.58 -43.04
CA PRO C 55 -11.13 3.40 -43.87
C PRO C 55 -12.34 4.00 -43.15
N GLU C 56 -13.36 3.19 -42.86
CA GLU C 56 -14.62 3.70 -42.24
C GLU C 56 -14.34 4.48 -40.94
N PHE C 57 -13.32 4.09 -40.17
CA PHE C 57 -13.08 4.77 -38.88
C PHE C 57 -12.51 6.16 -39.14
N GLU C 58 -11.38 6.25 -39.86
CA GLU C 58 -10.79 7.55 -40.09
C GLU C 58 -11.68 8.46 -40.91
N THR C 59 -12.80 7.94 -41.43
CA THR C 59 -13.73 8.74 -42.21
C THR C 59 -14.80 9.37 -41.33
N TYR C 60 -15.37 8.62 -40.41
CA TYR C 60 -16.45 9.12 -39.57
C TYR C 60 -16.00 9.47 -38.16
N TRP C 61 -14.78 9.15 -37.78
CA TRP C 61 -14.40 9.40 -36.40
C TRP C 61 -13.10 10.17 -36.24
N MET C 62 -12.12 9.93 -37.10
CA MET C 62 -10.88 10.69 -36.98
C MET C 62 -11.03 12.09 -37.57
N ASN C 63 -11.66 12.19 -38.73
CA ASN C 63 -11.97 13.51 -39.27
C ASN C 63 -12.83 14.31 -38.30
N PHE C 64 -13.80 13.64 -37.68
CA PHE C 64 -14.57 14.26 -36.60
C PHE C 64 -13.64 14.86 -35.56
N LEU C 65 -12.67 14.07 -35.09
CA LEU C 65 -11.78 14.54 -34.04
C LEU C 65 -11.00 15.77 -34.48
N TYR C 66 -10.36 15.70 -35.65
CA TYR C 66 -9.57 16.83 -36.12
C TYR C 66 -10.41 18.09 -36.28
N ILE C 67 -11.55 17.96 -36.97
CA ILE C 67 -12.42 19.09 -37.19
C ILE C 67 -12.82 19.71 -35.86
N GLU C 68 -13.22 18.88 -34.90
CA GLU C 68 -13.70 19.43 -33.63
C GLU C 68 -12.56 20.11 -32.88
N MET C 69 -11.36 19.54 -32.91
CA MET C 69 -10.26 20.20 -32.21
C MET C 69 -9.99 21.58 -32.79
N VAL C 70 -9.87 21.67 -34.12
CA VAL C 70 -9.55 22.97 -34.71
C VAL C 70 -10.69 23.96 -34.46
N LEU C 71 -11.93 23.53 -34.66
CA LEU C 71 -13.06 24.41 -34.44
C LEU C 71 -13.13 24.88 -33.00
N GLU C 72 -12.85 24.00 -32.04
CA GLU C 72 -12.91 24.40 -30.65
C GLU C 72 -11.82 25.41 -30.33
N VAL C 73 -10.59 25.17 -30.80
CA VAL C 73 -9.53 26.13 -30.53
C VAL C 73 -9.87 27.49 -31.09
N LEU C 74 -10.37 27.53 -32.33
CA LEU C 74 -10.64 28.82 -32.94
C LEU C 74 -11.84 29.50 -32.29
N VAL C 75 -12.86 28.72 -31.93
CA VAL C 75 -14.04 29.30 -31.31
C VAL C 75 -13.70 29.83 -29.92
N ALA C 76 -12.79 29.17 -29.22
CA ALA C 76 -12.37 29.68 -27.92
C ALA C 76 -11.58 30.96 -28.08
N SER C 77 -10.65 30.98 -29.04
CA SER C 77 -9.87 32.20 -29.27
C SER C 77 -10.77 33.36 -29.66
N VAL C 78 -11.82 33.11 -30.43
CA VAL C 78 -12.68 34.19 -30.89
C VAL C 78 -13.65 34.62 -29.81
N LEU C 79 -14.51 33.69 -29.38
CA LEU C 79 -15.59 34.01 -28.40
C LEU C 79 -15.04 34.73 -27.17
N TRP C 80 -13.81 34.40 -26.75
CA TRP C 80 -13.19 35.06 -25.57
C TRP C 80 -12.64 36.44 -25.97
N GLY C 81 -13.52 37.34 -26.39
CA GLY C 81 -13.13 38.71 -26.74
C GLY C 81 -13.96 39.72 -25.95
N TYR C 82 -14.34 39.34 -24.73
CA TYR C 82 -15.10 40.27 -23.85
C TYR C 82 -14.11 41.31 -23.32
N ILE C 83 -12.82 41.12 -23.61
CA ILE C 83 -11.80 42.11 -23.20
C ILE C 83 -11.82 43.26 -24.21
N TRP C 84 -12.35 43.00 -25.41
CA TRP C 84 -12.47 44.07 -26.44
C TRP C 84 -13.73 44.89 -26.16
N LYS C 85 -14.79 44.24 -25.67
CA LYS C 85 -16.06 44.96 -25.35
C LYS C 85 -15.98 45.51 -23.93
N SER C 86 -14.90 45.23 -23.21
CA SER C 86 -14.75 45.69 -21.80
C SER C 86 -14.50 47.20 -21.78
N ARG C 87 -14.91 47.88 -20.71
CA ARG C 87 -14.64 49.34 -20.56
C ARG C 87 -14.89 49.75 -19.11
N ASP C 88 -15.20 51.03 -18.88
CA ASP C 88 -15.49 51.53 -17.51
C ASP C 88 -16.73 50.81 -16.98
N ARG C 89 -16.57 49.96 -15.97
CA ARG C 89 -17.73 49.16 -15.48
C ARG C 89 -18.10 49.60 -14.06
N LYS C 90 -18.34 50.90 -13.86
CA LYS C 90 -18.80 51.38 -12.53
C LYS C 90 -20.33 51.33 -12.52
N VAL C 91 -20.89 50.14 -12.71
CA VAL C 91 -22.38 49.99 -12.77
C VAL C 91 -22.92 49.93 -11.34
N MET C 92 -22.04 49.82 -10.34
CA MET C 92 -22.49 49.86 -8.93
C MET C 92 -22.93 51.29 -8.61
N SER C 93 -22.40 52.27 -9.35
CA SER C 93 -22.83 53.69 -9.17
C SER C 93 -24.12 53.92 -9.95
N ILE C 94 -24.43 53.01 -10.89
CA ILE C 94 -25.71 53.11 -11.67
C ILE C 94 -26.84 52.54 -10.81
N THR C 95 -28.10 52.78 -11.21
CA THR C 95 -29.27 52.32 -10.43
C THR C 95 -29.57 50.85 -10.71
N PRO C 96 -30.66 50.24 -10.17
CA PRO C 96 -31.03 48.86 -10.51
C PRO C 96 -31.67 48.82 -11.91
N ARG C 97 -30.89 49.15 -12.94
CA ARG C 97 -31.40 49.15 -14.33
C ARG C 97 -30.28 48.65 -15.24
N GLU C 98 -29.14 49.36 -15.24
CA GLU C 98 -28.00 48.96 -16.10
C GLU C 98 -27.26 47.78 -15.46
N GLU C 99 -26.91 47.91 -14.17
CA GLU C 99 -26.18 46.82 -13.46
C GLU C 99 -27.13 45.65 -13.23
N LEU C 100 -28.39 45.94 -12.88
CA LEU C 100 -29.39 44.86 -12.70
C LEU C 100 -29.51 44.09 -14.03
N ARG C 101 -29.42 44.80 -15.15
CA ARG C 101 -29.53 44.14 -16.44
C ARG C 101 -28.31 43.28 -16.73
N ARG C 102 -27.13 43.71 -16.28
CA ARG C 102 -25.94 42.92 -16.51
C ARG C 102 -25.95 41.62 -15.72
N HIS C 103 -26.42 41.65 -14.47
CA HIS C 103 -26.50 40.44 -13.68
C HIS C 103 -27.37 39.40 -14.36
N PHE C 104 -28.46 39.83 -15.00
CA PHE C 104 -29.28 38.88 -15.73
C PHE C 104 -28.51 38.23 -16.87
N THR C 105 -27.70 39.00 -17.58
CA THR C 105 -26.87 38.43 -18.62
C THR C 105 -25.86 37.46 -18.04
N HIS C 106 -25.26 37.82 -16.91
CA HIS C 106 -24.33 36.91 -16.26
C HIS C 106 -24.99 35.59 -15.91
N TRP C 107 -26.23 35.64 -15.42
CA TRP C 107 -26.89 34.41 -15.04
C TRP C 107 -27.38 33.63 -16.25
N THR C 108 -27.63 34.30 -17.37
CA THR C 108 -27.84 33.57 -18.61
C THR C 108 -26.59 32.80 -19.00
N TRP C 109 -25.44 33.47 -18.95
CA TRP C 109 -24.18 32.78 -19.19
C TRP C 109 -24.02 31.59 -18.26
N LEU C 110 -24.38 31.76 -16.98
CA LEU C 110 -24.21 30.69 -16.02
C LEU C 110 -25.17 29.54 -16.29
N MET C 111 -26.39 29.82 -16.75
CA MET C 111 -27.29 28.74 -17.12
C MET C 111 -26.73 27.95 -18.30
N MET C 112 -26.19 28.66 -19.29
CA MET C 112 -25.52 27.96 -20.38
C MET C 112 -24.40 27.09 -19.86
N TYR C 113 -23.61 27.62 -18.93
CA TYR C 113 -22.52 26.84 -18.37
C TYR C 113 -23.04 25.61 -17.64
N GLY C 114 -24.17 25.74 -16.96
CA GLY C 114 -24.75 24.61 -16.28
C GLY C 114 -25.17 23.52 -17.25
N ILE C 115 -25.83 23.91 -18.34
CA ILE C 115 -26.20 22.92 -19.35
C ILE C 115 -24.97 22.23 -19.91
N ALA C 116 -23.94 23.01 -20.22
CA ALA C 116 -22.73 22.42 -20.78
C ALA C 116 -22.08 21.46 -19.80
N ILE C 117 -22.00 21.85 -18.53
CA ILE C 117 -21.39 20.99 -17.53
C ILE C 117 -22.19 19.71 -17.36
N TYR C 118 -23.52 19.82 -17.37
CA TYR C 118 -24.33 18.62 -17.29
C TYR C 118 -23.99 17.68 -18.44
N PHE C 119 -24.03 18.19 -19.67
CA PHE C 119 -23.82 17.29 -20.80
C PHE C 119 -22.40 16.74 -20.83
N GLY C 120 -21.43 17.48 -20.34
CA GLY C 120 -20.06 17.03 -20.41
C GLY C 120 -19.67 16.07 -19.31
N ALA C 121 -20.02 16.42 -18.07
CA ALA C 121 -19.55 15.65 -16.92
C ALA C 121 -20.51 14.56 -16.50
N SER C 122 -21.77 14.60 -16.95
CA SER C 122 -22.75 13.61 -16.53
C SER C 122 -23.20 12.73 -17.68
N TYR C 123 -23.73 13.30 -18.75
CA TYR C 123 -24.29 12.49 -19.81
C TYR C 123 -23.21 11.67 -20.51
N PHE C 124 -22.25 12.34 -21.12
CA PHE C 124 -21.27 11.64 -21.94
C PHE C 124 -20.23 10.90 -21.12
N THR C 125 -19.95 11.34 -19.90
CA THR C 125 -19.03 10.58 -19.06
C THR C 125 -19.61 9.22 -18.70
N GLU C 126 -20.84 9.19 -18.21
CA GLU C 126 -21.44 7.90 -17.92
C GLU C 126 -21.79 7.12 -19.18
N GLN C 127 -21.99 7.81 -20.31
CA GLN C 127 -22.14 7.08 -21.56
C GLN C 127 -20.85 6.35 -21.92
N ASP C 128 -19.71 7.00 -21.71
CA ASP C 128 -18.43 6.33 -21.93
C ASP C 128 -18.26 5.18 -20.95
N GLY C 129 -18.75 5.36 -19.73
CA GLY C 129 -18.77 4.25 -18.78
C GLY C 129 -19.55 3.06 -19.32
N THR C 130 -20.73 3.32 -19.86
CA THR C 130 -21.51 2.26 -20.52
C THR C 130 -20.71 1.60 -21.61
N TRP C 131 -20.00 2.37 -22.45
CA TRP C 131 -19.32 1.77 -23.64
C TRP C 131 -18.28 0.69 -23.33
N HIS C 132 -17.49 0.84 -22.26
CA HIS C 132 -16.40 -0.14 -21.95
C HIS C 132 -17.04 -1.44 -21.51
N GLN C 133 -17.98 -1.29 -20.58
CA GLN C 133 -18.65 -2.48 -20.05
C GLN C 133 -19.19 -3.31 -21.21
N THR C 134 -19.36 -2.71 -22.41
CA THR C 134 -19.94 -3.64 -23.38
C THR C 134 -18.85 -4.40 -24.11
N ILE C 135 -18.10 -3.71 -24.96
CA ILE C 135 -17.06 -4.37 -25.75
C ILE C 135 -15.75 -3.62 -25.61
N VAL C 136 -15.78 -2.33 -25.90
CA VAL C 136 -14.57 -1.63 -26.32
C VAL C 136 -13.61 -1.55 -25.14
N ARG C 137 -12.56 -2.35 -25.18
CA ARG C 137 -11.42 -2.15 -24.31
C ARG C 137 -10.67 -0.91 -24.76
N ASP C 138 -10.31 -0.07 -23.80
CA ASP C 138 -9.75 1.23 -24.13
C ASP C 138 -8.47 1.15 -24.95
N THR C 139 -7.98 -0.06 -25.24
CA THR C 139 -6.64 -0.22 -25.79
C THR C 139 -6.46 0.64 -27.02
N ASP C 140 -5.68 1.70 -26.86
CA ASP C 140 -5.29 2.62 -27.92
C ASP C 140 -6.41 3.56 -28.37
N PHE C 141 -7.66 3.28 -28.03
CA PHE C 141 -8.69 4.25 -28.37
C PHE C 141 -10.11 3.85 -28.03
N THR C 142 -11.04 4.77 -28.30
CA THR C 142 -12.48 4.57 -28.31
C THR C 142 -13.11 5.68 -29.13
N PRO C 143 -14.19 5.43 -29.94
CA PRO C 143 -14.93 6.52 -30.61
C PRO C 143 -15.94 7.22 -29.69
N SER C 144 -16.21 6.67 -28.51
CA SER C 144 -17.05 7.38 -27.51
C SER C 144 -16.08 8.29 -26.75
N HIS C 145 -14.87 8.48 -27.29
CA HIS C 145 -13.84 9.34 -26.65
C HIS C 145 -13.70 10.65 -27.41
N ILE C 146 -13.80 10.56 -28.73
CA ILE C 146 -13.95 11.78 -29.57
C ILE C 146 -15.11 12.60 -29.00
N ILE C 147 -16.22 11.93 -28.66
CA ILE C 147 -17.44 12.65 -28.20
C ILE C 147 -17.28 13.10 -26.74
N GLU C 148 -16.47 12.38 -25.95
CA GLU C 148 -16.42 12.73 -24.51
C GLU C 148 -15.27 13.69 -24.18
N PHE C 149 -14.03 13.26 -24.35
CA PHE C 149 -12.88 14.09 -23.91
C PHE C 149 -12.55 15.24 -24.86
N TYR C 150 -12.93 15.18 -26.14
CA TYR C 150 -12.49 16.18 -27.10
C TYR C 150 -13.63 17.00 -27.67
N LEU C 151 -14.88 16.74 -27.29
CA LEU C 151 -15.99 17.56 -27.72
C LEU C 151 -16.71 18.23 -26.55
N SER C 152 -17.12 17.46 -25.55
CA SER C 152 -17.94 18.01 -24.49
C SER C 152 -17.11 18.80 -23.48
N TYR C 153 -15.97 18.26 -23.08
CA TYR C 153 -15.13 18.98 -22.12
C TYR C 153 -14.69 20.32 -22.66
N PRO C 154 -14.10 20.42 -23.85
CA PRO C 154 -13.78 21.74 -24.38
C PRO C 154 -14.99 22.64 -24.56
N ILE C 155 -16.16 22.09 -24.86
CA ILE C 155 -17.34 22.94 -24.98
C ILE C 155 -17.66 23.60 -23.66
N TYR C 156 -17.75 22.82 -22.58
CA TYR C 156 -18.09 23.45 -21.32
C TYR C 156 -16.93 24.30 -20.80
N ILE C 157 -15.70 23.99 -21.19
CA ILE C 157 -14.58 24.85 -20.84
C ILE C 157 -14.75 26.21 -21.48
N ILE C 158 -15.10 26.22 -22.77
CA ILE C 158 -15.33 27.47 -23.47
C ILE C 158 -16.45 28.25 -22.82
N THR C 159 -17.56 27.57 -22.51
CA THR C 159 -18.68 28.29 -21.90
C THR C 159 -18.30 28.87 -20.55
N GLY C 160 -17.58 28.11 -19.72
CA GLY C 160 -17.19 28.61 -18.42
C GLY C 160 -16.24 29.79 -18.52
N GLY C 161 -15.25 29.69 -19.41
CA GLY C 161 -14.37 30.82 -19.61
C GLY C 161 -15.11 32.04 -20.10
N ALA C 162 -16.07 31.85 -21.00
CA ALA C 162 -16.85 32.97 -21.48
C ALA C 162 -17.60 33.64 -20.34
N SER C 163 -18.27 32.86 -19.51
CA SER C 163 -19.01 33.44 -18.40
C SER C 163 -18.08 34.18 -17.45
N PHE C 164 -16.96 33.56 -17.10
CA PHE C 164 -16.01 34.20 -16.21
C PHE C 164 -15.54 35.53 -16.77
N LEU C 165 -15.11 35.53 -18.04
CA LEU C 165 -14.65 36.76 -18.64
C LEU C 165 -15.74 37.81 -18.70
N TYR C 166 -16.97 37.41 -18.99
CA TYR C 166 -18.06 38.37 -18.99
C TYR C 166 -18.17 39.06 -17.65
N ALA C 167 -18.27 38.27 -16.57
CA ALA C 167 -18.35 38.89 -15.25
C ALA C 167 -17.15 39.80 -15.00
N LYS C 168 -15.97 39.38 -15.45
CA LYS C 168 -14.76 40.15 -15.17
C LYS C 168 -14.80 41.51 -15.85
N THR C 169 -15.39 41.59 -17.03
CA THR C 169 -15.31 42.78 -17.86
C THR C 169 -16.59 43.60 -17.84
N ARG C 170 -17.62 43.18 -17.14
CA ARG C 170 -18.89 43.85 -17.25
C ARG C 170 -19.62 44.10 -15.93
N LEU C 171 -19.14 43.57 -14.81
CA LEU C 171 -19.80 43.77 -13.54
C LEU C 171 -18.86 44.46 -12.56
N PRO C 172 -19.32 45.50 -11.86
CA PRO C 172 -18.40 46.23 -10.97
C PRO C 172 -17.84 45.39 -9.85
N THR C 173 -18.66 44.56 -9.22
CA THR C 173 -18.20 43.81 -8.07
C THR C 173 -17.05 42.87 -8.38
N TYR C 174 -16.82 42.57 -9.66
CA TYR C 174 -15.74 41.67 -10.06
C TYR C 174 -14.48 42.40 -10.48
N GLN C 175 -14.46 43.72 -10.41
CA GLN C 175 -13.27 44.48 -10.80
C GLN C 175 -12.17 44.43 -9.77
N GLN C 176 -12.30 43.62 -8.72
CA GLN C 176 -11.36 43.60 -7.62
C GLN C 176 -10.47 42.36 -7.62
N GLY C 177 -10.14 41.82 -8.79
CA GLY C 177 -9.09 40.83 -8.82
C GLY C 177 -9.43 39.36 -8.76
N LEU C 178 -10.24 38.85 -9.71
CA LEU C 178 -10.27 37.41 -9.91
C LEU C 178 -10.79 36.62 -8.72
N SER C 179 -12.09 36.71 -8.45
CA SER C 179 -12.73 35.86 -7.44
C SER C 179 -12.14 34.45 -7.44
N LEU C 180 -11.76 33.98 -6.26
CA LEU C 180 -11.08 32.70 -6.16
C LEU C 180 -12.00 31.55 -6.53
N GLN C 181 -13.21 31.52 -5.99
CA GLN C 181 -14.11 30.41 -6.26
C GLN C 181 -14.58 30.39 -7.70
N TYR C 182 -14.62 31.53 -8.37
CA TYR C 182 -14.97 31.52 -9.78
C TYR C 182 -13.89 30.82 -10.60
N LEU C 183 -12.65 30.86 -10.11
CA LEU C 183 -11.57 30.16 -10.81
C LEU C 183 -11.69 28.66 -10.65
N VAL C 184 -12.42 28.20 -9.63
CA VAL C 184 -12.50 26.77 -9.36
C VAL C 184 -13.63 26.13 -10.16
N VAL C 185 -14.75 26.81 -10.31
CA VAL C 185 -15.86 26.31 -11.11
C VAL C 185 -15.49 26.46 -12.58
N VAL C 186 -14.29 26.98 -12.79
CA VAL C 186 -13.60 27.19 -14.05
C VAL C 186 -12.30 26.46 -13.74
N VAL C 187 -11.18 26.85 -14.32
CA VAL C 187 -10.04 25.98 -14.60
C VAL C 187 -10.03 24.68 -13.82
N GLY C 188 -10.59 24.65 -12.62
CA GLY C 188 -10.82 23.40 -11.94
C GLY C 188 -11.38 22.33 -12.84
N PRO C 189 -12.60 22.49 -13.34
CA PRO C 189 -13.13 21.56 -14.34
C PRO C 189 -12.31 21.50 -15.60
N PHE C 190 -11.39 22.43 -15.81
CA PHE C 190 -10.49 22.29 -16.94
C PHE C 190 -9.45 21.20 -16.69
N MET C 191 -9.09 20.99 -15.44
CA MET C 191 -8.04 20.04 -15.09
C MET C 191 -8.45 18.62 -15.25
N ILE C 192 -9.65 18.32 -15.72
CA ILE C 192 -9.96 16.94 -16.11
C ILE C 192 -9.52 16.66 -17.53
N LEU C 193 -9.51 17.66 -18.41
CA LEU C 193 -8.99 17.47 -19.75
C LEU C 193 -7.55 16.99 -19.72
N PRO C 194 -6.58 17.76 -19.21
CA PRO C 194 -5.25 17.19 -19.04
C PRO C 194 -5.25 15.94 -18.18
N ASN C 195 -6.23 15.78 -17.30
CA ASN C 195 -6.34 14.56 -16.52
C ASN C 195 -6.52 13.34 -17.41
N VAL C 196 -6.98 13.51 -18.64
CA VAL C 196 -7.09 12.38 -19.56
C VAL C 196 -5.74 11.73 -19.82
N GLY C 197 -4.65 12.35 -19.38
CA GLY C 197 -3.36 11.68 -19.42
C GLY C 197 -3.23 10.64 -18.33
N LEU C 198 -3.78 10.92 -17.14
CA LEU C 198 -3.79 9.94 -16.07
C LEU C 198 -4.44 8.64 -16.53
N ASN C 199 -5.72 8.70 -16.87
CA ASN C 199 -6.33 7.58 -17.58
C ASN C 199 -5.71 7.48 -18.96
N GLU C 200 -5.74 6.29 -19.53
CA GLU C 200 -4.99 5.89 -20.70
C GLU C 200 -3.52 5.70 -20.37
N TRP C 201 -3.08 6.08 -19.17
CA TRP C 201 -1.84 5.65 -18.58
C TRP C 201 -2.07 4.78 -17.35
N GLY C 202 -3.07 5.13 -16.55
CA GLY C 202 -3.58 4.21 -15.56
C GLY C 202 -4.39 3.07 -16.17
N HIS C 203 -4.83 3.22 -17.41
CA HIS C 203 -5.42 2.13 -18.18
C HIS C 203 -4.38 1.34 -18.94
N THR C 204 -3.11 1.68 -18.81
CA THR C 204 -2.03 1.09 -19.59
C THR C 204 -0.77 1.05 -18.73
N PHE C 205 -0.34 -0.15 -18.36
CA PHE C 205 0.75 -0.42 -17.43
C PHE C 205 0.29 -0.24 -15.99
N TRP C 206 -0.90 0.30 -15.74
CA TRP C 206 -1.47 0.38 -14.40
C TRP C 206 -2.97 0.09 -14.45
N PHE C 207 -3.42 -0.66 -15.45
CA PHE C 207 -4.83 -0.69 -15.81
C PHE C 207 -5.69 -1.26 -14.70
N MET C 208 -6.98 -0.98 -14.79
CA MET C 208 -8.01 -1.59 -13.94
C MET C 208 -9.33 -1.42 -14.68
N GLU C 209 -9.96 -2.53 -15.04
CA GLU C 209 -11.10 -2.51 -15.94
C GLU C 209 -12.37 -2.11 -15.20
N GLU C 210 -12.33 -0.99 -14.49
CA GLU C 210 -13.48 -0.42 -13.82
C GLU C 210 -13.41 1.09 -13.92
N LEU C 211 -14.42 1.74 -13.36
CA LEU C 211 -14.41 3.19 -13.23
C LEU C 211 -13.95 3.65 -11.85
N PHE C 212 -14.03 2.78 -10.84
CA PHE C 212 -14.21 3.24 -9.47
C PHE C 212 -13.11 2.82 -8.51
N VAL C 213 -12.82 1.52 -8.40
CA VAL C 213 -11.76 1.10 -7.51
C VAL C 213 -10.42 1.54 -8.08
N ALA C 214 -10.33 1.65 -9.40
CA ALA C 214 -9.09 2.05 -10.03
C ALA C 214 -8.77 3.48 -9.63
N PRO C 215 -7.77 3.70 -8.77
CA PRO C 215 -7.41 5.08 -8.41
C PRO C 215 -6.97 5.90 -9.60
N LEU C 216 -6.64 5.26 -10.73
CA LEU C 216 -6.33 6.01 -11.95
C LEU C 216 -7.43 6.99 -12.31
N HIS C 217 -8.68 6.70 -11.97
CA HIS C 217 -9.78 7.62 -12.22
C HIS C 217 -9.91 8.68 -11.15
N TYR C 218 -9.32 8.47 -9.98
CA TYR C 218 -9.39 9.47 -8.91
C TYR C 218 -8.75 10.78 -9.32
N GLY C 219 -8.03 10.82 -10.44
CA GLY C 219 -7.54 12.09 -10.94
C GLY C 219 -8.66 13.07 -11.18
N PHE C 220 -9.57 12.73 -12.10
CA PHE C 220 -10.70 13.59 -12.42
C PHE C 220 -11.91 13.31 -11.54
N VAL C 221 -11.75 12.54 -10.47
CA VAL C 221 -12.67 12.69 -9.36
C VAL C 221 -12.35 13.96 -8.62
N PHE C 222 -11.08 14.36 -8.63
CA PHE C 222 -10.66 15.65 -8.11
C PHE C 222 -10.87 16.75 -9.13
N PHE C 223 -11.97 16.69 -9.81
CA PHE C 223 -12.48 17.67 -10.75
C PHE C 223 -13.96 17.93 -10.53
N GLY C 224 -14.74 16.89 -10.24
CA GLY C 224 -16.12 17.12 -9.90
C GLY C 224 -16.25 17.95 -8.65
N TRP C 225 -15.37 17.72 -7.68
CA TRP C 225 -15.34 18.57 -6.50
C TRP C 225 -15.19 20.03 -6.90
N SER C 226 -14.15 20.32 -7.69
CA SER C 226 -13.96 21.67 -8.18
C SER C 226 -15.23 22.22 -8.79
N ALA C 227 -16.08 21.35 -9.37
CA ALA C 227 -17.38 21.86 -9.89
C ALA C 227 -18.33 22.23 -8.74
N LEU C 228 -17.82 22.60 -7.57
CA LEU C 228 -18.65 23.07 -6.44
C LEU C 228 -18.29 24.54 -6.21
N GLY C 229 -17.55 25.14 -7.14
CA GLY C 229 -17.20 26.58 -7.04
C GLY C 229 -18.41 27.43 -7.34
N VAL C 230 -19.52 26.81 -7.75
CA VAL C 230 -20.80 27.55 -7.98
C VAL C 230 -21.47 27.77 -6.63
N LEU C 231 -20.75 27.56 -5.53
CA LEU C 231 -21.30 27.89 -4.19
C LEU C 231 -20.74 29.27 -3.89
N GLY C 232 -19.55 29.56 -4.43
CA GLY C 232 -18.93 30.88 -4.25
C GLY C 232 -19.47 31.90 -5.24
N VAL C 233 -19.55 31.58 -6.53
CA VAL C 233 -20.15 32.52 -7.46
C VAL C 233 -21.56 32.91 -7.02
N ILE C 234 -22.29 31.97 -6.43
CA ILE C 234 -23.65 32.29 -6.01
C ILE C 234 -23.64 33.19 -4.78
N ASN C 235 -22.70 32.96 -3.86
CA ASN C 235 -22.61 33.84 -2.71
C ASN C 235 -22.25 35.26 -3.13
N ILE C 236 -21.32 35.40 -4.07
CA ILE C 236 -20.92 36.72 -4.55
C ILE C 236 -22.08 37.39 -5.27
N GLU C 237 -22.64 36.71 -6.26
CA GLU C 237 -23.73 37.27 -7.05
C GLU C 237 -24.99 37.48 -6.25
N LEU C 238 -24.99 37.09 -4.97
CA LEU C 238 -26.15 37.32 -4.06
C LEU C 238 -25.67 38.19 -2.91
N GLY C 239 -24.72 39.07 -3.16
CA GLY C 239 -24.22 39.99 -2.12
C GLY C 239 -24.17 41.40 -2.66
N ALA C 240 -23.92 41.53 -3.97
CA ALA C 240 -24.02 42.85 -4.63
C ALA C 240 -25.44 42.98 -5.19
N LEU C 241 -26.15 41.86 -5.33
CA LEU C 241 -27.54 41.87 -5.88
C LEU C 241 -28.52 42.04 -4.72
N SER C 242 -28.14 41.58 -3.52
CA SER C 242 -29.00 41.78 -2.33
C SER C 242 -29.04 43.27 -2.00
N LYS C 243 -28.01 44.02 -2.40
CA LYS C 243 -27.95 45.48 -2.15
C LYS C 243 -28.58 46.23 -3.34
N LEU C 244 -29.09 45.49 -4.33
CA LEU C 244 -29.77 46.14 -5.49
C LEU C 244 -31.26 45.80 -5.39
N LEU C 245 -31.72 45.34 -4.23
CA LEU C 245 -33.14 44.94 -4.06
C LEU C 245 -33.59 45.28 -2.63
N LYS C 246 -32.66 45.61 -1.75
CA LYS C 246 -33.01 45.86 -0.33
C LYS C 246 -34.10 46.93 -0.20
N LYS C 247 -33.89 48.12 -0.78
CA LYS C 247 -34.87 49.24 -0.63
C LYS C 247 -36.27 48.79 -1.05
N ASP C 248 -36.39 48.15 -2.22
CA ASP C 248 -37.73 47.70 -2.71
C ASP C 248 -38.03 46.32 -2.12
N LEU C 249 -38.41 46.26 -0.85
CA LEU C 249 -38.66 44.95 -0.20
C LEU C 249 -40.00 44.38 -0.65
N ALA C 250 -41.11 45.03 -0.30
CA ALA C 250 -42.46 44.51 -0.66
C ALA C 250 -42.71 44.69 -2.16
N LYS D 20 -15.00 23.43 49.91
CA LYS D 20 -16.38 23.23 49.40
C LYS D 20 -16.47 21.87 48.71
N LYS D 21 -16.01 20.81 49.37
CA LYS D 21 -16.01 19.46 48.75
C LYS D 21 -16.03 18.39 49.85
N ASN D 22 -15.33 17.26 49.63
CA ASN D 22 -15.27 16.15 50.62
C ASN D 22 -16.68 15.66 50.94
N ILE D 23 -17.46 15.31 49.91
CA ILE D 23 -18.85 14.82 50.11
C ILE D 23 -19.14 13.72 49.09
N ILE D 24 -19.55 14.10 47.88
CA ILE D 24 -19.87 13.11 46.81
C ILE D 24 -18.56 12.66 46.15
N ALA D 25 -17.45 13.35 46.45
CA ALA D 25 -16.14 12.92 45.93
C ALA D 25 -15.80 11.56 46.54
N GLY D 26 -16.00 11.41 47.85
CA GLY D 26 -15.75 10.11 48.52
C GLY D 26 -16.87 9.13 48.24
N ALA D 27 -17.98 9.60 47.67
CA ALA D 27 -19.10 8.70 47.30
C ALA D 27 -18.92 8.23 45.85
N SER D 28 -17.72 7.74 45.50
CA SER D 28 -17.47 7.21 44.15
C SER D 28 -17.83 5.72 44.11
N LEU D 29 -19.11 5.41 43.89
CA LEU D 29 -19.55 4.02 43.83
C LEU D 29 -19.03 3.31 42.59
N TYR D 30 -18.27 4.01 41.74
CA TYR D 30 -17.71 3.36 40.56
C TYR D 30 -16.95 2.10 40.94
N LEU D 31 -16.23 2.11 42.06
CA LEU D 31 -15.44 0.94 42.44
C LEU D 31 -16.35 -0.25 42.73
N VAL D 32 -17.32 -0.07 43.64
CA VAL D 32 -18.18 -1.19 43.98
C VAL D 32 -18.88 -1.73 42.75
N PHE D 33 -19.41 -0.86 41.90
CA PHE D 33 -20.09 -1.37 40.71
C PHE D 33 -19.13 -2.10 39.79
N TYR D 34 -17.97 -1.50 39.51
CA TYR D 34 -17.01 -2.16 38.65
C TYR D 34 -16.38 -3.37 39.33
N ALA D 35 -16.22 -3.33 40.65
CA ALA D 35 -15.79 -4.52 41.36
C ALA D 35 -16.82 -5.63 41.28
N TRP D 36 -18.06 -5.29 40.95
CA TRP D 36 -19.11 -6.29 40.79
C TRP D 36 -19.04 -7.00 39.45
N VAL D 37 -18.70 -6.31 38.38
CA VAL D 37 -18.61 -6.90 37.05
C VAL D 37 -17.35 -7.73 36.89
N ARG D 38 -16.22 -7.23 37.39
CA ARG D 38 -15.01 -8.03 37.36
C ARG D 38 -15.21 -9.34 38.09
N TRP D 39 -16.08 -9.36 39.10
CA TRP D 39 -16.46 -10.62 39.74
C TRP D 39 -17.45 -11.38 38.89
N TYR D 40 -18.50 -10.71 38.43
CA TYR D 40 -19.47 -11.36 37.56
C TYR D 40 -18.81 -11.91 36.31
N GLU D 41 -17.74 -11.25 35.84
CA GLU D 41 -17.03 -11.74 34.67
C GLU D 41 -16.31 -13.05 34.97
N GLY D 42 -15.49 -13.07 36.01
CA GLY D 42 -14.72 -14.25 36.33
C GLY D 42 -15.50 -15.37 36.96
N VAL D 43 -16.81 -15.21 37.11
CA VAL D 43 -17.64 -16.24 37.72
C VAL D 43 -18.79 -16.67 36.83
N TYR D 44 -19.27 -15.83 35.94
CA TYR D 44 -20.43 -16.17 35.12
C TYR D 44 -20.15 -16.05 33.63
N GLY D 45 -18.91 -15.84 33.24
CA GLY D 45 -18.59 -15.70 31.84
C GLY D 45 -17.37 -16.51 31.49
N TRP D 46 -16.77 -17.17 32.48
CA TRP D 46 -15.60 -17.98 32.20
C TRP D 46 -15.95 -19.16 31.32
N SER D 47 -16.81 -20.06 31.82
CA SER D 47 -17.32 -21.15 31.00
C SER D 47 -18.80 -21.04 30.69
N ALA D 48 -19.58 -20.39 31.56
CA ALA D 48 -20.98 -20.14 31.27
C ALA D 48 -21.18 -19.12 30.16
N GLY D 49 -20.10 -18.56 29.60
CA GLY D 49 -20.21 -17.60 28.53
C GLY D 49 -19.22 -17.85 27.42
N LEU D 50 -18.62 -19.03 27.39
CA LEU D 50 -17.66 -19.37 26.36
C LEU D 50 -18.34 -19.63 25.01
N ASP D 51 -19.57 -20.16 25.05
CA ASP D 51 -20.25 -20.52 23.79
C ASP D 51 -21.49 -19.64 23.60
N SER D 52 -21.66 -19.05 22.41
CA SER D 52 -22.90 -18.28 22.13
C SER D 52 -24.08 -19.22 22.27
N PHE D 53 -23.94 -20.48 21.83
CA PHE D 53 -24.99 -21.52 22.04
C PHE D 53 -26.40 -20.93 21.95
N ALA D 54 -27.15 -21.01 23.05
CA ALA D 54 -28.54 -20.48 23.10
C ALA D 54 -29.01 -20.28 24.55
N PRO D 55 -28.99 -21.27 25.47
CA PRO D 55 -29.55 -21.09 26.82
C PRO D 55 -28.69 -20.28 27.79
N GLU D 56 -27.62 -20.89 28.33
CA GLU D 56 -26.77 -20.23 29.37
C GLU D 56 -26.27 -18.86 28.88
N PHE D 57 -25.98 -18.70 27.58
CA PHE D 57 -25.41 -17.42 27.11
C PHE D 57 -26.50 -16.34 27.13
N GLU D 58 -27.63 -16.57 26.44
CA GLU D 58 -28.65 -15.54 26.41
C GLU D 58 -29.25 -15.29 27.78
N THR D 59 -28.89 -16.09 28.78
CA THR D 59 -29.39 -15.89 30.13
C THR D 59 -28.49 -14.98 30.95
N TYR D 60 -27.18 -15.17 30.88
CA TYR D 60 -26.26 -14.38 31.67
C TYR D 60 -25.54 -13.30 30.86
N TRP D 61 -25.70 -13.27 29.55
CA TRP D 61 -24.94 -12.29 28.80
C TRP D 61 -25.77 -11.47 27.83
N MET D 62 -26.79 -12.05 27.22
CA MET D 62 -27.62 -11.25 26.32
C MET D 62 -28.61 -10.39 27.10
N ASN D 63 -29.24 -10.97 28.12
CA ASN D 63 -30.10 -10.17 28.99
C ASN D 63 -29.29 -9.05 29.64
N PHE D 64 -28.06 -9.36 30.05
CA PHE D 64 -27.15 -8.32 30.51
C PHE D 64 -27.05 -7.18 29.51
N LEU D 65 -26.82 -7.53 28.25
CA LEU D 65 -26.65 -6.51 27.22
C LEU D 65 -27.88 -5.65 27.08
N TYR D 66 -29.05 -6.27 26.94
CA TYR D 66 -30.28 -5.52 26.76
C TYR D 66 -30.56 -4.61 27.95
N ILE D 67 -30.49 -5.18 29.16
CA ILE D 67 -30.74 -4.39 30.36
C ILE D 67 -29.81 -3.19 30.42
N GLU D 68 -28.52 -3.41 30.14
CA GLU D 68 -27.58 -2.31 30.27
C GLU D 68 -27.83 -1.26 29.21
N MET D 69 -28.17 -1.65 27.99
CA MET D 69 -28.46 -0.65 26.97
C MET D 69 -29.64 0.22 27.37
N VAL D 70 -30.75 -0.39 27.79
CA VAL D 70 -31.92 0.41 28.13
C VAL D 70 -31.62 1.29 29.34
N LEU D 71 -31.00 0.72 30.37
CA LEU D 71 -30.68 1.50 31.56
C LEU D 71 -29.75 2.65 31.23
N GLU D 72 -28.77 2.45 30.36
CA GLU D 72 -27.87 3.53 30.03
C GLU D 72 -28.58 4.63 29.27
N VAL D 73 -29.41 4.26 28.29
CA VAL D 73 -30.13 5.30 27.54
C VAL D 73 -30.99 6.13 28.48
N LEU D 74 -31.72 5.46 29.39
CA LEU D 74 -32.63 6.19 30.26
C LEU D 74 -31.85 7.02 31.28
N VAL D 75 -30.75 6.48 31.81
CA VAL D 75 -29.97 7.22 32.78
C VAL D 75 -29.32 8.43 32.14
N ALA D 76 -28.92 8.32 30.88
CA ALA D 76 -28.36 9.47 30.18
C ALA D 76 -29.42 10.53 29.94
N SER D 77 -30.61 10.10 29.50
CA SER D 77 -31.67 11.06 29.28
C SER D 77 -32.07 11.77 30.57
N VAL D 78 -32.04 11.06 31.70
CA VAL D 78 -32.46 11.67 32.95
C VAL D 78 -31.36 12.53 33.54
N LEU D 79 -30.21 11.92 33.85
CA LEU D 79 -29.10 12.63 34.53
C LEU D 79 -28.73 13.93 33.81
N TRP D 80 -28.86 13.95 32.49
CA TRP D 80 -28.55 15.19 31.71
C TRP D 80 -29.72 16.18 31.81
N GLY D 81 -30.01 16.66 33.01
CA GLY D 81 -31.08 17.66 33.23
C GLY D 81 -30.51 18.86 33.96
N TYR D 82 -29.24 19.16 33.74
CA TYR D 82 -28.61 20.35 34.36
C TYR D 82 -29.13 21.59 33.64
N ILE D 83 -29.88 21.37 32.55
CA ILE D 83 -30.50 22.52 31.81
C ILE D 83 -31.77 22.93 32.56
N TRP D 84 -32.32 22.03 33.38
CA TRP D 84 -33.51 22.37 34.20
C TRP D 84 -33.05 23.13 35.44
N LYS D 85 -31.89 22.76 36.00
CA LYS D 85 -31.36 23.43 37.21
C LYS D 85 -30.56 24.67 36.80
N SER D 86 -30.40 24.89 35.49
CA SER D 86 -29.60 26.05 35.00
C SER D 86 -30.37 27.35 35.23
N ARG D 87 -29.65 28.47 35.40
CA ARG D 87 -30.31 29.79 35.58
C ARG D 87 -29.27 30.90 35.38
N ASP D 88 -29.51 32.08 35.97
CA ASP D 88 -28.55 33.20 35.87
C ASP D 88 -27.24 32.79 36.55
N ARG D 89 -26.17 32.61 35.77
CA ARG D 89 -24.88 32.12 36.36
C ARG D 89 -23.83 33.21 36.30
N LYS D 90 -24.14 34.40 36.83
CA LYS D 90 -23.12 35.48 36.89
C LYS D 90 -22.36 35.33 38.22
N VAL D 91 -21.70 34.19 38.41
CA VAL D 91 -20.98 33.92 39.70
C VAL D 91 -19.60 34.58 39.62
N MET D 92 -19.22 35.09 38.46
CA MET D 92 -17.94 35.85 38.33
C MET D 92 -18.12 37.18 39.06
N SER D 93 -19.37 37.66 39.17
CA SER D 93 -19.65 38.91 39.91
C SER D 93 -19.72 38.60 41.40
N ILE D 94 -19.90 37.31 41.75
CA ILE D 94 -19.93 36.88 43.17
C ILE D 94 -18.49 36.78 43.68
N THR D 95 -18.30 36.67 45.00
CA THR D 95 -16.95 36.61 45.60
C THR D 95 -16.37 35.19 45.50
N PRO D 96 -15.18 34.89 46.07
CA PRO D 96 -14.65 33.52 46.10
C PRO D 96 -15.40 32.69 47.15
N ARG D 97 -16.69 32.49 46.96
CA ARG D 97 -17.51 31.69 47.92
C ARG D 97 -18.52 30.89 47.11
N GLU D 98 -19.37 31.56 46.33
CA GLU D 98 -20.39 30.85 45.52
C GLU D 98 -19.74 30.26 44.28
N GLU D 99 -18.98 31.07 43.53
CA GLU D 99 -18.31 30.60 42.30
C GLU D 99 -17.17 29.65 42.68
N LEU D 100 -16.43 29.99 43.75
CA LEU D 100 -15.34 29.10 44.22
C LEU D 100 -15.95 27.74 44.57
N ARG D 101 -17.17 27.75 45.13
CA ARG D 101 -17.81 26.49 45.49
C ARG D 101 -18.23 25.71 44.27
N ARG D 102 -18.63 26.40 43.20
CA ARG D 102 -19.03 25.70 41.99
C ARG D 102 -17.85 25.02 41.31
N HIS D 103 -16.69 25.69 41.28
CA HIS D 103 -15.52 25.07 40.67
C HIS D 103 -15.17 23.76 41.36
N PHE D 104 -15.32 23.70 42.69
CA PHE D 104 -15.07 22.45 43.39
C PHE D 104 -16.02 21.36 42.92
N THR D 105 -17.28 21.69 42.72
CA THR D 105 -18.23 20.71 42.19
C THR D 105 -17.83 20.29 40.79
N HIS D 106 -17.41 21.23 39.97
CA HIS D 106 -16.97 20.89 38.62
C HIS D 106 -15.81 19.91 38.67
N TRP D 107 -14.87 20.12 39.59
CA TRP D 107 -13.72 19.23 39.64
C TRP D 107 -14.07 17.90 40.27
N THR D 108 -15.10 17.84 41.12
CA THR D 108 -15.62 16.55 41.54
C THR D 108 -16.16 15.79 40.33
N TRP D 109 -16.97 16.47 39.52
CA TRP D 109 -17.45 15.84 38.29
C TRP D 109 -16.29 15.36 37.44
N LEU D 110 -15.23 16.16 37.34
CA LEU D 110 -14.10 15.78 36.50
C LEU D 110 -13.34 14.60 37.08
N MET D 111 -13.24 14.50 38.40
CA MET D 111 -12.62 13.31 38.99
C MET D 111 -13.44 12.07 38.70
N MET D 112 -14.77 12.17 38.82
CA MET D 112 -15.61 11.05 38.41
C MET D 112 -15.35 10.68 36.96
N TYR D 113 -15.25 11.68 36.09
CA TYR D 113 -15.01 11.41 34.69
C TYR D 113 -13.66 10.72 34.50
N GLY D 114 -12.67 11.11 35.29
CA GLY D 114 -11.37 10.47 35.18
C GLY D 114 -11.42 9.01 35.58
N ILE D 115 -12.12 8.71 36.66
CA ILE D 115 -12.27 7.30 37.07
C ILE D 115 -12.98 6.52 35.97
N ALA D 116 -14.05 7.09 35.42
CA ALA D 116 -14.80 6.38 34.39
C ALA D 116 -13.94 6.15 33.16
N ILE D 117 -13.18 7.15 32.74
CA ILE D 117 -12.32 7.01 31.57
C ILE D 117 -11.26 5.97 31.83
N TYR D 118 -10.69 5.95 33.02
CA TYR D 118 -9.71 4.91 33.33
C TYR D 118 -10.33 3.54 33.16
N PHE D 119 -11.46 3.31 33.81
CA PHE D 119 -12.05 1.96 33.76
C PHE D 119 -12.50 1.59 32.36
N GLY D 120 -12.91 2.55 31.55
CA GLY D 120 -13.42 2.23 30.24
C GLY D 120 -12.33 2.04 29.20
N ALA D 121 -11.38 2.97 29.16
CA ALA D 121 -10.39 2.98 28.08
C ALA D 121 -9.14 2.20 28.43
N SER D 122 -8.90 1.90 29.70
CA SER D 122 -7.68 1.23 30.11
C SER D 122 -7.95 -0.17 30.64
N TYR D 123 -8.78 -0.30 31.68
CA TYR D 123 -8.95 -1.59 32.31
C TYR D 123 -9.63 -2.57 31.37
N PHE D 124 -10.86 -2.25 30.95
CA PHE D 124 -11.63 -3.22 30.20
C PHE D 124 -11.17 -3.33 28.75
N THR D 125 -10.57 -2.28 28.18
CA THR D 125 -10.04 -2.41 26.83
C THR D 125 -8.90 -3.40 26.79
N GLU D 126 -7.92 -3.26 27.69
CA GLU D 126 -6.84 -4.24 27.70
C GLU D 126 -7.30 -5.58 28.23
N GLN D 127 -8.37 -5.63 29.03
CA GLN D 127 -8.92 -6.92 29.39
C GLN D 127 -9.49 -7.63 28.17
N ASP D 128 -10.17 -6.89 27.30
CA ASP D 128 -10.64 -7.48 26.05
C ASP D 128 -9.47 -7.90 25.18
N GLY D 129 -8.38 -7.14 25.21
CA GLY D 129 -7.17 -7.57 24.54
C GLY D 129 -6.68 -8.91 25.05
N THR D 130 -6.65 -9.08 26.37
CA THR D 130 -6.32 -10.36 26.96
C THR D 130 -7.24 -11.46 26.46
N TRP D 131 -8.54 -11.20 26.48
CA TRP D 131 -9.52 -12.20 26.09
C TRP D 131 -9.31 -12.65 24.65
N HIS D 132 -9.11 -11.69 23.74
CA HIS D 132 -8.93 -12.04 22.34
C HIS D 132 -7.78 -13.00 22.14
N GLN D 133 -6.75 -12.92 22.98
CA GLN D 133 -5.58 -13.76 22.78
C GLN D 133 -5.83 -15.19 23.17
N THR D 134 -6.59 -15.42 24.24
CA THR D 134 -6.65 -16.76 24.80
C THR D 134 -7.39 -17.72 23.89
N ILE D 135 -8.69 -17.53 23.76
CA ILE D 135 -9.50 -18.42 22.94
C ILE D 135 -10.34 -17.62 21.97
N VAL D 136 -11.13 -16.69 22.50
CA VAL D 136 -12.32 -16.23 21.82
C VAL D 136 -11.92 -15.46 20.56
N ARG D 137 -12.09 -16.08 19.40
CA ARG D 137 -12.06 -15.36 18.15
C ARG D 137 -13.30 -14.50 18.04
N ASP D 138 -13.11 -13.25 17.62
CA ASP D 138 -14.20 -12.28 17.67
C ASP D 138 -15.39 -12.70 16.82
N THR D 139 -15.32 -13.85 16.12
CA THR D 139 -16.31 -14.17 15.10
C THR D 139 -17.72 -14.09 15.67
N ASP D 140 -18.44 -13.05 15.25
CA ASP D 140 -19.84 -12.80 15.58
C ASP D 140 -20.05 -12.33 17.01
N PHE D 141 -19.07 -12.48 17.90
CA PHE D 141 -19.27 -11.92 19.23
C PHE D 141 -18.16 -12.19 20.24
N THR D 142 -18.32 -11.62 21.43
CA THR D 142 -17.57 -11.91 22.64
C THR D 142 -18.38 -11.46 23.83
N PRO D 143 -18.19 -12.09 25.00
CA PRO D 143 -18.77 -11.56 26.23
C PRO D 143 -17.89 -10.55 26.93
N SER D 144 -16.64 -10.38 26.49
CA SER D 144 -15.75 -9.43 27.12
C SER D 144 -16.05 -8.00 26.70
N HIS D 145 -16.50 -7.77 25.48
CA HIS D 145 -16.88 -6.43 25.07
C HIS D 145 -18.39 -6.24 25.10
N ILE D 146 -19.12 -7.14 25.73
CA ILE D 146 -20.43 -6.75 26.25
C ILE D 146 -20.24 -5.81 27.43
N ILE D 147 -19.16 -5.99 28.18
CA ILE D 147 -18.84 -5.15 29.31
C ILE D 147 -17.98 -3.96 28.93
N GLU D 148 -17.23 -4.03 27.84
CA GLU D 148 -16.35 -2.96 27.43
C GLU D 148 -17.00 -1.98 26.49
N PHE D 149 -17.63 -2.46 25.41
CA PHE D 149 -18.19 -1.55 24.43
C PHE D 149 -19.56 -1.04 24.82
N TYR D 150 -20.36 -1.84 25.52
CA TYR D 150 -21.73 -1.48 25.80
C TYR D 150 -21.99 -1.19 27.28
N LEU D 151 -20.99 -1.30 28.14
CA LEU D 151 -21.16 -0.91 29.53
C LEU D 151 -20.22 0.22 29.93
N SER D 152 -18.92 0.08 29.69
CA SER D 152 -17.96 1.05 30.19
C SER D 152 -17.94 2.31 29.33
N TYR D 153 -17.93 2.16 28.02
CA TYR D 153 -17.91 3.34 27.16
C TYR D 153 -19.13 4.22 27.38
N PRO D 154 -20.35 3.70 27.34
CA PRO D 154 -21.50 4.55 27.66
C PRO D 154 -21.45 5.13 29.06
N ILE D 155 -20.89 4.42 30.02
CA ILE D 155 -20.79 4.98 31.37
C ILE D 155 -19.92 6.22 31.37
N TYR D 156 -18.72 6.13 30.81
CA TYR D 156 -17.87 7.30 30.84
C TYR D 156 -18.40 8.39 29.90
N ILE D 157 -19.14 8.01 28.87
CA ILE D 157 -19.78 9.01 28.02
C ILE D 157 -20.79 9.80 28.82
N ILE D 158 -21.61 9.09 29.62
CA ILE D 158 -22.59 9.76 30.46
C ILE D 158 -21.90 10.68 31.45
N THR D 159 -20.84 10.19 32.09
CA THR D 159 -20.16 11.04 33.07
C THR D 159 -19.57 12.28 32.43
N GLY D 160 -18.93 12.12 31.26
CA GLY D 160 -18.36 13.27 30.59
C GLY D 160 -19.40 14.27 30.16
N GLY D 161 -20.50 13.79 29.59
CA GLY D 161 -21.58 14.71 29.24
C GLY D 161 -22.13 15.42 30.45
N ALA D 162 -22.28 14.71 31.55
CA ALA D 162 -22.76 15.34 32.78
C ALA D 162 -21.84 16.46 33.21
N SER D 163 -20.54 16.19 33.25
CA SER D 163 -19.59 17.22 33.68
C SER D 163 -19.63 18.42 32.74
N PHE D 164 -19.63 18.16 31.43
CA PHE D 164 -19.68 19.25 30.47
C PHE D 164 -20.93 20.11 30.68
N LEU D 165 -22.09 19.46 30.77
CA LEU D 165 -23.32 20.22 30.96
C LEU D 165 -23.30 21.00 32.27
N TYR D 166 -22.76 20.40 33.33
CA TYR D 166 -22.68 21.13 34.59
C TYR D 166 -21.89 22.41 34.41
N ALA D 167 -20.68 22.32 33.85
CA ALA D 167 -19.91 23.53 33.62
C ALA D 167 -20.68 24.52 32.76
N LYS D 168 -21.40 24.02 31.76
CA LYS D 168 -22.11 24.92 30.84
C LYS D 168 -23.20 25.70 31.55
N THR D 169 -23.85 25.09 32.53
CA THR D 169 -25.04 25.65 33.13
C THR D 169 -24.80 26.26 34.50
N ARG D 170 -23.57 26.21 35.01
CA ARG D 170 -23.36 26.62 36.38
C ARG D 170 -22.11 27.48 36.60
N LEU D 171 -21.25 27.66 35.61
CA LEU D 171 -20.06 28.46 35.79
C LEU D 171 -20.07 29.63 34.82
N PRO D 172 -19.77 30.84 35.28
CA PRO D 172 -19.85 32.00 34.38
C PRO D 172 -18.90 31.92 33.21
N THR D 173 -17.65 31.50 33.44
CA THR D 173 -16.66 31.53 32.38
C THR D 173 -17.04 30.65 31.20
N TYR D 174 -18.00 29.74 31.37
CA TYR D 174 -18.41 28.85 30.29
C TYR D 174 -19.66 29.33 29.57
N GLN D 175 -20.19 30.48 29.94
CA GLN D 175 -21.38 31.00 29.28
C GLN D 175 -21.11 31.59 27.91
N GLN D 176 -19.88 31.46 27.39
CA GLN D 176 -19.48 32.10 26.15
C GLN D 176 -19.36 31.12 24.99
N GLY D 177 -20.17 30.07 24.96
CA GLY D 177 -20.26 29.29 23.75
C GLY D 177 -19.41 28.05 23.58
N LEU D 178 -19.53 27.07 24.47
CA LEU D 178 -19.03 25.75 24.13
C LEU D 178 -17.52 25.66 23.90
N SER D 179 -16.74 25.79 24.96
CA SER D 179 -15.30 25.57 24.88
C SER D 179 -14.96 24.42 23.93
N LEU D 180 -14.02 24.68 23.02
CA LEU D 180 -13.71 23.71 21.98
C LEU D 180 -13.05 22.46 22.57
N GLN D 181 -12.05 22.65 23.42
CA GLN D 181 -11.34 21.50 23.97
C GLN D 181 -12.21 20.68 24.91
N TYR D 182 -13.20 21.28 25.55
CA TYR D 182 -14.11 20.49 26.37
C TYR D 182 -14.93 19.55 25.49
N LEU D 183 -15.18 19.94 24.25
CA LEU D 183 -15.91 19.06 23.34
C LEU D 183 -15.07 17.86 22.92
N VAL D 184 -13.75 17.96 23.05
CA VAL D 184 -12.87 16.90 22.58
C VAL D 184 -12.67 15.84 23.65
N VAL D 185 -12.54 16.26 24.91
CA VAL D 185 -12.41 15.32 26.02
C VAL D 185 -13.77 14.69 26.28
N VAL D 186 -14.73 15.12 25.47
CA VAL D 186 -16.11 14.67 25.39
C VAL D 186 -16.17 14.32 23.91
N VAL D 187 -17.32 14.43 23.26
CA VAL D 187 -17.69 13.62 22.09
C VAL D 187 -16.52 12.94 21.39
N GLY D 188 -15.33 13.53 21.44
CA GLY D 188 -14.15 12.82 21.00
C GLY D 188 -14.11 11.38 21.49
N PRO D 189 -13.97 11.18 22.80
CA PRO D 189 -14.07 9.81 23.34
C PRO D 189 -15.40 9.14 23.07
N PHE D 190 -16.41 9.88 22.63
CA PHE D 190 -17.64 9.23 22.21
C PHE D 190 -17.46 8.53 20.87
N MET D 191 -16.58 9.04 20.02
CA MET D 191 -16.40 8.51 18.68
C MET D 191 -15.70 7.19 18.66
N ILE D 192 -15.35 6.59 19.79
CA ILE D 192 -14.90 5.21 19.77
C ILE D 192 -16.08 4.24 19.82
N LEU D 193 -17.18 4.63 20.46
CA LEU D 193 -18.36 3.79 20.43
C LEU D 193 -18.82 3.50 19.01
N PRO D 194 -19.22 4.49 18.21
CA PRO D 194 -19.49 4.21 16.79
C PRO D 194 -18.28 3.61 16.09
N ASN D 195 -17.07 3.88 16.59
CA ASN D 195 -15.88 3.25 16.02
C ASN D 195 -15.94 1.74 16.11
N VAL D 196 -16.74 1.18 17.03
CA VAL D 196 -16.90 -0.26 17.11
C VAL D 196 -17.44 -0.85 15.83
N GLY D 197 -17.90 0.00 14.90
CA GLY D 197 -18.25 -0.49 13.58
C GLY D 197 -17.02 -0.78 12.74
N LEU D 198 -15.98 0.05 12.88
CA LEU D 198 -14.73 -0.22 12.17
C LEU D 198 -14.20 -1.60 12.51
N ASN D 199 -13.87 -1.83 13.78
CA ASN D 199 -13.63 -3.18 14.23
C ASN D 199 -14.94 -3.97 14.16
N GLU D 200 -14.82 -5.27 14.02
CA GLU D 200 -15.90 -6.18 13.68
C GLU D 200 -16.26 -6.06 12.21
N TRP D 201 -15.73 -5.06 11.51
CA TRP D 201 -15.68 -5.01 10.06
C TRP D 201 -14.25 -5.11 9.56
N GLY D 202 -13.31 -4.46 10.23
CA GLY D 202 -11.92 -4.76 10.03
C GLY D 202 -11.49 -6.09 10.61
N HIS D 203 -12.30 -6.66 11.49
CA HIS D 203 -12.11 -8.03 11.96
C HIS D 203 -12.85 -9.04 11.08
N THR D 204 -13.51 -8.57 10.03
CA THR D 204 -14.35 -9.41 9.18
C THR D 204 -14.27 -8.90 7.76
N PHE D 205 -13.68 -9.68 6.87
CA PHE D 205 -13.37 -9.32 5.48
C PHE D 205 -12.12 -8.44 5.41
N TRP D 206 -11.62 -7.94 6.54
CA TRP D 206 -10.36 -7.21 6.58
C TRP D 206 -9.54 -7.59 7.81
N PHE D 207 -9.77 -8.79 8.34
CA PHE D 207 -9.37 -9.11 9.70
C PHE D 207 -7.85 -9.06 9.87
N MET D 208 -7.43 -8.97 11.12
CA MET D 208 -6.03 -9.10 11.52
C MET D 208 -6.04 -9.46 13.00
N GLU D 209 -5.53 -10.64 13.34
CA GLU D 209 -5.68 -11.18 14.68
C GLU D 209 -4.68 -10.55 15.65
N GLU D 210 -4.66 -9.22 15.69
CA GLU D 210 -3.85 -8.47 16.62
C GLU D 210 -4.62 -7.25 17.08
N LEU D 211 -4.00 -6.47 17.95
CA LEU D 211 -4.55 -5.18 18.35
C LEU D 211 -3.91 -4.02 17.58
N PHE D 212 -2.73 -4.22 17.01
CA PHE D 212 -1.79 -3.12 16.82
C PHE D 212 -1.40 -2.89 15.36
N VAL D 213 -0.89 -3.90 14.67
CA VAL D 213 -0.53 -3.69 13.27
C VAL D 213 -1.79 -3.52 12.44
N ALA D 214 -2.88 -4.14 12.88
CA ALA D 214 -4.14 -4.04 12.17
C ALA D 214 -4.61 -2.60 12.17
N PRO D 215 -4.53 -1.88 11.05
CA PRO D 215 -5.03 -0.49 11.03
C PRO D 215 -6.51 -0.41 11.33
N LEU D 216 -7.24 -1.52 11.27
CA LEU D 216 -8.64 -1.51 11.67
C LEU D 216 -8.84 -0.96 13.08
N HIS D 217 -7.85 -1.13 13.96
CA HIS D 217 -7.92 -0.56 15.29
C HIS D 217 -7.51 0.90 15.34
N TYR D 218 -6.81 1.39 14.33
CA TYR D 218 -6.41 2.78 14.32
C TYR D 218 -7.59 3.73 14.32
N GLY D 219 -8.80 3.22 14.10
CA GLY D 219 -9.97 4.06 14.25
C GLY D 219 -10.06 4.67 15.63
N PHE D 220 -10.18 3.83 16.66
CA PHE D 220 -10.26 4.31 18.03
C PHE D 220 -8.90 4.44 18.68
N VAL D 221 -7.82 4.36 17.91
CA VAL D 221 -6.59 5.02 18.35
C VAL D 221 -6.75 6.52 18.19
N PHE D 222 -7.53 6.94 17.20
CA PHE D 222 -7.91 8.33 17.04
C PHE D 222 -9.06 8.70 17.95
N PHE D 223 -9.03 8.20 19.14
CA PHE D 223 -9.94 8.49 20.24
C PHE D 223 -9.18 8.72 21.54
N GLY D 224 -8.14 7.94 21.79
CA GLY D 224 -7.32 8.21 22.94
C GLY D 224 -6.66 9.56 22.86
N TRP D 225 -6.24 9.96 21.66
CA TRP D 225 -5.73 11.31 21.47
C TRP D 225 -6.76 12.32 21.93
N SER D 226 -7.97 12.23 21.40
CA SER D 226 -9.04 13.13 21.83
C SER D 226 -9.14 13.16 23.34
N ALA D 227 -8.81 12.06 24.03
CA ALA D 227 -8.79 12.12 25.52
C ALA D 227 -7.63 12.97 26.05
N LEU D 228 -7.14 13.94 25.28
CA LEU D 228 -6.09 14.89 25.75
C LEU D 228 -6.74 16.27 25.80
N GLY D 229 -8.06 16.33 25.68
CA GLY D 229 -8.77 17.63 25.78
C GLY D 229 -8.80 18.09 27.22
N VAL D 230 -8.33 17.27 28.15
CA VAL D 230 -8.23 17.67 29.59
C VAL D 230 -6.97 18.53 29.75
N LEU D 231 -6.38 19.00 28.65
CA LEU D 231 -5.24 19.94 28.74
C LEU D 231 -5.89 21.31 28.56
N GLY D 232 -6.99 21.35 27.81
CA GLY D 232 -7.73 22.60 27.60
C GLY D 232 -8.67 22.90 28.76
N VAL D 233 -9.48 21.93 29.20
CA VAL D 233 -10.31 22.20 30.37
C VAL D 233 -9.48 22.65 31.55
N ILE D 234 -8.27 22.11 31.68
CA ILE D 234 -7.44 22.50 32.82
C ILE D 234 -6.91 23.91 32.64
N ASN D 235 -6.55 24.29 31.41
CA ASN D 235 -6.11 25.66 31.19
C ASN D 235 -7.22 26.64 31.46
N ILE D 236 -8.45 26.32 31.03
CA ILE D 236 -9.57 27.21 31.27
C ILE D 236 -9.87 27.31 32.76
N GLU D 237 -10.05 26.17 33.41
CA GLU D 237 -10.38 26.13 34.82
C GLU D 237 -9.27 26.66 35.71
N LEU D 238 -8.12 27.00 35.10
CA LEU D 238 -6.99 27.59 35.87
C LEU D 238 -6.71 28.97 35.30
N GLY D 239 -7.75 29.67 34.82
CA GLY D 239 -7.59 31.03 34.28
C GLY D 239 -8.65 31.93 34.88
N ALA D 240 -9.82 31.36 35.19
CA ALA D 240 -10.86 32.11 35.91
C ALA D 240 -10.67 31.83 37.41
N LEU D 241 -9.95 30.74 37.74
CA LEU D 241 -9.70 30.36 39.16
C LEU D 241 -8.43 31.05 39.64
N SER D 242 -7.50 31.33 38.73
CA SER D 242 -6.26 32.06 39.11
C SER D 242 -6.65 33.50 39.48
N LYS D 243 -7.78 33.98 38.96
CA LYS D 243 -8.26 35.35 39.27
C LYS D 243 -9.20 35.31 40.49
N LEU D 244 -9.39 34.13 41.07
CA LEU D 244 -10.21 33.99 42.30
C LEU D 244 -9.30 33.66 43.48
N LEU D 245 -7.99 33.85 43.29
CA LEU D 245 -7.01 33.49 44.36
C LEU D 245 -5.86 34.49 44.33
N LYS D 246 -5.77 35.33 43.29
CA LYS D 246 -4.62 36.28 43.15
C LYS D 246 -4.48 37.16 44.40
N LYS D 247 -5.54 37.87 44.80
CA LYS D 247 -5.46 38.81 45.94
C LYS D 247 -4.91 38.11 47.19
N ASP D 248 -5.47 36.94 47.53
CA ASP D 248 -5.01 36.20 48.73
C ASP D 248 -3.82 35.33 48.36
N LEU D 249 -2.64 35.93 48.21
CA LEU D 249 -1.44 35.16 47.78
C LEU D 249 -0.91 34.32 48.94
N ALA D 250 -0.40 34.98 49.99
CA ALA D 250 0.20 34.25 51.14
C ALA D 250 -0.89 33.58 51.97
N LYS E 20 34.96 45.21 1.98
CA LYS E 20 35.32 44.67 3.33
C LYS E 20 35.43 43.14 3.24
N LYS E 21 36.18 42.64 2.26
CA LYS E 21 36.32 41.16 2.07
C LYS E 21 37.63 40.84 1.36
N ASN E 22 37.62 39.83 0.48
CA ASN E 22 38.84 39.43 -0.28
C ASN E 22 39.97 39.07 0.69
N ILE E 23 39.71 38.17 1.63
CA ILE E 23 40.74 37.77 2.63
C ILE E 23 40.58 36.27 2.93
N ILE E 24 39.69 35.92 3.86
CA ILE E 24 39.45 34.49 4.21
C ILE E 24 38.53 33.86 3.17
N ALA E 25 37.94 34.68 2.30
CA ALA E 25 37.09 34.13 1.20
C ALA E 25 38.00 33.33 0.27
N GLY E 26 39.16 33.90 -0.09
CA GLY E 26 40.13 33.18 -0.95
C GLY E 26 40.88 32.11 -0.18
N ALA E 27 40.76 32.13 1.15
CA ALA E 27 41.41 31.10 2.00
C ALA E 27 40.44 29.93 2.22
N SER E 28 39.81 29.43 1.14
CA SER E 28 38.89 28.28 1.26
C SER E 28 39.69 26.98 1.12
N LEU E 29 40.28 26.50 2.24
CA LEU E 29 41.04 25.26 2.21
C LEU E 29 40.16 24.05 1.99
N TYR E 30 38.85 24.23 1.85
CA TYR E 30 37.97 23.10 1.59
C TYR E 30 38.46 22.29 0.40
N LEU E 31 38.97 22.95 -0.64
CA LEU E 31 39.40 22.23 -1.82
C LEU E 31 40.58 21.32 -1.52
N VAL E 32 41.64 21.88 -0.93
CA VAL E 32 42.81 21.05 -0.65
C VAL E 32 42.44 19.89 0.25
N PHE E 33 41.66 20.12 1.29
CA PHE E 33 41.29 19.03 2.17
C PHE E 33 40.47 17.99 1.44
N TYR E 34 39.44 18.42 0.71
CA TYR E 34 38.61 17.48 -0.02
C TYR E 34 39.37 16.87 -1.20
N ALA E 35 40.29 17.63 -1.81
CA ALA E 35 41.14 17.02 -2.82
C ALA E 35 42.06 15.98 -2.23
N TRP E 36 42.24 15.99 -0.91
CA TRP E 36 43.06 14.99 -0.24
C TRP E 36 42.32 13.69 -0.03
N VAL E 37 41.04 13.72 0.27
CA VAL E 37 40.26 12.51 0.51
C VAL E 37 39.90 11.83 -0.80
N ARG E 38 39.53 12.60 -1.82
CA ARG E 38 39.28 12.00 -3.13
C ARG E 38 40.51 11.27 -3.61
N TRP E 39 41.70 11.72 -3.23
CA TRP E 39 42.92 10.99 -3.52
C TRP E 39 43.08 9.81 -2.58
N TYR E 40 42.93 10.05 -1.28
CA TYR E 40 43.01 8.96 -0.30
C TYR E 40 41.98 7.89 -0.60
N GLU E 41 40.84 8.28 -1.16
CA GLU E 41 39.82 7.29 -1.51
C GLU E 41 40.29 6.39 -2.65
N GLY E 42 40.70 7.00 -3.76
CA GLY E 42 41.10 6.23 -4.92
C GLY E 42 42.44 5.56 -4.81
N VAL E 43 43.11 5.68 -3.66
CA VAL E 43 44.42 5.08 -3.48
C VAL E 43 44.49 4.15 -2.27
N TYR E 44 43.65 4.35 -1.26
CA TYR E 44 43.73 3.53 -0.06
C TYR E 44 42.41 2.88 0.28
N GLY E 45 41.43 2.93 -0.60
CA GLY E 45 40.15 2.32 -0.33
C GLY E 45 39.66 1.54 -1.52
N TRP E 46 40.42 1.56 -2.61
CA TRP E 46 40.01 0.81 -3.78
C TRP E 46 40.03 -0.68 -3.51
N SER E 47 41.20 -1.23 -3.22
CA SER E 47 41.31 -2.61 -2.82
C SER E 47 41.73 -2.80 -1.37
N ALA E 48 42.48 -1.86 -0.81
CA ALA E 48 42.81 -1.90 0.61
C ALA E 48 41.61 -1.64 1.51
N GLY E 49 40.42 -1.39 0.94
CA GLY E 49 39.23 -1.16 1.72
C GLY E 49 38.02 -1.90 1.20
N LEU E 50 38.25 -2.86 0.31
CA LEU E 50 37.14 -3.62 -0.26
C LEU E 50 36.56 -4.60 0.75
N ASP E 51 37.41 -5.13 1.64
CA ASP E 51 36.92 -6.15 2.60
C ASP E 51 36.98 -5.60 4.03
N SER E 52 35.89 -5.76 4.79
CA SER E 52 35.92 -5.34 6.22
C SER E 52 37.01 -6.15 6.92
N PHE E 53 37.16 -7.44 6.57
CA PHE E 53 38.27 -8.28 7.09
C PHE E 53 38.61 -7.94 8.54
N ALA E 54 39.84 -7.47 8.77
CA ALA E 54 40.30 -7.10 10.13
C ALA E 54 41.54 -6.20 10.08
N PRO E 55 42.67 -6.53 9.41
CA PRO E 55 43.89 -5.71 9.47
C PRO E 55 43.86 -4.44 8.61
N GLU E 56 44.04 -4.59 7.29
CA GLU E 56 44.13 -3.41 6.37
C GLU E 56 42.92 -2.48 6.52
N PHE E 57 41.73 -3.02 6.80
CA PHE E 57 40.53 -2.15 6.87
C PHE E 57 40.58 -1.31 8.15
N GLU E 58 40.69 -1.96 9.31
CA GLU E 58 40.71 -1.18 10.55
C GLU E 58 41.91 -0.28 10.65
N THR E 59 42.86 -0.39 9.72
CA THR E 59 44.05 0.46 9.72
C THR E 59 43.84 1.73 8.92
N TYR E 60 43.24 1.63 7.74
CA TYR E 60 43.06 2.78 6.88
C TYR E 60 41.64 3.31 6.88
N TRP E 61 40.70 2.63 7.50
CA TRP E 61 39.33 3.11 7.41
C TRP E 61 38.62 3.22 8.76
N MET E 62 38.90 2.33 9.70
CA MET E 62 38.25 2.47 11.00
C MET E 62 38.94 3.53 11.86
N ASN E 63 40.26 3.54 11.86
CA ASN E 63 40.98 4.61 12.52
C ASN E 63 40.59 5.96 11.93
N PHE E 64 40.47 6.02 10.61
CA PHE E 64 39.94 7.21 9.95
C PHE E 64 38.62 7.63 10.59
N LEU E 65 37.70 6.69 10.74
CA LEU E 65 36.38 7.01 11.28
C LEU E 65 36.48 7.57 12.68
N TYR E 66 37.21 6.88 13.57
CA TYR E 66 37.31 7.33 14.95
C TYR E 66 37.95 8.71 15.03
N ILE E 67 39.09 8.89 14.35
CA ILE E 67 39.78 10.16 14.37
C ILE E 67 38.86 11.27 13.91
N GLU E 68 38.14 11.04 12.81
CA GLU E 68 37.29 12.10 12.27
C GLU E 68 36.14 12.42 13.22
N MET E 69 35.55 11.39 13.84
CA MET E 69 34.47 11.68 14.77
C MET E 69 34.95 12.54 15.92
N VAL E 70 36.06 12.16 16.55
CA VAL E 70 36.52 12.94 17.71
C VAL E 70 36.91 14.34 17.28
N LEU E 71 37.66 14.46 16.17
CA LEU E 71 38.06 15.77 15.71
C LEU E 71 36.87 16.64 15.37
N GLU E 72 35.84 16.08 14.76
CA GLU E 72 34.66 16.88 14.42
C GLU E 72 33.94 17.34 15.66
N VAL E 73 33.75 16.45 16.64
CA VAL E 73 33.07 16.88 17.87
C VAL E 73 33.84 18.01 18.53
N LEU E 74 35.16 17.87 18.64
CA LEU E 74 35.93 18.89 19.34
C LEU E 74 35.98 20.19 18.54
N VAL E 75 36.09 20.10 17.22
CA VAL E 75 36.14 21.30 16.41
C VAL E 75 34.80 22.03 16.43
N ALA E 76 33.71 21.28 16.51
CA ALA E 76 32.41 21.92 16.62
C ALA E 76 32.26 22.61 17.97
N SER E 77 32.66 21.93 19.05
CA SER E 77 32.58 22.55 20.36
C SER E 77 33.43 23.80 20.45
N VAL E 78 34.59 23.80 19.80
CA VAL E 78 35.49 24.95 19.90
C VAL E 78 35.03 26.08 18.99
N LEU E 79 35.01 25.81 17.67
CA LEU E 79 34.67 26.86 16.66
C LEU E 79 33.38 27.59 17.01
N TRP E 80 32.41 26.90 17.61
CA TRP E 80 31.13 27.55 18.01
C TRP E 80 31.32 28.35 19.30
N GLY E 81 32.18 29.38 19.26
CA GLY E 81 32.40 30.25 20.42
C GLY E 81 32.17 31.70 20.04
N TYR E 82 31.26 31.93 19.09
CA TYR E 82 30.91 33.31 18.68
C TYR E 82 30.06 33.93 19.79
N ILE E 83 29.68 33.11 20.78
CA ILE E 83 28.91 33.63 21.94
C ILE E 83 29.89 34.29 22.90
N TRP E 84 31.17 33.93 22.81
CA TRP E 84 32.21 34.56 23.66
C TRP E 84 32.61 35.91 23.04
N LYS E 85 32.65 35.97 21.70
CA LYS E 85 33.03 37.22 20.99
C LYS E 85 31.78 38.11 20.83
N SER E 86 30.61 37.61 21.24
CA SER E 86 29.34 38.37 21.08
C SER E 86 29.32 39.54 22.07
N ARG E 87 28.61 40.63 21.72
CA ARG E 87 28.47 41.79 22.64
C ARG E 87 27.34 42.69 22.14
N ASP E 88 27.38 43.98 22.50
CA ASP E 88 26.35 44.95 22.04
C ASP E 88 26.44 45.06 20.51
N ARG E 89 25.42 44.57 19.79
CA ARG E 89 25.48 44.56 18.31
C ARG E 89 24.45 45.53 17.74
N LYS E 90 24.47 46.79 18.19
CA LYS E 90 23.56 47.81 17.60
C LYS E 90 24.28 48.45 16.41
N VAL E 91 24.62 47.64 15.40
CA VAL E 91 25.38 48.14 14.21
C VAL E 91 24.38 48.77 13.24
N MET E 92 23.08 48.61 13.49
CA MET E 92 22.05 49.27 12.65
C MET E 92 22.10 50.77 12.95
N SER E 93 22.56 51.14 14.16
CA SER E 93 22.71 52.57 14.51
C SER E 93 24.03 53.09 13.93
N ILE E 94 24.93 52.18 13.57
CA ILE E 94 26.23 52.58 12.94
C ILE E 94 25.97 52.86 11.46
N THR E 95 26.94 53.48 10.77
CA THR E 95 26.78 53.86 9.35
C THR E 95 27.06 52.66 8.44
N PRO E 96 27.06 52.80 7.09
CA PRO E 96 27.44 51.69 6.19
C PRO E 96 28.96 51.51 6.20
N ARG E 97 29.51 51.13 7.36
CA ARG E 97 30.98 50.91 7.48
C ARG E 97 31.21 49.72 8.41
N GLU E 98 30.72 49.82 9.65
CA GLU E 98 30.90 48.72 10.63
C GLU E 98 29.89 47.60 10.32
N GLU E 99 28.61 47.95 10.18
CA GLU E 99 27.56 46.93 9.89
C GLU E 99 27.73 46.43 8.46
N LEU E 100 28.04 47.34 7.53
CA LEU E 100 28.28 46.92 6.12
C LEU E 100 29.43 45.92 6.11
N ARG E 101 30.43 46.13 6.98
CA ARG E 101 31.57 45.22 7.02
C ARG E 101 31.18 43.87 7.60
N ARG E 102 30.26 43.84 8.55
CA ARG E 102 29.83 42.58 9.13
C ARG E 102 29.05 41.74 8.14
N HIS E 103 28.18 42.37 7.33
CA HIS E 103 27.44 41.61 6.33
C HIS E 103 28.37 40.91 5.37
N PHE E 104 29.49 41.55 5.01
CA PHE E 104 30.45 40.89 4.14
C PHE E 104 31.02 39.66 4.81
N THR E 105 31.32 39.74 6.10
CA THR E 105 31.80 38.56 6.81
C THR E 105 30.74 37.47 6.84
N HIS E 106 29.48 37.86 7.07
CA HIS E 106 28.41 36.89 7.07
C HIS E 106 28.33 36.18 5.72
N TRP E 107 28.49 36.92 4.64
CA TRP E 107 28.39 36.28 3.33
C TRP E 107 29.61 35.46 2.99
N THR E 108 30.77 35.79 3.56
CA THR E 108 31.90 34.89 3.47
C THR E 108 31.59 33.57 4.16
N TRP E 109 31.04 33.64 5.38
CA TRP E 109 30.60 32.43 6.06
C TRP E 109 29.63 31.65 5.20
N LEU E 110 28.69 32.35 4.55
CA LEU E 110 27.69 31.67 3.75
C LEU E 110 28.29 31.04 2.50
N MET E 111 29.30 31.66 1.89
CA MET E 111 29.97 31.03 0.77
C MET E 111 30.69 29.76 1.22
N MET E 112 31.35 29.81 2.37
CA MET E 112 31.95 28.59 2.91
C MET E 112 30.89 27.52 3.10
N TYR E 113 29.73 27.91 3.64
CA TYR E 113 28.66 26.95 3.85
C TYR E 113 28.19 26.37 2.54
N GLY E 114 28.14 27.19 1.50
CA GLY E 114 27.74 26.70 0.20
C GLY E 114 28.71 25.67 -0.35
N ILE E 115 29.99 25.94 -0.24
CA ILE E 115 30.99 24.97 -0.68
C ILE E 115 30.83 23.66 0.11
N ALA E 116 30.68 23.77 1.42
CA ALA E 116 30.55 22.57 2.24
C ALA E 116 29.31 21.78 1.86
N ILE E 117 28.19 22.47 1.65
CA ILE E 117 26.96 21.78 1.28
C ILE E 117 27.10 21.11 -0.06
N TYR E 118 27.75 21.78 -1.01
CA TYR E 118 27.99 21.15 -2.29
C TYR E 118 28.76 19.85 -2.12
N PHE E 119 29.89 19.91 -1.43
CA PHE E 119 30.72 18.71 -1.32
C PHE E 119 30.04 17.62 -0.51
N GLY E 120 29.19 17.97 0.43
CA GLY E 120 28.57 16.96 1.25
C GLY E 120 27.35 16.34 0.63
N ALA E 121 26.45 17.16 0.10
CA ALA E 121 25.16 16.67 -0.37
C ALA E 121 25.18 16.29 -1.85
N SER E 122 26.17 16.74 -2.61
CA SER E 122 26.19 16.46 -4.04
C SER E 122 27.36 15.56 -4.43
N TYR E 123 28.58 15.95 -4.13
CA TYR E 123 29.72 15.18 -4.61
C TYR E 123 29.77 13.80 -3.95
N PHE E 124 29.88 13.75 -2.63
CA PHE E 124 30.09 12.47 -1.97
C PHE E 124 28.83 11.65 -1.88
N THR E 125 27.65 12.28 -1.87
CA THR E 125 26.42 11.49 -1.89
C THR E 125 26.29 10.70 -3.19
N GLU E 126 26.44 11.38 -4.33
CA GLU E 126 26.38 10.64 -5.58
C GLU E 126 27.59 9.75 -5.79
N GLN E 127 28.72 10.07 -5.16
CA GLN E 127 29.83 9.13 -5.19
C GLN E 127 29.48 7.85 -4.48
N ASP E 128 28.81 7.95 -3.34
CA ASP E 128 28.34 6.76 -2.64
C ASP E 128 27.32 6.01 -3.48
N GLY E 129 26.49 6.76 -4.21
CA GLY E 129 25.60 6.12 -5.17
C GLY E 129 26.35 5.30 -6.19
N THR E 130 27.41 5.87 -6.75
CA THR E 130 28.26 5.12 -7.66
C THR E 130 28.81 3.86 -7.01
N TRP E 131 29.32 4.01 -5.78
CA TRP E 131 29.93 2.87 -5.10
C TRP E 131 28.92 1.75 -4.89
N HIS E 132 27.71 2.09 -4.44
CA HIS E 132 26.72 1.05 -4.19
C HIS E 132 26.44 0.22 -5.43
N GLN E 133 26.57 0.81 -6.61
CA GLN E 133 26.22 0.09 -7.83
C GLN E 133 27.28 -0.93 -8.19
N THR E 134 28.55 -0.61 -7.98
CA THR E 134 29.60 -1.44 -8.56
C THR E 134 29.68 -2.79 -7.86
N ILE E 135 30.11 -2.80 -6.61
CA ILE E 135 30.26 -4.04 -5.87
C ILE E 135 29.57 -3.96 -4.53
N VAL E 136 29.94 -2.94 -3.76
CA VAL E 136 29.77 -3.00 -2.31
C VAL E 136 28.29 -2.99 -1.98
N ARG E 137 27.76 -4.16 -1.60
CA ARG E 137 26.47 -4.21 -0.94
C ARG E 137 26.60 -3.64 0.46
N ASP E 138 25.63 -2.79 0.83
CA ASP E 138 25.75 -2.04 2.08
C ASP E 138 25.86 -2.92 3.30
N THR E 139 25.80 -4.25 3.14
CA THR E 139 25.63 -5.15 4.28
C THR E 139 26.69 -4.88 5.33
N ASP E 140 26.25 -4.28 6.44
CA ASP E 140 27.06 -4.00 7.62
C ASP E 140 28.06 -2.85 7.44
N PHE E 141 28.33 -2.43 6.20
CA PHE E 141 29.20 -1.27 6.06
C PHE E 141 29.54 -0.88 4.63
N THR E 142 30.29 0.22 4.52
CA THR E 142 30.97 0.68 3.32
C THR E 142 32.07 1.64 3.73
N PRO E 143 33.15 1.75 2.95
CA PRO E 143 34.14 2.81 3.16
C PRO E 143 33.80 4.10 2.45
N SER E 144 32.80 4.09 1.58
CA SER E 144 32.44 5.30 0.84
C SER E 144 31.64 6.26 1.70
N HIS E 145 30.81 5.77 2.61
CA HIS E 145 30.10 6.66 3.52
C HIS E 145 30.74 6.72 4.90
N ILE E 146 31.97 6.24 5.03
CA ILE E 146 32.82 6.75 6.10
C ILE E 146 33.20 8.18 5.79
N ILE E 147 33.33 8.51 4.51
CA ILE E 147 33.68 9.85 4.08
C ILE E 147 32.46 10.72 3.83
N GLU E 148 31.31 10.12 3.56
CA GLU E 148 30.10 10.87 3.25
C GLU E 148 29.26 11.15 4.48
N PHE E 149 28.95 10.12 5.27
CA PHE E 149 28.06 10.32 6.41
C PHE E 149 28.79 10.87 7.63
N TYR E 150 30.05 10.49 7.83
CA TYR E 150 30.76 10.86 9.04
C TYR E 150 31.87 11.87 8.83
N LEU E 151 32.11 12.31 7.59
CA LEU E 151 33.07 13.36 7.34
C LEU E 151 32.44 14.60 6.72
N SER E 152 31.70 14.45 5.63
CA SER E 152 31.19 15.60 4.91
C SER E 152 29.99 16.21 5.59
N TYR E 153 29.04 15.39 6.01
CA TYR E 153 27.86 15.91 6.68
C TYR E 153 28.21 16.68 7.94
N PRO E 154 28.99 16.14 8.87
CA PRO E 154 29.40 16.95 10.02
C PRO E 154 30.18 18.17 9.64
N ILE E 155 30.97 18.14 8.57
CA ILE E 155 31.71 19.33 8.17
C ILE E 155 30.74 20.45 7.79
N TYR E 156 29.79 20.16 6.90
CA TYR E 156 28.88 21.23 6.51
C TYR E 156 27.95 21.59 7.65
N ILE E 157 27.68 20.67 8.57
CA ILE E 157 26.90 21.02 9.75
C ILE E 157 27.64 22.04 10.59
N ILE E 158 28.94 21.81 10.80
CA ILE E 158 29.75 22.75 11.56
C ILE E 158 29.78 24.10 10.87
N THR E 159 29.98 24.11 9.55
CA THR E 159 30.04 25.39 8.85
C THR E 159 28.71 26.14 8.96
N GLY E 160 27.60 25.43 8.79
CA GLY E 160 26.30 26.09 8.87
C GLY E 160 26.03 26.62 10.26
N GLY E 161 26.32 25.83 11.29
CA GLY E 161 26.16 26.33 12.64
C GLY E 161 27.03 27.54 12.91
N ALA E 162 28.27 27.53 12.41
CA ALA E 162 29.14 28.67 12.58
C ALA E 162 28.54 29.91 11.96
N SER E 163 28.07 29.80 10.71
CA SER E 163 27.50 30.97 10.04
C SER E 163 26.28 31.47 10.81
N PHE E 164 25.39 30.57 11.19
CA PHE E 164 24.20 30.97 11.93
C PHE E 164 24.57 31.71 13.21
N LEU E 165 25.48 31.13 14.00
CA LEU E 165 25.87 31.78 15.24
C LEU E 165 26.52 33.12 14.98
N TYR E 166 27.33 33.23 13.93
CA TYR E 166 27.93 34.52 13.63
C TYR E 166 26.85 35.56 13.40
N ALA E 167 25.89 35.28 12.52
CA ALA E 167 24.82 36.23 12.30
C ALA E 167 24.10 36.55 13.59
N LYS E 168 23.90 35.55 14.44
CA LYS E 168 23.13 35.76 15.67
C LYS E 168 23.85 36.71 16.61
N THR E 169 25.17 36.67 16.64
CA THR E 169 25.94 37.38 17.64
C THR E 169 26.60 38.64 17.11
N ARG E 170 26.43 38.96 15.84
CA ARG E 170 27.20 40.05 15.26
C ARG E 170 26.40 40.99 14.37
N LEU E 171 25.15 40.68 14.03
CA LEU E 171 24.37 41.53 13.16
C LEU E 171 23.12 42.00 13.88
N PRO E 172 22.79 43.29 13.82
CA PRO E 172 21.64 43.77 14.58
C PRO E 172 20.32 43.16 14.15
N THR E 173 20.10 43.03 12.84
CA THR E 173 18.81 42.55 12.36
C THR E 173 18.48 41.15 12.87
N TYR E 174 19.47 40.40 13.36
CA TYR E 174 19.23 39.05 13.84
C TYR E 174 19.06 38.98 15.35
N GLN E 175 19.08 40.10 16.04
CA GLN E 175 18.91 40.09 17.49
C GLN E 175 17.47 39.89 17.93
N GLN E 176 16.56 39.59 17.00
CA GLN E 176 15.14 39.50 17.31
C GLN E 176 14.63 38.07 17.32
N GLY E 177 15.45 37.11 17.72
CA GLY E 177 14.92 35.80 18.00
C GLY E 177 14.92 34.72 16.93
N LEU E 178 16.10 34.36 16.41
CA LEU E 178 16.18 33.10 15.69
C LEU E 178 15.33 33.02 14.43
N SER E 179 15.72 33.74 13.38
CA SER E 179 15.08 33.63 12.07
C SER E 179 14.70 32.18 11.77
N LEU E 180 13.45 31.99 11.37
CA LEU E 180 12.94 30.64 11.17
C LEU E 180 13.62 29.95 10.00
N GLN E 181 13.72 30.63 8.86
CA GLN E 181 14.30 30.01 7.68
C GLN E 181 15.78 29.75 7.85
N TYR E 182 16.48 30.53 8.67
CA TYR E 182 17.89 30.23 8.93
C TYR E 182 18.03 28.92 9.68
N LEU E 183 17.03 28.56 10.47
CA LEU E 183 17.06 27.28 11.16
C LEU E 183 16.87 26.11 10.21
N VAL E 184 16.30 26.36 9.04
CA VAL E 184 16.00 25.27 8.12
C VAL E 184 17.19 24.98 7.21
N VAL E 185 17.90 26.00 6.77
CA VAL E 185 19.10 25.82 5.96
C VAL E 185 20.22 25.32 6.86
N VAL E 186 19.87 25.18 8.14
CA VAL E 186 20.66 24.66 9.25
C VAL E 186 19.71 23.57 9.72
N VAL E 187 19.72 23.22 11.00
CA VAL E 187 19.36 21.91 11.50
C VAL E 187 18.56 21.04 10.53
N GLY E 188 17.78 21.64 9.65
CA GLY E 188 17.20 20.89 8.56
C GLY E 188 18.19 19.95 7.89
N PRO E 189 19.22 20.49 7.23
CA PRO E 189 20.27 19.61 6.70
C PRO E 189 20.99 18.81 7.76
N PHE E 190 20.81 19.13 9.04
CA PHE E 190 21.35 18.26 10.07
C PHE E 190 20.56 16.97 10.18
N MET E 191 19.27 17.01 9.88
CA MET E 191 18.39 15.87 10.05
C MET E 191 18.63 14.80 9.03
N ILE E 192 19.59 14.92 8.13
CA ILE E 192 19.98 13.78 7.31
C ILE E 192 20.99 12.91 8.03
N LEU E 193 21.83 13.48 8.88
CA LEU E 193 22.74 12.67 9.68
C LEU E 193 22.00 11.64 10.50
N PRO E 194 21.15 12.02 11.46
CA PRO E 194 20.32 11.00 12.12
C PRO E 194 19.48 10.22 11.13
N ASN E 195 19.16 10.80 9.98
CA ASN E 195 18.45 10.05 8.95
C ASN E 195 19.21 8.83 8.50
N VAL E 196 20.54 8.79 8.69
CA VAL E 196 21.30 7.60 8.35
C VAL E 196 20.84 6.38 9.13
N GLY E 197 19.98 6.56 10.12
CA GLY E 197 19.36 5.42 10.76
C GLY E 197 18.26 4.82 9.90
N LEU E 198 17.51 5.66 9.19
CA LEU E 198 16.49 5.17 8.27
C LEU E 198 17.12 4.22 7.25
N ASN E 199 18.02 4.73 6.44
CA ASN E 199 18.85 3.84 5.64
C ASN E 199 19.76 3.05 6.57
N GLU E 200 20.19 1.88 6.12
CA GLU E 200 20.84 0.85 6.91
C GLU E 200 19.83 0.15 7.80
N TRP E 201 18.60 0.66 7.90
CA TRP E 201 17.45 -0.08 8.40
C TRP E 201 16.43 -0.33 7.31
N GLY E 202 16.22 0.66 6.43
CA GLY E 202 15.55 0.40 5.18
C GLY E 202 16.36 -0.38 4.19
N HIS E 203 17.67 -0.45 4.40
CA HIS E 203 18.55 -1.34 3.65
C HIS E 203 18.66 -2.71 4.30
N THR E 204 17.97 -2.94 5.41
CA THR E 204 18.09 -4.15 6.20
C THR E 204 16.74 -4.47 6.81
N PHE E 205 16.12 -5.56 6.37
CA PHE E 205 14.77 -5.97 6.72
C PHE E 205 13.74 -5.18 5.92
N TRP E 206 14.14 -4.12 5.21
CA TRP E 206 13.24 -3.39 4.33
C TRP E 206 13.97 -2.99 3.04
N PHE E 207 15.01 -3.73 2.68
CA PHE E 207 15.99 -3.26 1.73
C PHE E 207 15.39 -3.01 0.35
N MET E 208 16.11 -2.24 -0.45
CA MET E 208 15.81 -2.03 -1.86
C MET E 208 17.09 -1.55 -2.50
N GLU E 209 17.62 -2.32 -3.45
CA GLU E 209 18.96 -2.07 -3.98
C GLU E 209 18.94 -0.95 -5.00
N GLU E 210 18.38 0.20 -4.63
CA GLU E 210 18.38 1.39 -5.45
C GLU E 210 18.55 2.60 -4.56
N LEU E 211 18.58 3.77 -5.19
CA LEU E 211 18.57 5.02 -4.46
C LEU E 211 17.18 5.64 -4.38
N PHE E 212 16.27 5.26 -5.27
CA PHE E 212 15.19 6.14 -5.68
C PHE E 212 13.80 5.60 -5.42
N VAL E 213 13.47 4.41 -5.92
CA VAL E 213 12.15 3.87 -5.66
C VAL E 213 12.04 3.47 -4.20
N ALA E 214 13.16 3.11 -3.60
CA ALA E 214 13.17 2.72 -2.21
C ALA E 214 12.75 3.91 -1.34
N PRO E 215 11.54 3.92 -0.79
CA PRO E 215 11.15 5.04 0.09
C PRO E 215 12.04 5.16 1.31
N LEU E 216 12.84 4.14 1.63
CA LEU E 216 13.81 4.26 2.71
C LEU E 216 14.72 5.46 2.54
N HIS E 217 14.99 5.85 1.30
CA HIS E 217 15.81 7.04 1.05
C HIS E 217 15.01 8.32 1.12
N TYR E 218 13.68 8.26 1.02
CA TYR E 218 12.87 9.46 1.11
C TYR E 218 13.01 10.16 2.45
N GLY E 219 13.64 9.52 3.43
CA GLY E 219 13.95 10.22 4.66
C GLY E 219 14.77 11.47 4.41
N PHE E 220 15.98 11.30 3.89
CA PHE E 220 16.84 12.42 3.61
C PHE E 220 16.64 12.99 2.21
N VAL E 221 15.58 12.59 1.52
CA VAL E 221 15.05 13.47 0.49
C VAL E 221 14.33 14.63 1.14
N PHE E 222 13.77 14.41 2.33
CA PHE E 222 13.20 15.47 3.14
C PHE E 222 14.28 16.18 3.93
N PHE E 223 15.40 16.40 3.32
CA PHE E 223 16.54 17.16 3.80
C PHE E 223 17.07 18.09 2.74
N GLY E 224 17.11 17.65 1.49
CA GLY E 224 17.48 18.56 0.42
C GLY E 224 16.51 19.70 0.30
N TRP E 225 15.23 19.43 0.49
CA TRP E 225 14.24 20.50 0.52
C TRP E 225 14.62 21.52 1.58
N SER E 226 14.84 21.07 2.80
CA SER E 226 15.28 21.98 3.85
C SER E 226 16.47 22.81 3.40
N ALA E 227 17.32 22.27 2.52
CA ALA E 227 18.43 23.11 1.98
C ALA E 227 17.90 24.19 1.03
N LEU E 228 16.65 24.64 1.19
CA LEU E 228 16.09 25.77 0.38
C LEU E 228 15.83 26.91 1.35
N GLY E 229 16.34 26.81 2.58
CA GLY E 229 16.18 27.90 3.57
C GLY E 229 17.08 29.06 3.21
N VAL E 230 17.94 28.89 2.20
CA VAL E 230 18.80 30.01 1.71
C VAL E 230 17.95 30.90 0.81
N LEU E 231 16.63 30.76 0.84
CA LEU E 231 15.74 31.68 0.10
C LEU E 231 15.31 32.70 1.16
N GLY E 232 15.24 32.24 2.42
CA GLY E 232 14.88 33.14 3.53
C GLY E 232 16.07 33.94 4.03
N VAL E 233 17.22 33.29 4.26
CA VAL E 233 18.39 34.07 4.65
C VAL E 233 18.70 35.15 3.63
N ILE E 234 18.46 34.86 2.35
CA ILE E 234 18.77 35.87 1.33
C ILE E 234 17.75 37.00 1.36
N ASN E 235 16.49 36.68 1.61
CA ASN E 235 15.49 37.74 1.73
C ASN E 235 15.80 38.64 2.91
N ILE E 236 16.18 38.06 4.04
CA ILE E 236 16.51 38.86 5.22
C ILE E 236 17.75 39.71 4.97
N GLU E 237 18.84 39.07 4.54
CA GLU E 237 20.09 39.78 4.30
C GLU E 237 19.99 40.76 3.15
N LEU E 238 18.84 40.81 2.48
CA LEU E 238 18.63 41.81 1.39
C LEU E 238 17.45 42.69 1.78
N GLY E 239 17.27 42.94 3.07
CA GLY E 239 16.19 43.81 3.56
C GLY E 239 16.75 44.81 4.54
N ALA E 240 17.78 44.41 5.28
CA ALA E 240 18.50 45.36 6.15
C ALA E 240 19.67 45.92 5.35
N LEU E 241 20.06 45.24 4.27
CA LEU E 241 21.19 45.69 3.41
C LEU E 241 20.66 46.62 2.33
N SER E 242 19.40 46.44 1.93
CA SER E 242 18.78 47.36 0.94
C SER E 242 18.61 48.74 1.59
N LYS E 243 18.54 48.78 2.92
CA LYS E 243 18.40 50.07 3.65
C LYS E 243 19.79 50.60 4.01
N LEU E 244 20.85 49.91 3.59
CA LEU E 244 22.23 50.39 3.84
C LEU E 244 22.84 50.80 2.49
N LEU E 245 22.00 50.97 1.47
CA LEU E 245 22.50 51.31 0.11
C LEU E 245 21.50 52.23 -0.58
N LYS E 246 20.30 52.38 -0.01
CA LYS E 246 19.23 53.18 -0.67
C LYS E 246 19.72 54.60 -0.98
N LYS E 247 20.22 55.34 0.02
CA LYS E 247 20.63 56.75 -0.19
C LYS E 247 21.63 56.86 -1.34
N ASP E 248 22.67 56.02 -1.33
CA ASP E 248 23.70 56.07 -2.40
C ASP E 248 23.24 55.22 -3.59
N LEU E 249 22.30 55.73 -4.38
CA LEU E 249 21.74 54.94 -5.52
C LEU E 249 22.75 54.91 -6.66
N ALA E 250 23.02 56.05 -7.30
CA ALA E 250 23.93 56.09 -8.46
C ALA E 250 25.38 55.90 -8.00
N SER F 6 -11.38 37.14 49.67
CA SER F 6 -12.27 38.32 49.77
C SER F 6 -13.49 37.98 50.64
N ALA F 7 -13.92 36.72 50.60
CA ALA F 7 -15.09 36.28 51.39
C ALA F 7 -14.84 34.87 51.93
N VAL F 8 -13.65 34.31 51.66
CA VAL F 8 -13.30 32.94 52.17
C VAL F 8 -13.17 33.02 53.69
N ARG F 9 -11.98 33.41 54.18
CA ARG F 9 -11.74 33.52 55.64
C ARG F 9 -10.42 34.28 55.81
N SER F 10 -9.31 33.57 55.62
CA SER F 10 -7.96 34.21 55.73
C SER F 10 -7.21 34.01 54.40
N ARG F 11 -5.95 34.43 54.35
CA ARG F 11 -5.12 34.24 53.13
C ARG F 11 -4.53 32.83 53.19
N ALA F 12 -4.45 32.24 54.38
CA ALA F 12 -3.96 30.85 54.52
C ALA F 12 -5.07 29.89 54.11
N GLU F 13 -6.33 30.33 54.19
CA GLU F 13 -7.46 29.50 53.74
C GLU F 13 -7.35 29.28 52.23
N ALA F 14 -6.90 30.31 51.50
CA ALA F 14 -6.72 30.20 50.03
C ALA F 14 -5.63 29.17 49.72
N VAL F 15 -4.60 29.10 50.58
CA VAL F 15 -3.50 28.11 50.37
C VAL F 15 -4.10 26.70 50.49
N LYS F 16 -4.96 26.49 51.49
CA LYS F 16 -5.60 25.16 51.69
C LYS F 16 -6.55 24.88 50.52
N VAL F 17 -7.29 25.89 50.06
CA VAL F 17 -8.21 25.72 48.91
C VAL F 17 -7.38 25.35 47.68
N SER F 18 -6.26 26.04 47.46
CA SER F 18 -5.36 25.71 46.33
C SER F 18 -4.88 24.26 46.47
N ARG F 19 -4.41 23.88 47.65
CA ARG F 19 -3.87 22.50 47.87
C ARG F 19 -4.94 21.47 47.48
N THR F 20 -6.16 21.61 48.01
CA THR F 20 -7.24 20.63 47.72
C THR F 20 -7.49 20.59 46.22
N PHE F 21 -7.61 21.76 45.58
CA PHE F 21 -7.80 21.81 44.10
C PHE F 21 -6.67 21.05 43.41
N ASP F 22 -5.42 21.30 43.81
CA ASP F 22 -4.24 20.62 43.20
C ASP F 22 -4.45 19.09 43.25
N TYR F 23 -4.80 18.56 44.42
CA TYR F 23 -4.95 17.09 44.57
C TYR F 23 -6.02 16.58 43.61
N MET F 24 -7.14 17.31 43.49
CA MET F 24 -8.22 16.91 42.54
C MET F 24 -7.69 16.96 41.11
N ILE F 25 -7.12 18.08 40.67
CA ILE F 25 -6.66 18.26 39.30
C ILE F 25 -5.64 17.19 38.96
N LEU F 26 -4.71 16.91 39.86
CA LEU F 26 -3.71 15.89 39.63
C LEU F 26 -4.35 14.54 39.42
N PHE F 27 -5.29 14.18 40.28
CA PHE F 27 -6.02 12.92 40.13
C PHE F 27 -6.65 12.82 38.76
N THR F 28 -7.43 13.83 38.38
CA THR F 28 -8.17 13.74 37.13
C THR F 28 -7.23 13.68 35.93
N VAL F 29 -6.19 14.51 35.92
CA VAL F 29 -5.25 14.46 34.81
C VAL F 29 -4.58 13.09 34.75
N PHE F 30 -4.05 12.64 35.88
CA PHE F 30 -3.41 11.34 35.92
C PHE F 30 -4.30 10.29 35.26
N PHE F 31 -5.55 10.21 35.68
CA PHE F 31 -6.36 9.08 35.21
C PHE F 31 -6.88 9.27 33.79
N VAL F 32 -7.23 10.49 33.39
CA VAL F 32 -7.69 10.69 32.02
C VAL F 32 -6.55 10.44 31.04
N VAL F 33 -5.39 11.02 31.32
CA VAL F 33 -4.24 10.77 30.47
C VAL F 33 -3.85 9.31 30.50
N LEU F 34 -4.02 8.65 31.65
CA LEU F 34 -3.76 7.22 31.72
C LEU F 34 -4.64 6.47 30.75
N GLY F 35 -5.94 6.73 30.79
CA GLY F 35 -6.84 6.08 29.87
C GLY F 35 -6.43 6.27 28.43
N GLY F 36 -6.27 7.54 28.04
CA GLY F 36 -5.94 7.81 26.65
C GLY F 36 -4.62 7.19 26.23
N TYR F 37 -3.57 7.41 27.01
CA TYR F 37 -2.25 6.87 26.72
C TYR F 37 -2.30 5.35 26.62
N HIS F 38 -2.96 4.69 27.57
CA HIS F 38 -2.98 3.25 27.57
C HIS F 38 -3.69 2.72 26.34
N ILE F 39 -4.81 3.32 25.97
CA ILE F 39 -5.50 2.81 24.79
C ILE F 39 -4.62 3.02 23.55
N HIS F 40 -4.02 4.19 23.42
CA HIS F 40 -3.17 4.46 22.27
C HIS F 40 -2.02 3.45 22.19
N TYR F 41 -1.35 3.23 23.31
CA TYR F 41 -0.23 2.31 23.34
C TYR F 41 -0.68 0.89 23.06
N MET F 42 -1.59 0.38 23.86
CA MET F 42 -2.08 -0.97 23.70
C MET F 42 -2.77 -1.20 22.37
N LEU F 43 -2.91 -0.19 21.52
CA LEU F 43 -3.52 -0.47 20.19
C LEU F 43 -2.59 -0.06 19.04
N THR F 44 -1.36 0.37 19.34
CA THR F 44 -0.39 0.70 18.26
C THR F 44 0.84 -0.19 18.40
N GLY F 45 1.33 -0.36 19.63
CA GLY F 45 2.53 -1.20 19.86
C GLY F 45 2.43 -1.87 21.21
N GLY F 46 1.72 -3.00 21.28
CA GLY F 46 1.51 -3.66 22.58
C GLY F 46 1.47 -5.18 22.48
N ASP F 47 1.54 -5.76 21.28
CA ASP F 47 1.64 -7.23 21.17
C ASP F 47 3.04 -7.58 21.61
N TRP F 48 3.99 -6.74 21.20
CA TRP F 48 5.39 -6.93 21.66
C TRP F 48 5.39 -6.75 23.17
N ASP F 49 4.55 -5.83 23.68
CA ASP F 49 4.45 -5.58 25.14
C ASP F 49 3.75 -6.74 25.84
N PHE F 50 2.86 -7.49 25.15
CA PHE F 50 2.13 -8.51 25.89
C PHE F 50 3.01 -9.70 26.24
N TRP F 51 3.78 -10.20 25.27
CA TRP F 51 4.44 -11.49 25.38
C TRP F 51 5.94 -11.33 25.34
N THR F 52 6.64 -12.09 26.17
CA THR F 52 8.09 -12.02 26.18
C THR F 52 8.68 -12.54 24.87
N ASP F 53 8.05 -13.52 24.25
CA ASP F 53 8.58 -14.05 23.00
C ASP F 53 8.31 -13.15 21.81
N TRP F 54 7.78 -11.95 22.04
CA TRP F 54 7.68 -10.94 21.02
C TRP F 54 8.71 -9.82 21.19
N LYS F 55 9.42 -9.79 22.31
CA LYS F 55 10.36 -8.73 22.60
C LYS F 55 11.69 -9.05 21.93
N ASP F 56 11.72 -8.84 20.62
CA ASP F 56 12.86 -9.17 19.80
C ASP F 56 13.81 -7.99 19.71
N ARG F 57 14.75 -8.05 18.78
CA ARG F 57 15.78 -7.04 18.65
C ARG F 57 15.50 -6.01 17.56
N ARG F 58 14.57 -6.26 16.65
CA ARG F 58 14.35 -5.35 15.53
C ARG F 58 13.03 -4.60 15.64
N LEU F 59 11.91 -5.31 15.74
CA LEU F 59 10.64 -4.60 15.69
C LEU F 59 10.22 -4.06 17.04
N TRP F 60 10.48 -4.78 18.12
CA TRP F 60 10.17 -4.26 19.43
C TRP F 60 10.95 -2.98 19.69
N VAL F 61 12.26 -3.02 19.54
CA VAL F 61 13.11 -1.86 19.82
C VAL F 61 12.77 -0.71 18.90
N THR F 62 12.18 -1.01 17.74
CA THR F 62 11.85 0.06 16.80
C THR F 62 10.51 0.68 17.11
N VAL F 63 9.53 -0.12 17.54
CA VAL F 63 8.16 0.37 17.64
C VAL F 63 7.88 0.90 19.04
N ALA F 64 8.32 0.19 20.07
CA ALA F 64 7.92 0.57 21.42
C ALA F 64 8.19 2.05 21.68
N PRO F 65 9.43 2.51 21.56
CA PRO F 65 9.71 3.91 21.90
C PRO F 65 9.02 4.90 20.99
N ILE F 66 8.95 4.61 19.69
CA ILE F 66 8.32 5.52 18.75
C ILE F 66 6.91 5.85 19.20
N VAL F 67 6.05 4.83 19.29
CA VAL F 67 4.67 5.07 19.66
C VAL F 67 4.54 5.46 21.12
N SER F 68 5.54 5.16 21.94
CA SER F 68 5.47 5.49 23.35
C SER F 68 5.72 6.95 23.64
N ILE F 69 6.51 7.63 22.80
CA ILE F 69 6.87 9.01 23.09
C ILE F 69 5.78 10.01 22.76
N THR F 70 4.66 9.54 22.19
CA THR F 70 3.56 10.44 21.74
C THR F 70 2.97 11.24 22.90
N PHE F 71 2.26 10.60 23.83
CA PHE F 71 1.55 11.31 24.93
C PHE F 71 2.50 12.12 25.82
N PRO F 72 3.67 11.60 26.27
CA PRO F 72 4.62 12.41 27.03
C PRO F 72 4.85 13.79 26.39
N ALA F 73 5.11 13.84 25.08
CA ALA F 73 5.38 15.11 24.38
C ALA F 73 4.14 16.02 24.38
N ALA F 74 2.97 15.47 24.08
CA ALA F 74 1.72 16.27 24.02
C ALA F 74 1.41 16.89 25.38
N VAL F 75 1.43 16.08 26.45
CA VAL F 75 1.12 16.57 27.82
C VAL F 75 2.16 17.63 28.22
N GLN F 76 3.40 17.46 27.75
CA GLN F 76 4.49 18.40 28.10
C GLN F 76 4.29 19.77 27.44
N ALA F 77 3.47 19.84 26.40
CA ALA F 77 3.32 21.11 25.66
C ALA F 77 2.52 22.15 26.46
N VAL F 78 1.83 21.76 27.53
CA VAL F 78 1.13 22.78 28.39
C VAL F 78 1.56 22.59 29.84
N LEU F 79 2.03 21.40 30.20
CA LEU F 79 2.55 21.20 31.57
C LEU F 79 4.01 21.62 31.58
N TRP F 80 4.32 22.80 31.02
CA TRP F 80 5.71 23.33 31.01
C TRP F 80 5.67 24.83 30.66
N TRP F 81 4.86 25.23 29.70
CA TRP F 81 4.88 26.66 29.34
C TRP F 81 3.72 27.39 30.01
N ARG F 82 2.89 26.65 30.75
CA ARG F 82 1.77 27.27 31.50
C ARG F 82 2.07 27.24 33.00
N TYR F 83 2.67 26.14 33.48
CA TYR F 83 2.90 26.00 34.95
C TYR F 83 4.33 25.53 35.24
N ARG F 84 5.22 25.54 34.25
CA ARG F 84 6.64 25.13 34.45
C ARG F 84 6.71 23.78 35.18
N ILE F 85 5.84 22.83 34.83
CA ILE F 85 5.79 21.54 35.55
C ILE F 85 6.93 20.64 35.04
N ALA F 86 7.88 20.27 35.90
CA ALA F 86 9.03 19.49 35.48
C ALA F 86 8.67 18.07 35.05
N TRP F 87 7.80 17.40 35.77
CA TRP F 87 7.32 16.09 35.39
C TRP F 87 6.29 16.25 34.28
N GLY F 88 5.58 15.18 33.98
CA GLY F 88 4.60 15.23 32.91
C GLY F 88 4.84 14.13 31.91
N ALA F 89 6.10 13.86 31.62
CA ALA F 89 6.44 12.60 30.95
C ALA F 89 6.53 11.47 31.96
N THR F 90 7.13 11.76 33.12
CA THR F 90 7.11 10.81 34.22
C THR F 90 5.68 10.44 34.59
N LEU F 91 4.78 11.41 34.61
CA LEU F 91 3.41 11.13 34.98
C LEU F 91 2.73 10.26 33.94
N CYS F 92 2.93 10.58 32.66
CA CYS F 92 2.40 9.74 31.60
C CYS F 92 2.88 8.30 31.75
N VAL F 93 4.18 8.12 31.98
CA VAL F 93 4.72 6.77 32.02
C VAL F 93 4.28 6.04 33.28
N LEU F 94 4.19 6.75 34.40
CA LEU F 94 3.68 6.13 35.61
C LEU F 94 2.27 5.63 35.40
N GLY F 95 1.42 6.44 34.77
CA GLY F 95 0.07 5.99 34.50
C GLY F 95 0.03 4.78 33.59
N LEU F 96 0.78 4.85 32.49
CA LEU F 96 0.80 3.72 31.57
C LEU F 96 1.22 2.44 32.28
N LEU F 97 2.29 2.52 33.06
CA LEU F 97 2.81 1.32 33.71
C LEU F 97 1.84 0.81 34.76
N LEU F 98 1.20 1.70 35.51
CA LEU F 98 0.23 1.24 36.49
C LEU F 98 -0.92 0.51 35.82
N GLY F 99 -1.49 1.11 34.77
CA GLY F 99 -2.58 0.46 34.08
C GLY F 99 -2.17 -0.90 33.54
N GLU F 100 -1.01 -0.95 32.88
CA GLU F 100 -0.56 -2.20 32.29
C GLU F 100 -0.32 -3.26 33.35
N TRP F 101 0.27 -2.89 34.48
CA TRP F 101 0.54 -3.90 35.50
C TRP F 101 -0.74 -4.39 36.14
N ILE F 102 -1.68 -3.49 36.41
CA ILE F 102 -2.96 -3.93 36.95
C ILE F 102 -3.61 -4.93 36.01
N ASN F 103 -3.62 -4.62 34.72
CA ASN F 103 -4.25 -5.53 33.77
C ASN F 103 -3.50 -6.86 33.69
N ARG F 104 -2.18 -6.82 33.59
CA ARG F 104 -1.42 -8.06 33.48
C ARG F 104 -1.63 -8.95 34.69
N TYR F 105 -1.62 -8.36 35.89
CA TYR F 105 -1.67 -9.19 37.07
C TYR F 105 -3.08 -9.67 37.38
N PHE F 106 -4.09 -8.86 37.11
CA PHE F 106 -5.44 -9.22 37.52
C PHE F 106 -6.27 -9.83 36.41
N ASN F 107 -5.88 -9.66 35.15
CA ASN F 107 -6.61 -10.25 34.03
C ASN F 107 -5.77 -11.29 33.30
N PHE F 108 -4.60 -10.91 32.80
CA PHE F 108 -3.76 -11.88 32.10
C PHE F 108 -3.45 -13.07 32.99
N TRP F 109 -3.06 -12.82 34.23
CA TRP F 109 -2.73 -13.88 35.16
C TRP F 109 -3.91 -14.30 36.01
N GLY F 110 -4.60 -13.32 36.60
CA GLY F 110 -5.68 -13.65 37.51
C GLY F 110 -6.91 -14.22 36.84
N TRP F 111 -7.09 -13.96 35.56
CA TRP F 111 -8.29 -14.40 34.84
C TRP F 111 -8.01 -15.57 33.90
N THR F 112 -7.01 -15.45 33.04
CA THR F 112 -6.68 -16.50 32.09
C THR F 112 -5.50 -17.35 32.52
N TYR F 113 -4.76 -16.93 33.54
CA TYR F 113 -3.72 -17.74 34.16
C TYR F 113 -2.49 -17.89 33.28
N PHE F 114 -2.17 -16.88 32.51
CA PHE F 114 -0.85 -16.83 31.90
C PHE F 114 0.17 -16.48 32.98
N PRO F 115 1.28 -17.21 33.07
CA PRO F 115 2.26 -16.88 34.11
C PRO F 115 2.77 -15.47 33.95
N VAL F 116 3.03 -14.81 35.08
CA VAL F 116 3.40 -13.41 35.04
C VAL F 116 4.75 -13.22 34.36
N ASN F 117 5.68 -14.15 34.54
CA ASN F 117 6.97 -14.01 33.87
C ASN F 117 6.87 -14.19 32.37
N PHE F 118 5.66 -14.28 31.84
CA PHE F 118 5.43 -14.38 30.41
C PHE F 118 4.79 -13.14 29.81
N VAL F 119 4.18 -12.29 30.63
CA VAL F 119 3.36 -11.20 30.10
C VAL F 119 3.70 -9.86 30.73
N PHE F 120 4.83 -9.76 31.43
CA PHE F 120 5.14 -8.51 32.08
C PHE F 120 5.35 -7.41 31.05
N PRO F 121 5.16 -6.16 31.44
CA PRO F 121 5.19 -5.06 30.47
C PRO F 121 6.60 -4.59 30.16
N SER F 122 6.70 -3.73 29.16
CA SER F 122 7.97 -3.10 28.84
C SER F 122 8.30 -2.03 29.87
N ASN F 123 9.57 -1.66 29.97
CA ASN F 123 10.00 -0.64 30.97
C ASN F 123 10.31 0.67 30.22
N LEU F 124 9.57 1.74 30.53
CA LEU F 124 9.74 3.02 29.80
C LEU F 124 10.10 4.13 30.79
N MET F 125 10.40 3.77 32.04
CA MET F 125 10.78 4.77 33.07
C MET F 125 12.08 5.51 32.72
N PRO F 126 13.22 4.88 32.37
CA PRO F 126 14.46 5.64 32.08
C PRO F 126 14.25 6.81 31.11
N GLY F 127 13.87 6.54 29.86
CA GLY F 127 13.68 7.57 28.85
C GLY F 127 12.80 8.70 29.34
N ALA F 128 11.77 8.38 30.12
CA ALA F 128 10.88 9.41 30.63
C ALA F 128 11.63 10.39 31.53
N ILE F 129 12.41 9.86 32.47
CA ILE F 129 13.13 10.75 33.37
C ILE F 129 14.14 11.59 32.61
N VAL F 130 14.85 10.99 31.67
CA VAL F 130 15.85 11.77 30.95
C VAL F 130 15.18 12.85 30.11
N LEU F 131 14.02 12.54 29.54
CA LEU F 131 13.30 13.54 28.75
C LEU F 131 12.85 14.69 29.64
N ASP F 132 12.28 14.38 30.80
CA ASP F 132 11.85 15.42 31.70
C ASP F 132 13.01 16.31 32.09
N VAL F 133 14.17 15.72 32.37
CA VAL F 133 15.31 16.53 32.78
C VAL F 133 15.81 17.37 31.62
N ILE F 134 16.02 16.76 30.46
CA ILE F 134 16.48 17.49 29.29
C ILE F 134 15.55 18.66 28.98
N LEU F 135 14.28 18.56 29.36
CA LEU F 135 13.40 19.70 29.14
C LEU F 135 13.54 20.73 30.24
N MET F 136 13.63 20.29 31.50
CA MET F 136 13.81 21.25 32.58
C MET F 136 15.00 22.16 32.32
N LEU F 137 16.17 21.56 32.06
CA LEU F 137 17.30 22.33 31.58
C LEU F 137 17.14 22.57 30.08
N SER F 138 17.68 23.67 29.60
CA SER F 138 17.68 24.05 28.20
C SER F 138 16.33 24.55 27.72
N ASN F 139 15.27 24.42 28.50
CA ASN F 139 14.00 25.08 28.26
C ASN F 139 13.71 25.25 26.77
N SER F 140 14.07 24.27 25.96
CA SER F 140 13.94 24.37 24.51
C SER F 140 13.16 23.19 23.97
N MET F 141 12.27 23.46 23.03
CA MET F 141 11.47 22.39 22.47
C MET F 141 12.20 21.66 21.35
N THR F 142 12.98 22.39 20.55
CA THR F 142 13.75 21.75 19.48
C THR F 142 14.98 21.05 20.03
N LEU F 143 15.69 21.69 20.96
CA LEU F 143 16.80 21.03 21.62
C LEU F 143 16.31 19.76 22.32
N THR F 144 15.24 19.87 23.11
CA THR F 144 14.66 18.70 23.73
C THR F 144 14.20 17.71 22.67
N ALA F 145 13.48 18.18 21.67
CA ALA F 145 13.07 17.29 20.58
C ALA F 145 14.22 16.39 20.17
N VAL F 146 15.30 17.00 19.65
CA VAL F 146 16.41 16.22 19.11
C VAL F 146 17.02 15.32 20.18
N VAL F 147 17.52 15.93 21.26
CA VAL F 147 18.33 15.17 22.22
C VAL F 147 17.48 14.14 22.94
N GLY F 148 16.35 14.57 23.50
CA GLY F 148 15.48 13.64 24.20
C GLY F 148 14.92 12.56 23.30
N GLY F 149 14.67 12.87 22.03
CA GLY F 149 14.23 11.83 21.12
C GLY F 149 15.30 10.77 20.92
N LEU F 150 16.53 11.21 20.68
CA LEU F 150 17.61 10.23 20.56
C LEU F 150 17.75 9.42 21.84
N ALA F 151 17.67 10.07 23.00
CA ALA F 151 17.80 9.34 24.25
C ALA F 151 16.69 8.32 24.41
N TRP F 152 15.44 8.78 24.34
CA TRP F 152 14.29 7.90 24.37
C TRP F 152 14.50 6.68 23.48
N GLY F 153 14.92 6.91 22.24
CA GLY F 153 15.12 5.80 21.33
C GLY F 153 16.24 4.87 21.74
N LEU F 154 17.30 5.41 22.34
CA LEU F 154 18.48 4.62 22.65
C LEU F 154 18.45 3.98 24.03
N LEU F 155 17.73 4.57 24.98
CA LEU F 155 17.72 4.04 26.33
C LEU F 155 16.74 2.89 26.52
N PHE F 156 15.96 2.56 25.50
CA PHE F 156 14.89 1.58 25.67
C PHE F 156 15.46 0.18 25.89
N TYR F 157 16.19 -0.32 24.91
CA TYR F 157 16.68 -1.68 24.95
C TYR F 157 17.65 -1.88 26.10
N PRO F 158 18.58 -0.95 26.32
CA PRO F 158 19.43 -1.06 27.51
C PRO F 158 18.65 -1.06 28.79
N GLY F 159 17.57 -0.26 28.85
CA GLY F 159 16.76 -0.24 30.06
C GLY F 159 15.96 -1.50 30.29
N ASN F 160 15.68 -2.25 29.23
CA ASN F 160 14.93 -3.49 29.37
C ASN F 160 15.78 -4.74 29.45
N TRP F 161 17.00 -4.71 28.93
CA TRP F 161 17.79 -5.94 28.85
C TRP F 161 17.95 -6.65 30.19
N PRO F 162 18.30 -5.98 31.28
CA PRO F 162 18.46 -6.71 32.54
C PRO F 162 17.23 -7.49 32.96
N ILE F 163 16.08 -7.19 32.39
CA ILE F 163 14.85 -7.86 32.79
C ILE F 163 14.58 -9.09 31.94
N ILE F 164 14.85 -9.01 30.64
CA ILE F 164 14.58 -10.12 29.73
C ILE F 164 15.79 -11.00 29.49
N ALA F 165 16.97 -10.60 29.95
CA ALA F 165 18.14 -11.43 29.72
C ALA F 165 17.98 -12.84 30.25
N PRO F 166 17.48 -13.08 31.46
CA PRO F 166 17.38 -14.45 31.95
C PRO F 166 16.58 -15.36 31.04
N LEU F 167 15.69 -14.80 30.23
CA LEU F 167 14.85 -15.59 29.36
C LEU F 167 15.44 -15.81 27.99
N HIS F 168 16.66 -15.34 27.75
CA HIS F 168 17.32 -15.56 26.47
C HIS F 168 18.39 -16.64 26.56
N VAL F 169 18.42 -17.38 27.65
CA VAL F 169 19.33 -18.53 27.74
C VAL F 169 18.88 -19.59 26.75
N PRO F 170 19.77 -20.13 25.93
CA PRO F 170 19.35 -21.13 24.94
C PRO F 170 18.99 -22.45 25.59
N VAL F 171 18.19 -23.22 24.87
CA VAL F 171 17.72 -24.51 25.35
C VAL F 171 17.52 -25.41 24.14
N GLU F 172 17.83 -26.70 24.31
CA GLU F 172 17.57 -27.70 23.29
C GLU F 172 16.32 -28.45 23.70
N TYR F 173 15.26 -28.33 22.91
CA TYR F 173 13.97 -28.91 23.22
C TYR F 173 13.60 -29.87 22.10
N ASN F 174 13.60 -31.16 22.40
CA ASN F 174 13.20 -32.17 21.43
C ASN F 174 13.95 -32.02 20.11
N GLY F 175 15.22 -31.67 20.21
CA GLY F 175 16.07 -31.60 19.04
C GLY F 175 16.21 -30.24 18.40
N MET F 176 15.30 -29.30 18.70
CA MET F 176 15.40 -27.95 18.20
C MET F 176 15.97 -27.05 19.28
N MET F 177 16.67 -26.00 18.85
CA MET F 177 17.23 -25.02 19.77
C MET F 177 16.23 -23.88 19.94
N MET F 178 16.00 -23.48 21.19
CA MET F 178 15.05 -22.43 21.49
C MET F 178 15.50 -21.69 22.73
N THR F 179 15.20 -20.40 22.77
CA THR F 179 15.39 -19.64 23.98
C THR F 179 14.25 -19.90 24.96
N LEU F 180 14.47 -19.59 26.23
CA LEU F 180 13.42 -19.80 27.21
C LEU F 180 12.17 -19.01 26.87
N ALA F 181 12.32 -17.87 26.22
CA ALA F 181 11.14 -17.10 25.81
C ALA F 181 10.37 -17.81 24.71
N ASP F 182 11.07 -18.36 23.72
CA ASP F 182 10.40 -19.16 22.71
C ASP F 182 9.74 -20.38 23.34
N LEU F 183 10.40 -21.00 24.31
CA LEU F 183 9.80 -22.14 24.98
C LEU F 183 8.53 -21.73 25.70
N GLN F 184 8.53 -20.58 26.37
CA GLN F 184 7.31 -20.08 26.99
C GLN F 184 6.21 -19.92 25.94
N GLY F 185 6.50 -19.18 24.88
CA GLY F 185 5.51 -19.00 23.84
C GLY F 185 5.00 -20.31 23.27
N TYR F 186 5.81 -21.34 23.33
CA TYR F 186 5.41 -22.64 22.81
C TYR F 186 4.52 -23.40 23.79
N HIS F 187 4.85 -23.33 25.07
CA HIS F 187 4.12 -24.11 26.06
C HIS F 187 2.73 -23.55 26.33
N TYR F 188 2.65 -22.26 26.63
CA TYR F 188 1.40 -21.65 27.08
C TYR F 188 0.59 -21.26 25.86
N VAL F 189 -0.44 -22.05 25.56
CA VAL F 189 -1.16 -21.93 24.31
C VAL F 189 -1.88 -20.59 24.24
N ARG F 190 -1.72 -19.90 23.12
CA ARG F 190 -2.49 -18.71 22.81
C ARG F 190 -3.30 -19.02 21.56
N THR F 191 -4.48 -19.58 21.75
CA THR F 191 -5.27 -20.02 20.60
C THR F 191 -5.53 -18.88 19.64
N GLY F 192 -5.52 -17.65 20.13
CA GLY F 192 -5.76 -16.51 19.26
C GLY F 192 -4.54 -15.91 18.62
N THR F 193 -3.35 -16.37 19.01
CA THR F 193 -2.08 -15.80 18.53
C THR F 193 -1.22 -16.91 17.96
N PRO F 194 -1.47 -17.32 16.72
CA PRO F 194 -0.58 -18.28 16.07
C PRO F 194 0.84 -17.76 16.03
N GLU F 195 1.77 -18.67 15.73
CA GLU F 195 3.17 -18.30 15.77
C GLU F 195 3.55 -17.40 14.60
N TYR F 196 2.89 -17.57 13.45
CA TYR F 196 3.31 -16.85 12.27
C TYR F 196 3.02 -15.36 12.34
N ILE F 197 2.06 -14.93 13.16
CA ILE F 197 1.83 -13.50 13.27
C ILE F 197 2.94 -12.81 14.04
N ARG F 198 3.78 -13.58 14.75
CA ARG F 198 4.85 -13.00 15.52
C ARG F 198 5.75 -12.18 14.62
N MET F 199 5.73 -10.86 14.80
CA MET F 199 6.56 -9.96 14.00
C MET F 199 7.86 -9.72 14.74
N VAL F 200 8.83 -10.59 14.52
CA VAL F 200 10.13 -10.48 15.15
C VAL F 200 11.20 -10.59 14.08
N GLU F 201 12.42 -10.20 14.45
CA GLU F 201 13.54 -10.30 13.52
C GLU F 201 13.71 -11.73 13.05
N LYS F 202 13.79 -11.92 11.74
CA LYS F 202 13.95 -13.23 11.15
C LYS F 202 15.19 -13.36 10.28
N GLY F 203 15.97 -12.31 10.13
CA GLY F 203 17.17 -12.40 9.32
C GLY F 203 16.87 -12.23 7.83
N THR F 204 17.81 -11.59 7.13
CA THR F 204 17.65 -11.36 5.67
C THR F 204 19.02 -11.48 4.99
N LEU F 205 19.06 -11.31 3.67
CA LEU F 205 20.35 -11.35 2.94
C LEU F 205 21.03 -9.99 3.07
N ARG F 206 20.25 -8.95 3.39
CA ARG F 206 20.80 -7.58 3.54
C ARG F 206 21.04 -7.29 5.03
N THR F 207 20.73 -8.26 5.90
CA THR F 207 20.98 -8.09 7.35
C THR F 207 22.41 -8.56 7.66
N PHE F 208 23.01 -8.03 8.73
CA PHE F 208 24.37 -8.46 9.14
C PHE F 208 24.25 -9.38 10.35
N GLY F 209 25.22 -10.27 10.56
CA GLY F 209 25.22 -11.14 11.76
C GLY F 209 25.39 -10.33 13.02
N LYS F 210 24.28 -9.99 13.70
CA LYS F 210 24.30 -9.19 14.96
C LYS F 210 24.53 -7.70 14.68
N ASP F 211 23.43 -6.95 14.48
CA ASP F 211 23.52 -5.47 14.28
C ASP F 211 22.09 -4.96 14.42
N VAL F 212 21.14 -5.85 14.70
CA VAL F 212 19.69 -5.49 14.76
C VAL F 212 19.44 -4.54 15.95
N ALA F 213 19.69 -4.99 17.19
CA ALA F 213 19.37 -4.17 18.37
C ALA F 213 19.88 -2.72 18.22
N PRO F 214 21.19 -2.46 18.01
CA PRO F 214 21.69 -1.08 17.94
C PRO F 214 21.10 -0.28 16.77
N VAL F 215 21.04 -0.87 15.57
CA VAL F 215 20.51 -0.16 14.37
C VAL F 215 19.04 0.20 14.60
N SER F 216 18.28 -0.70 15.22
CA SER F 216 16.82 -0.47 15.45
C SER F 216 16.63 0.60 16.54
N ALA F 217 17.61 0.76 17.43
CA ALA F 217 17.52 1.76 18.52
C ALA F 217 17.91 3.14 17.97
N PHE F 218 18.78 3.18 16.97
CA PHE F 218 19.19 4.48 16.36
C PHE F 218 18.10 4.94 15.40
N PHE F 219 17.59 4.03 14.57
CA PHE F 219 16.44 4.37 13.72
C PHE F 219 15.27 4.84 14.58
N SER F 220 15.02 4.16 15.69
CA SER F 220 13.92 4.55 16.56
C SER F 220 14.16 5.92 17.16
N GLY F 221 15.40 6.23 17.53
CA GLY F 221 15.69 7.56 18.05
C GLY F 221 15.47 8.63 17.01
N PHE F 222 15.96 8.40 15.79
CA PHE F 222 15.75 9.38 14.74
C PHE F 222 14.26 9.62 14.51
N VAL F 223 13.47 8.56 14.47
CA VAL F 223 12.04 8.76 14.22
C VAL F 223 11.36 9.38 15.44
N SER F 224 11.85 9.10 16.64
CA SER F 224 11.30 9.73 17.82
C SER F 224 11.53 11.22 17.79
N ILE F 225 12.61 11.66 17.17
CA ILE F 225 12.80 13.10 17.00
C ILE F 225 11.57 13.72 16.34
N LEU F 226 11.20 13.21 15.16
CA LEU F 226 10.07 13.77 14.44
C LEU F 226 8.77 13.58 15.21
N ILE F 227 8.63 12.43 15.88
CA ILE F 227 7.39 12.19 16.61
C ILE F 227 7.22 13.21 17.72
N TYR F 228 8.29 13.45 18.50
CA TYR F 228 8.22 14.47 19.53
C TYR F 228 7.94 15.82 18.93
N PHE F 229 8.59 16.14 17.81
CA PHE F 229 8.32 17.42 17.16
C PHE F 229 6.84 17.58 16.87
N LEU F 230 6.24 16.61 16.19
CA LEU F 230 4.84 16.70 15.82
C LEU F 230 3.94 16.78 17.04
N TRP F 231 4.16 15.90 18.02
CA TRP F 231 3.23 15.86 19.12
C TRP F 231 3.40 17.03 20.07
N HIS F 232 4.53 17.74 20.01
CA HIS F 232 4.60 19.00 20.75
C HIS F 232 3.53 19.96 20.27
N PHE F 233 3.43 20.15 18.95
CA PHE F 233 2.41 21.04 18.43
C PHE F 233 1.02 20.47 18.65
N PHE F 234 0.84 19.17 18.44
CA PHE F 234 -0.47 18.57 18.73
C PHE F 234 -0.91 18.90 20.15
N GLY F 235 0.00 18.73 21.12
CA GLY F 235 -0.36 19.02 22.49
C GLY F 235 -0.59 20.50 22.73
N SER F 236 0.16 21.36 22.06
CA SER F 236 -0.10 22.78 22.17
C SER F 236 -1.52 23.10 21.71
N TRP F 237 -2.01 22.39 20.70
CA TRP F 237 -3.38 22.59 20.26
C TRP F 237 -4.38 22.09 21.31
N PHE F 238 -4.14 20.91 21.86
CA PHE F 238 -5.02 20.39 22.90
C PHE F 238 -5.12 21.33 24.08
N GLY F 239 -4.11 22.15 24.31
CA GLY F 239 -4.13 23.10 25.40
C GLY F 239 -4.92 24.35 25.11
N SER F 240 -5.56 24.44 23.94
CA SER F 240 -6.25 25.65 23.54
C SER F 240 -7.41 25.94 24.47
N GLU F 241 -7.68 27.24 24.68
CA GLU F 241 -8.82 27.68 25.46
C GLU F 241 -9.88 28.34 24.59
N LYS F 242 -9.82 28.12 23.28
CA LYS F 242 -10.77 28.74 22.37
C LYS F 242 -12.18 28.27 22.65
N PHE F 243 -13.14 29.15 22.38
CA PHE F 243 -14.56 28.85 22.50
C PHE F 243 -15.21 28.96 21.14
N VAL F 244 -16.19 28.10 20.89
CA VAL F 244 -16.86 28.10 19.60
C VAL F 244 -18.37 28.19 19.78
N SER G 6 26.94 56.98 3.00
CA SER G 6 26.92 57.96 4.12
C SER G 6 28.32 58.04 4.75
N ALA G 7 29.05 56.92 4.75
CA ALA G 7 30.40 56.89 5.35
C ALA G 7 31.31 56.01 4.49
N VAL G 8 30.79 55.48 3.39
CA VAL G 8 31.60 54.63 2.47
C VAL G 8 32.67 55.50 1.80
N ARG G 9 32.30 56.18 0.71
CA ARG G 9 33.25 57.08 -0.02
C ARG G 9 32.42 57.89 -1.00
N SER G 10 32.05 57.28 -2.13
CA SER G 10 31.22 57.97 -3.13
C SER G 10 29.94 57.16 -3.37
N ARG G 11 29.11 57.58 -4.32
CA ARG G 11 27.87 56.83 -4.65
C ARG G 11 28.25 55.71 -5.63
N ALA G 12 29.38 55.86 -6.33
CA ALA G 12 29.86 54.79 -7.24
C ALA G 12 30.50 53.68 -6.41
N GLU G 13 30.96 54.01 -5.19
CA GLU G 13 31.53 52.97 -4.29
C GLU G 13 30.42 52.00 -3.90
N ALA G 14 29.19 52.51 -3.71
CA ALA G 14 28.04 51.66 -3.36
C ALA G 14 27.74 50.70 -4.51
N VAL G 15 27.94 51.17 -5.75
CA VAL G 15 27.68 50.30 -6.94
C VAL G 15 28.68 49.14 -6.91
N LYS G 16 29.94 49.43 -6.59
CA LYS G 16 30.97 48.37 -6.50
C LYS G 16 30.67 47.43 -5.33
N VAL G 17 30.23 47.99 -4.20
CA VAL G 17 29.86 47.16 -3.02
C VAL G 17 28.70 46.27 -3.40
N SER G 18 27.70 46.81 -4.10
CA SER G 18 26.54 46.00 -4.57
C SER G 18 27.06 44.88 -5.48
N ARG G 19 27.90 45.22 -6.46
CA ARG G 19 28.42 44.22 -7.43
C ARG G 19 29.08 43.07 -6.67
N THR G 20 30.00 43.38 -5.76
CA THR G 20 30.72 42.31 -5.01
C THR G 20 29.72 41.46 -4.24
N PHE G 21 28.78 42.09 -3.54
CA PHE G 21 27.72 41.35 -2.81
C PHE G 21 26.98 40.42 -3.78
N ASP G 22 26.59 40.93 -4.95
CA ASP G 22 25.85 40.11 -5.95
C ASP G 22 26.66 38.85 -6.27
N TYR G 23 27.96 38.99 -6.56
CA TYR G 23 28.79 37.83 -6.94
C TYR G 23 28.79 36.80 -5.80
N MET G 24 28.91 37.27 -4.56
CA MET G 24 28.88 36.36 -3.38
C MET G 24 27.52 35.67 -3.30
N ILE G 25 26.42 36.43 -3.28
CA ILE G 25 25.08 35.89 -3.14
C ILE G 25 24.79 34.87 -4.23
N LEU G 26 25.17 35.19 -5.47
CA LEU G 26 24.95 34.27 -6.57
C LEU G 26 25.70 32.97 -6.35
N PHE G 27 26.96 33.06 -5.95
CA PHE G 27 27.75 31.87 -5.65
C PHE G 27 27.05 31.00 -4.62
N THR G 28 26.68 31.60 -3.49
CA THR G 28 26.12 30.80 -2.40
C THR G 28 24.79 30.18 -2.80
N VAL G 29 23.92 30.95 -3.45
CA VAL G 29 22.64 30.39 -3.88
C VAL G 29 22.87 29.25 -4.86
N PHE G 30 23.68 29.52 -5.90
CA PHE G 30 23.99 28.48 -6.86
C PHE G 30 24.37 27.18 -6.17
N PHE G 31 25.32 27.24 -5.24
CA PHE G 31 25.84 25.99 -4.71
C PHE G 31 24.93 25.35 -3.68
N VAL G 32 24.26 26.14 -2.84
CA VAL G 32 23.34 25.55 -1.88
C VAL G 32 22.16 24.90 -2.58
N VAL G 33 21.56 25.62 -3.53
CA VAL G 33 20.47 25.04 -4.30
C VAL G 33 20.96 23.85 -5.10
N LEU G 34 22.20 23.90 -5.59
CA LEU G 34 22.76 22.75 -6.28
C LEU G 34 22.76 21.54 -5.37
N GLY G 35 23.30 21.68 -4.17
CA GLY G 35 23.32 20.57 -3.25
C GLY G 35 21.94 20.00 -3.01
N GLY G 36 21.00 20.87 -2.61
CA GLY G 36 19.67 20.39 -2.31
C GLY G 36 19.00 19.73 -3.50
N TYR G 37 19.00 20.43 -4.65
CA TYR G 37 18.39 19.91 -5.86
C TYR G 37 18.99 18.57 -6.25
N HIS G 38 20.32 18.47 -6.23
CA HIS G 38 20.97 17.24 -6.65
C HIS G 38 20.61 16.09 -5.74
N ILE G 39 20.59 16.32 -4.43
CA ILE G 39 20.24 15.22 -3.55
C ILE G 39 18.79 14.80 -3.80
N HIS G 40 17.88 15.76 -3.90
CA HIS G 40 16.48 15.43 -4.15
C HIS G 40 16.33 14.62 -5.43
N TYR G 41 16.95 15.08 -6.51
CA TYR G 41 16.83 14.40 -7.79
C TYR G 41 17.46 13.02 -7.73
N MET G 42 18.73 12.95 -7.39
CA MET G 42 19.44 11.68 -7.32
C MET G 42 18.86 10.75 -6.30
N LEU G 43 17.83 11.14 -5.55
CA LEU G 43 17.24 10.14 -4.60
C LEU G 43 15.74 9.95 -4.86
N THR G 44 15.19 10.56 -5.91
CA THR G 44 13.75 10.33 -6.26
C THR G 44 13.66 9.74 -7.67
N GLY G 45 14.44 10.30 -8.61
CA GLY G 45 14.43 9.80 -10.00
C GLY G 45 15.80 9.94 -10.62
N GLY G 46 16.69 8.97 -10.37
CA GLY G 46 18.06 9.09 -10.87
C GLY G 46 18.67 7.76 -11.28
N ASP G 47 17.97 6.64 -11.06
CA ASP G 47 18.50 5.34 -11.57
C ASP G 47 18.31 5.38 -13.07
N TRP G 48 17.18 5.95 -13.49
CA TRP G 48 16.95 6.13 -14.94
C TRP G 48 18.02 7.09 -15.44
N ASP G 49 18.41 8.06 -14.62
CA ASP G 49 19.46 9.05 -14.99
C ASP G 49 20.84 8.38 -14.99
N PHE G 50 21.05 7.33 -14.19
CA PHE G 50 22.41 6.80 -14.15
C PHE G 50 22.77 6.04 -15.42
N TRP G 51 21.90 5.17 -15.87
CA TRP G 51 22.24 4.19 -16.90
C TRP G 51 21.41 4.42 -18.15
N THR G 52 22.05 4.26 -19.31
CA THR G 52 21.33 4.43 -20.55
C THR G 52 20.29 3.35 -20.75
N ASP G 53 20.53 2.14 -20.28
CA ASP G 53 19.57 1.06 -20.44
C ASP G 53 18.39 1.17 -19.48
N TRP G 54 18.30 2.27 -18.74
CA TRP G 54 17.12 2.57 -17.96
C TRP G 54 16.28 3.68 -18.57
N LYS G 55 16.78 4.36 -19.60
CA LYS G 55 16.09 5.48 -20.20
C LYS G 55 15.09 4.94 -21.22
N ASP G 56 13.98 4.43 -20.69
CA ASP G 56 12.95 3.79 -21.49
C ASP G 56 11.91 4.82 -21.93
N ARG G 57 10.78 4.33 -22.42
CA ARG G 57 9.74 5.20 -22.97
C ARG G 57 8.60 5.47 -22.01
N ARG G 58 8.46 4.70 -20.93
CA ARG G 58 7.32 4.86 -20.04
C ARG G 58 7.70 5.45 -18.70
N LEU G 59 8.62 4.83 -17.96
CA LEU G 59 8.87 5.30 -16.61
C LEU G 59 9.86 6.45 -16.57
N TRP G 60 10.88 6.42 -17.43
CA TRP G 60 11.80 7.55 -17.49
C TRP G 60 11.06 8.83 -17.86
N VAL G 61 10.34 8.80 -18.98
CA VAL G 61 9.65 9.98 -19.46
C VAL G 61 8.60 10.45 -18.47
N THR G 62 8.12 9.54 -17.62
CA THR G 62 7.10 9.91 -16.65
C THR G 62 7.70 10.51 -15.39
N VAL G 63 8.84 9.99 -14.95
CA VAL G 63 9.36 10.35 -13.64
C VAL G 63 10.33 11.52 -13.74
N ALA G 64 11.22 11.50 -14.72
CA ALA G 64 12.26 12.51 -14.76
C ALA G 64 11.69 13.92 -14.63
N PRO G 65 10.80 14.34 -15.53
CA PRO G 65 10.31 15.72 -15.47
C PRO G 65 9.51 16.02 -14.22
N ILE G 66 8.68 15.08 -13.78
CA ILE G 66 7.87 15.31 -12.59
C ILE G 66 8.74 15.72 -11.42
N VAL G 67 9.65 14.84 -11.01
CA VAL G 67 10.50 15.14 -9.87
C VAL G 67 11.51 16.23 -10.17
N SER G 68 11.78 16.49 -11.45
CA SER G 68 12.75 17.52 -11.80
C SER G 68 12.21 18.92 -11.68
N ILE G 69 10.89 19.10 -11.85
CA ILE G 69 10.33 20.45 -11.84
C ILE G 69 10.17 21.03 -10.46
N THR G 70 10.48 20.25 -9.41
CA THR G 70 10.26 20.68 -8.01
C THR G 70 11.08 21.95 -7.67
N PHE G 71 12.40 21.84 -7.59
CA PHE G 71 13.26 22.98 -7.15
C PHE G 71 13.14 24.20 -8.06
N PRO G 72 13.14 24.08 -9.41
CA PRO G 72 12.92 25.25 -10.28
C PRO G 72 11.72 26.09 -9.83
N ALA G 73 10.57 25.45 -9.54
CA ALA G 73 9.35 26.17 -9.14
C ALA G 73 9.55 26.85 -7.77
N ALA G 74 10.12 26.14 -6.80
CA ALA G 74 10.30 26.69 -5.43
C ALA G 74 11.22 27.92 -5.47
N VAL G 75 12.38 27.80 -6.13
CA VAL G 75 13.36 28.93 -6.22
C VAL G 75 12.71 30.10 -6.96
N GLN G 76 11.83 29.80 -7.92
CA GLN G 76 11.17 30.87 -8.72
C GLN G 76 10.17 31.65 -7.87
N ALA G 77 9.73 31.10 -6.73
CA ALA G 77 8.67 31.76 -5.94
C ALA G 77 9.21 33.00 -5.22
N VAL G 78 10.53 33.19 -5.14
CA VAL G 78 11.06 34.46 -4.53
C VAL G 78 12.05 35.11 -5.50
N LEU G 79 12.63 34.32 -6.40
CA LEU G 79 13.51 34.93 -7.43
C LEU G 79 12.64 35.40 -8.59
N TRP G 80 11.54 36.11 -8.30
CA TRP G 80 10.64 36.66 -9.33
C TRP G 80 9.74 37.74 -8.72
N TRP G 81 9.22 37.50 -7.51
CA TRP G 81 8.30 38.52 -6.96
C TRP G 81 9.05 39.40 -5.97
N ARG G 82 10.34 39.11 -5.74
CA ARG G 82 11.16 39.96 -4.84
C ARG G 82 12.18 40.75 -5.68
N TYR G 83 12.74 40.12 -6.71
CA TYR G 83 13.81 40.79 -7.50
C TYR G 83 13.56 40.65 -9.01
N ARG G 84 12.37 40.21 -9.42
CA ARG G 84 12.03 40.07 -10.86
C ARG G 84 13.14 39.34 -11.61
N ILE G 85 13.71 38.28 -11.02
CA ILE G 85 14.85 37.56 -11.64
C ILE G 85 14.32 36.61 -12.72
N ALA G 86 14.68 36.83 -13.98
CA ALA G 86 14.15 36.04 -15.09
C ALA G 86 14.61 34.59 -15.05
N TRP G 87 15.87 34.33 -14.76
CA TRP G 87 16.39 32.99 -14.60
C TRP G 87 15.95 32.47 -13.24
N GLY G 88 16.54 31.34 -12.84
CA GLY G 88 16.17 30.75 -11.57
C GLY G 88 15.78 29.31 -11.75
N ALA G 89 15.07 29.01 -12.83
CA ALA G 89 14.95 27.62 -13.26
C ALA G 89 16.18 27.22 -14.07
N THR G 90 16.65 28.11 -14.94
CA THR G 90 17.91 27.90 -15.62
C THR G 90 19.04 27.69 -14.62
N LEU G 91 19.04 28.45 -13.53
CA LEU G 91 20.12 28.30 -12.56
C LEU G 91 20.02 26.96 -11.85
N CYS G 92 18.81 26.57 -11.45
CA CYS G 92 18.63 25.25 -10.85
C CYS G 92 19.15 24.16 -11.77
N VAL G 93 18.78 24.23 -13.05
CA VAL G 93 19.14 23.15 -13.96
C VAL G 93 20.64 23.17 -14.26
N LEU G 94 21.22 24.35 -14.38
CA LEU G 94 22.66 24.44 -14.58
C LEU G 94 23.39 23.80 -13.41
N GLY G 95 22.96 24.09 -12.19
CA GLY G 95 23.59 23.47 -11.05
C GLY G 95 23.44 21.96 -11.05
N LEU G 96 22.23 21.49 -11.28
CA LEU G 96 22.01 20.04 -11.29
C LEU G 96 22.90 19.37 -12.33
N LEU G 97 22.96 19.93 -13.53
CA LEU G 97 23.73 19.31 -14.58
C LEU G 97 25.22 19.36 -14.29
N LEU G 98 25.71 20.47 -13.73
CA LEU G 98 27.12 20.53 -13.38
C LEU G 98 27.47 19.48 -12.35
N GLY G 99 26.68 19.39 -11.29
CA GLY G 99 26.96 18.38 -10.28
C GLY G 99 26.95 16.97 -10.85
N GLU G 100 25.92 16.67 -11.64
CA GLU G 100 25.80 15.34 -12.21
C GLU G 100 26.96 15.01 -13.13
N TRP G 101 27.39 15.97 -13.95
CA TRP G 101 28.47 15.69 -14.88
C TRP G 101 29.78 15.51 -14.14
N ILE G 102 30.04 16.35 -13.15
CA ILE G 102 31.25 16.17 -12.35
C ILE G 102 31.29 14.78 -11.76
N ASN G 103 30.16 14.36 -11.17
CA ASN G 103 30.14 13.04 -10.55
C ASN G 103 30.32 11.94 -11.57
N ARG G 104 29.60 12.01 -12.70
CA ARG G 104 29.69 10.96 -13.70
C ARG G 104 31.11 10.83 -14.24
N TYR G 105 31.75 11.97 -14.51
CA TYR G 105 33.05 11.89 -15.16
C TYR G 105 34.16 11.56 -14.19
N PHE G 106 34.08 12.02 -12.95
CA PHE G 106 35.20 11.83 -12.03
C PHE G 106 35.01 10.66 -11.08
N ASN G 107 33.78 10.17 -10.90
CA ASN G 107 33.55 9.03 -10.04
C ASN G 107 33.04 7.82 -10.83
N PHE G 108 31.94 7.96 -11.55
CA PHE G 108 31.43 6.84 -12.33
C PHE G 108 32.49 6.32 -13.28
N TRP G 109 33.13 7.23 -14.01
CA TRP G 109 34.14 6.83 -14.98
C TRP G 109 35.54 6.86 -14.38
N GLY G 110 35.90 7.94 -13.70
CA GLY G 110 37.25 8.07 -13.18
C GLY G 110 37.57 7.15 -12.04
N TRP G 111 36.56 6.67 -11.32
CA TRP G 111 36.78 5.83 -10.15
C TRP G 111 36.45 4.36 -10.41
N THR G 112 35.26 4.08 -10.92
CA THR G 112 34.84 2.72 -11.18
C THR G 112 34.98 2.31 -12.64
N TYR G 113 35.22 3.26 -13.54
CA TYR G 113 35.55 2.98 -14.92
C TYR G 113 34.36 2.47 -15.72
N PHE G 114 33.17 2.94 -15.41
CA PHE G 114 32.06 2.75 -16.33
C PHE G 114 32.25 3.69 -17.50
N PRO G 115 32.10 3.23 -18.74
CA PRO G 115 32.29 4.11 -19.88
C PRO G 115 31.31 5.26 -19.83
N VAL G 116 31.75 6.44 -20.28
CA VAL G 116 30.93 7.63 -20.16
C VAL G 116 29.68 7.53 -21.03
N ASN G 117 29.79 6.90 -22.19
CA ASN G 117 28.61 6.76 -23.03
C ASN G 117 27.59 5.80 -22.46
N PHE G 118 27.80 5.36 -21.22
CA PHE G 118 26.86 4.49 -20.52
C PHE G 118 26.17 5.17 -19.36
N VAL G 119 26.70 6.28 -18.85
CA VAL G 119 26.21 6.86 -17.62
C VAL G 119 25.95 8.35 -17.72
N PHE G 120 25.89 8.88 -18.94
CA PHE G 120 25.70 10.31 -19.08
C PHE G 120 24.32 10.71 -18.53
N PRO G 121 24.16 11.96 -18.12
CA PRO G 121 22.93 12.37 -17.45
C PRO G 121 21.82 12.71 -18.44
N SER G 122 20.62 12.91 -17.88
CA SER G 122 19.50 13.37 -18.68
C SER G 122 19.66 14.84 -19.02
N ASN G 123 18.97 15.30 -20.06
CA ASN G 123 19.07 16.73 -20.48
C ASN G 123 17.80 17.45 -20.07
N LEU G 124 17.91 18.46 -19.21
CA LEU G 124 16.71 19.17 -18.69
C LEU G 124 16.80 20.66 -19.03
N MET G 125 17.77 21.04 -19.87
CA MET G 125 17.93 22.46 -20.27
C MET G 125 16.72 23.00 -21.06
N PRO G 126 16.18 22.36 -22.13
CA PRO G 126 15.06 22.93 -22.86
C PRO G 126 13.90 23.40 -21.96
N GLY G 127 13.24 22.47 -21.25
CA GLY G 127 12.11 22.80 -20.39
C GLY G 127 12.42 23.95 -19.45
N ALA G 128 13.63 24.01 -18.94
CA ALA G 128 13.99 25.09 -18.03
C ALA G 128 13.90 26.44 -18.71
N ILE G 129 14.47 26.55 -19.91
CA ILE G 129 14.43 27.83 -20.61
C ILE G 129 13.00 28.22 -20.94
N VAL G 130 12.20 27.26 -21.40
CA VAL G 130 10.83 27.61 -21.77
C VAL G 130 10.04 28.02 -20.53
N LEU G 131 10.30 27.38 -19.40
CA LEU G 131 9.61 27.76 -18.18
C LEU G 131 9.99 29.15 -17.75
N ASP G 132 11.28 29.47 -17.78
CA ASP G 132 11.71 30.81 -17.41
C ASP G 132 11.07 31.85 -18.31
N VAL G 133 10.99 31.58 -19.60
CA VAL G 133 10.40 32.57 -20.50
C VAL G 133 8.91 32.69 -20.27
N ILE G 134 8.20 31.57 -20.19
CA ILE G 134 6.76 31.61 -19.94
C ILE G 134 6.45 32.35 -18.65
N LEU G 135 7.39 32.38 -17.71
CA LEU G 135 7.15 33.16 -16.50
C LEU G 135 7.47 34.62 -16.72
N MET G 136 8.58 34.93 -17.40
CA MET G 136 8.89 36.33 -17.65
C MET G 136 7.73 37.04 -18.33
N LEU G 137 7.23 36.49 -19.43
CA LEU G 137 6.00 36.96 -20.01
C LEU G 137 4.83 36.36 -19.24
N SER G 138 3.72 37.07 -19.20
CA SER G 138 2.48 36.65 -18.56
C SER G 138 2.54 36.71 -17.05
N ASN G 139 3.70 36.95 -16.45
CA ASN G 139 3.82 37.27 -15.03
C ASN G 139 2.75 36.61 -14.17
N SER G 140 2.40 35.37 -14.49
CA SER G 140 1.31 34.68 -13.82
C SER G 140 1.79 33.34 -13.30
N MET G 141 1.37 33.00 -12.09
CA MET G 141 1.80 31.74 -11.51
C MET G 141 0.92 30.59 -11.97
N THR G 142 -0.38 30.83 -12.13
CA THR G 142 -1.28 29.78 -12.60
C THR G 142 -1.14 29.56 -14.10
N LEU G 143 -1.07 30.66 -14.86
CA LEU G 143 -0.78 30.53 -16.29
C LEU G 143 0.54 29.80 -16.51
N THR G 144 1.59 30.24 -15.82
CA THR G 144 2.87 29.54 -15.91
C THR G 144 2.72 28.11 -15.42
N ALA G 145 2.08 27.92 -14.27
CA ALA G 145 1.84 26.56 -13.80
C ALA G 145 1.36 25.66 -14.93
N VAL G 146 0.20 25.98 -15.49
CA VAL G 146 -0.41 25.11 -16.51
C VAL G 146 0.52 24.97 -17.72
N VAL G 147 0.83 26.09 -18.37
CA VAL G 147 1.50 26.02 -19.65
C VAL G 147 2.92 25.48 -19.50
N GLY G 148 3.70 26.06 -18.58
CA GLY G 148 5.05 25.58 -18.37
C GLY G 148 5.10 24.15 -17.87
N GLY G 149 4.12 23.71 -17.10
CA GLY G 149 4.09 22.32 -16.69
C GLY G 149 3.89 21.40 -17.88
N LEU G 150 2.92 21.72 -18.74
CA LEU G 150 2.75 20.92 -19.95
C LEU G 150 4.02 20.92 -20.79
N ALA G 151 4.65 22.08 -20.96
CA ALA G 151 5.87 22.15 -21.75
C ALA G 151 6.97 21.29 -21.16
N TRP G 152 7.31 21.55 -19.89
CA TRP G 152 8.26 20.73 -19.16
C TRP G 152 8.02 19.24 -19.39
N GLY G 153 6.77 18.81 -19.23
CA GLY G 153 6.47 17.40 -19.41
C GLY G 153 6.66 16.92 -20.84
N LEU G 154 6.38 17.78 -21.82
CA LEU G 154 6.40 17.35 -23.21
C LEU G 154 7.74 17.54 -23.89
N LEU G 155 8.55 18.50 -23.44
CA LEU G 155 9.82 18.78 -24.09
C LEU G 155 10.93 17.84 -23.66
N PHE G 156 10.67 16.95 -22.69
CA PHE G 156 11.75 16.14 -22.13
C PHE G 156 12.25 15.12 -23.13
N TYR G 157 11.37 14.22 -23.56
CA TYR G 157 11.78 13.12 -24.44
C TYR G 157 12.27 13.65 -25.77
N PRO G 158 11.58 14.61 -26.38
CA PRO G 158 12.13 15.21 -27.60
C PRO G 158 13.48 15.85 -27.38
N GLY G 159 13.70 16.47 -26.22
CA GLY G 159 14.99 17.07 -25.95
C GLY G 159 16.09 16.07 -25.72
N ASN G 160 15.76 14.84 -25.32
CA ASN G 160 16.77 13.82 -25.09
C ASN G 160 16.97 12.88 -26.26
N TRP G 161 15.98 12.72 -27.13
CA TRP G 161 16.07 11.69 -28.16
C TRP G 161 17.33 11.82 -29.02
N PRO G 162 17.71 12.98 -29.51
CA PRO G 162 18.92 13.05 -30.36
C PRO G 162 20.15 12.52 -29.67
N ILE G 163 20.14 12.40 -28.36
CA ILE G 163 21.33 11.95 -27.63
C ILE G 163 21.35 10.44 -27.47
N ILE G 164 20.19 9.83 -27.20
CA ILE G 164 20.12 8.40 -26.97
C ILE G 164 19.74 7.62 -28.21
N ALA G 165 19.35 8.28 -29.29
CA ALA G 165 18.98 7.55 -30.50
C ALA G 165 20.09 6.63 -30.98
N PRO G 166 21.34 7.03 -31.06
CA PRO G 166 22.37 6.13 -31.58
C PRO G 166 22.45 4.82 -30.83
N LEU G 167 22.02 4.79 -29.58
CA LEU G 167 22.11 3.60 -28.75
C LEU G 167 20.87 2.74 -28.84
N HIS G 168 19.90 3.10 -29.67
CA HIS G 168 18.71 2.28 -29.85
C HIS G 168 18.74 1.48 -31.14
N VAL G 169 19.89 1.45 -31.81
CA VAL G 169 20.02 0.59 -33.00
C VAL G 169 19.94 -0.87 -32.56
N PRO G 170 19.13 -1.69 -33.20
CA PRO G 170 19.01 -3.08 -32.77
C PRO G 170 20.26 -3.88 -33.12
N VAL G 171 20.43 -4.97 -32.39
CA VAL G 171 21.59 -5.85 -32.55
C VAL G 171 21.16 -7.26 -32.21
N GLU G 172 21.70 -8.23 -32.94
CA GLU G 172 21.48 -9.64 -32.63
C GLU G 172 22.73 -10.15 -31.92
N TYR G 173 22.57 -10.54 -30.67
CA TYR G 173 23.68 -10.96 -29.83
C TYR G 173 23.44 -12.39 -29.39
N ASN G 174 24.21 -13.32 -29.90
CA ASN G 174 24.12 -14.72 -29.51
C ASN G 174 22.69 -15.24 -29.63
N GLY G 175 22.00 -14.81 -30.68
CA GLY G 175 20.68 -15.31 -30.95
C GLY G 175 19.54 -14.48 -30.42
N MET G 176 19.78 -13.60 -29.45
CA MET G 176 18.75 -12.71 -28.94
C MET G 176 18.91 -11.34 -29.55
N MET G 177 17.80 -10.63 -29.69
CA MET G 177 17.80 -9.28 -30.21
C MET G 177 17.90 -8.29 -29.05
N MET G 178 18.79 -7.31 -29.19
CA MET G 178 19.01 -6.34 -28.14
C MET G 178 19.41 -5.02 -28.76
N THR G 179 19.03 -3.93 -28.11
CA THR G 179 19.53 -2.63 -28.50
C THR G 179 20.93 -2.43 -27.93
N LEU G 180 21.66 -1.46 -28.50
CA LEU G 180 22.99 -1.20 -28.01
C LEU G 180 22.98 -0.80 -26.55
N ALA G 181 21.91 -0.18 -26.08
CA ALA G 181 21.83 0.18 -24.66
C ALA G 181 21.67 -1.07 -23.80
N ASP G 182 20.82 -2.00 -24.22
CA ASP G 182 20.73 -3.26 -23.50
C ASP G 182 22.05 -4.00 -23.53
N LEU G 183 22.74 -3.97 -24.66
CA LEU G 183 24.04 -4.61 -24.73
C LEU G 183 25.03 -3.98 -23.76
N GLN G 184 25.02 -2.66 -23.66
CA GLN G 184 25.85 -2.00 -22.65
C GLN G 184 25.51 -2.49 -21.26
N GLY G 185 24.24 -2.42 -20.90
CA GLY G 185 23.83 -2.89 -19.58
C GLY G 185 24.22 -4.33 -19.33
N TYR G 186 24.33 -5.12 -20.39
CA TYR G 186 24.70 -6.52 -20.25
C TYR G 186 26.20 -6.70 -20.06
N HIS G 187 26.99 -5.94 -20.80
CA HIS G 187 28.44 -6.12 -20.77
C HIS G 187 29.05 -5.60 -19.48
N TYR G 188 28.77 -4.37 -19.13
CA TYR G 188 29.43 -3.71 -18.00
C TYR G 188 28.71 -4.09 -16.72
N VAL G 189 29.33 -4.98 -15.96
CA VAL G 189 28.65 -5.61 -14.83
C VAL G 189 28.37 -4.56 -13.76
N ARG G 190 27.14 -4.57 -13.26
CA ARG G 190 26.74 -3.78 -12.11
C ARG G 190 26.31 -4.77 -11.03
N THR G 191 27.27 -5.23 -10.24
CA THR G 191 26.96 -6.25 -9.26
C THR G 191 25.84 -5.82 -8.32
N GLY G 192 25.67 -4.52 -8.13
CA GLY G 192 24.63 -4.04 -7.25
C GLY G 192 23.30 -3.80 -7.89
N THR G 193 23.22 -3.88 -9.22
CA THR G 193 22.01 -3.56 -9.98
C THR G 193 21.65 -4.75 -10.87
N PRO G 194 21.00 -5.77 -10.31
CA PRO G 194 20.51 -6.87 -11.15
C PRO G 194 19.58 -6.33 -12.22
N GLU G 195 19.30 -7.20 -13.20
CA GLU G 195 18.50 -6.76 -14.34
C GLU G 195 17.03 -6.60 -13.95
N TYR G 196 16.55 -7.39 -13.01
CA TYR G 196 15.13 -7.39 -12.72
C TYR G 196 14.67 -6.12 -12.03
N ILE G 197 15.56 -5.39 -11.35
CA ILE G 197 15.13 -4.13 -10.75
C ILE G 197 14.89 -3.07 -11.81
N ARG G 198 15.37 -3.28 -13.03
CA ARG G 198 15.19 -2.30 -14.09
C ARG G 198 13.71 -2.01 -14.29
N MET G 199 13.28 -0.80 -13.93
CA MET G 199 11.87 -0.42 -14.07
C MET G 199 11.72 0.28 -15.41
N VAL G 200 11.47 -0.51 -16.45
CA VAL G 200 11.28 0.02 -17.79
C VAL G 200 10.00 -0.57 -18.37
N GLU G 201 9.54 0.04 -19.45
CA GLU G 201 8.34 -0.44 -20.11
C GLU G 201 8.53 -1.89 -20.54
N LYS G 202 7.57 -2.73 -20.18
CA LYS G 202 7.62 -4.16 -20.51
C LYS G 202 6.42 -4.63 -21.31
N GLY G 203 5.48 -3.77 -21.61
CA GLY G 203 4.32 -4.18 -22.38
C GLY G 203 3.27 -4.85 -21.53
N THR G 204 2.01 -4.62 -21.90
CA THR G 204 0.87 -5.21 -21.14
C THR G 204 -0.25 -5.57 -22.12
N LEU G 205 -1.35 -6.14 -21.63
CA LEU G 205 -2.51 -6.46 -22.49
C LEU G 205 -3.33 -5.19 -22.72
N ARG G 206 -3.17 -4.20 -21.83
CA ARG G 206 -3.92 -2.93 -21.95
C ARG G 206 -3.02 -1.87 -22.62
N THR G 207 -1.79 -2.24 -22.96
CA THR G 207 -0.88 -1.32 -23.67
C THR G 207 -1.11 -1.44 -25.18
N PHE G 208 -0.81 -0.38 -25.93
CA PHE G 208 -0.97 -0.43 -27.41
C PHE G 208 0.42 -0.58 -28.05
N GLY G 209 0.50 -1.14 -29.25
CA GLY G 209 1.80 -1.24 -29.97
C GLY G 209 2.34 0.13 -30.32
N LYS G 210 3.23 0.69 -29.50
CA LYS G 210 3.83 2.04 -29.74
C LYS G 210 2.86 3.17 -29.36
N ASP G 211 2.88 3.61 -28.11
CA ASP G 211 2.05 4.76 -27.65
C ASP G 211 2.61 5.16 -26.28
N VAL G 212 3.66 4.48 -25.84
CA VAL G 212 4.24 4.73 -24.49
C VAL G 212 4.85 6.13 -24.40
N ALA G 213 5.87 6.44 -25.22
CA ALA G 213 6.56 7.74 -25.12
C ALA G 213 5.58 8.91 -25.06
N PRO G 214 4.67 9.11 -26.05
CA PRO G 214 3.78 10.28 -26.05
C PRO G 214 2.81 10.29 -24.85
N VAL G 215 2.19 9.14 -24.53
CA VAL G 215 1.21 9.07 -23.40
C VAL G 215 1.94 9.40 -22.10
N SER G 216 3.17 8.90 -21.92
CA SER G 216 3.93 9.12 -20.67
C SER G 216 4.38 10.58 -20.57
N ALA G 217 4.53 11.26 -21.72
CA ALA G 217 4.96 12.68 -21.73
C ALA G 217 3.75 13.58 -21.44
N PHE G 218 2.55 13.15 -21.82
CA PHE G 218 1.33 13.95 -21.56
C PHE G 218 0.92 13.75 -20.10
N PHE G 219 0.92 12.50 -19.62
CA PHE G 219 0.68 12.26 -18.20
C PHE G 219 1.67 13.01 -17.34
N SER G 220 2.94 13.02 -17.75
CA SER G 220 3.96 13.73 -16.98
C SER G 220 3.70 15.22 -17.00
N GLY G 221 3.26 15.78 -18.12
CA GLY G 221 2.93 17.19 -18.16
C GLY G 221 1.77 17.53 -17.25
N PHE G 222 0.71 16.72 -17.30
CA PHE G 222 -0.42 16.97 -16.42
C PHE G 222 0.01 16.94 -14.96
N VAL G 223 0.82 15.96 -14.57
CA VAL G 223 1.23 15.90 -13.17
C VAL G 223 2.20 17.02 -12.84
N SER G 224 3.01 17.46 -13.79
CA SER G 224 3.90 18.57 -13.55
C SER G 224 3.11 19.84 -13.29
N ILE G 225 1.93 19.96 -13.87
CA ILE G 225 1.07 21.09 -13.53
C ILE G 225 0.88 21.18 -12.02
N LEU G 226 0.38 20.09 -11.41
CA LEU G 226 0.14 20.10 -9.98
C LEU G 226 1.43 20.24 -9.19
N ILE G 227 2.50 19.63 -9.66
CA ILE G 227 3.76 19.72 -8.92
C ILE G 227 4.24 21.16 -8.88
N TYR G 228 4.21 21.85 -10.01
CA TYR G 228 4.59 23.25 -10.03
C TYR G 228 3.67 24.06 -9.13
N PHE G 229 2.37 23.78 -9.19
CA PHE G 229 1.43 24.50 -8.33
C PHE G 229 1.85 24.38 -6.87
N LEU G 230 2.04 23.15 -6.40
CA LEU G 230 2.39 22.92 -5.00
C LEU G 230 3.71 23.57 -4.64
N TRP G 231 4.73 23.37 -5.45
CA TRP G 231 6.04 23.85 -5.08
C TRP G 231 6.16 25.36 -5.21
N HIS G 232 5.29 26.01 -5.96
CA HIS G 232 5.25 27.47 -5.90
C HIS G 232 4.97 27.95 -4.49
N PHE G 233 3.93 27.40 -3.86
CA PHE G 233 3.63 27.80 -2.49
C PHE G 233 4.71 27.33 -1.54
N PHE G 234 5.22 26.11 -1.71
CA PHE G 234 6.31 25.66 -0.85
C PHE G 234 7.46 26.66 -0.89
N GLY G 235 7.85 27.10 -2.09
CA GLY G 235 8.93 28.05 -2.20
C GLY G 235 8.57 29.41 -1.62
N SER G 236 7.33 29.83 -1.78
CA SER G 236 6.92 31.07 -1.14
C SER G 236 7.10 31.00 0.36
N TRP G 237 6.88 29.82 0.95
CA TRP G 237 7.11 29.65 2.38
C TRP G 237 8.59 29.72 2.70
N PHE G 238 9.42 29.03 1.93
CA PHE G 238 10.86 29.08 2.17
C PHE G 238 11.40 30.50 2.09
N GLY G 239 10.73 31.38 1.38
CA GLY G 239 11.15 32.76 1.30
C GLY G 239 10.76 33.61 2.48
N SER G 240 10.13 33.01 3.49
CA SER G 240 9.63 33.77 4.62
C SER G 240 10.76 34.42 5.39
N GLU G 241 10.49 35.61 5.94
CA GLU G 241 11.42 36.32 6.79
C GLU G 241 10.99 36.32 8.24
N LYS G 242 10.05 35.45 8.61
CA LYS G 242 9.54 35.42 9.96
C LYS G 242 10.63 35.08 10.97
N PHE G 243 10.49 35.60 12.17
CA PHE G 243 11.40 35.31 13.27
C PHE G 243 10.61 34.63 14.40
N VAL G 244 11.27 33.69 15.07
CA VAL G 244 10.60 32.95 16.14
C VAL G 244 11.42 33.03 17.42
N HIS H 33 -14.85 -24.26 20.26
CA HIS H 33 -16.14 -23.86 20.87
C HIS H 33 -16.82 -22.86 19.93
N GLY H 34 -16.04 -22.01 19.27
CA GLY H 34 -16.60 -20.98 18.37
C GLY H 34 -16.69 -21.47 16.93
N GLU H 35 -16.44 -22.76 16.69
CA GLU H 35 -16.60 -23.32 15.31
C GLU H 35 -18.05 -23.16 14.87
N LYS H 36 -19.01 -23.17 15.81
CA LYS H 36 -20.41 -23.10 15.42
C LYS H 36 -20.75 -21.79 14.73
N SER H 37 -19.92 -20.77 14.86
CA SER H 37 -20.21 -19.48 14.27
C SER H 37 -19.50 -19.25 12.94
N GLN H 38 -18.67 -20.18 12.50
CA GLN H 38 -17.97 -20.03 11.24
C GLN H 38 -18.86 -20.45 10.08
N ALA H 39 -18.59 -19.87 8.92
CA ALA H 39 -19.36 -20.18 7.70
C ALA H 39 -19.44 -21.70 7.50
N ALA H 40 -20.65 -22.22 7.27
CA ALA H 40 -20.83 -23.68 7.13
C ALA H 40 -19.98 -24.23 5.96
N PHE H 41 -20.00 -23.55 4.81
CA PHE H 41 -19.25 -24.06 3.62
C PHE H 41 -17.74 -24.03 3.91
N MET H 42 -17.28 -23.04 4.66
CA MET H 42 -15.83 -22.96 5.02
C MET H 42 -15.47 -24.19 5.86
N ARG H 43 -16.28 -24.46 6.90
CA ARG H 43 -16.01 -25.62 7.78
C ARG H 43 -15.98 -26.90 6.95
N MET H 44 -16.70 -26.94 5.82
CA MET H 44 -16.82 -28.22 5.06
C MET H 44 -15.76 -28.34 3.97
N ARG H 45 -15.24 -27.21 3.47
CA ARG H 45 -14.31 -27.29 2.30
C ARG H 45 -12.92 -26.76 2.66
N THR H 46 -12.38 -27.08 3.84
CA THR H 46 -11.00 -26.64 4.17
C THR H 46 -10.14 -27.84 4.58
N ILE H 47 -10.25 -28.26 5.85
CA ILE H 47 -9.37 -29.36 6.38
C ILE H 47 -10.26 -30.41 7.04
N HIS H 48 -9.98 -31.69 6.82
CA HIS H 48 -10.81 -32.79 7.37
C HIS H 48 -10.01 -33.61 8.37
N TRP H 49 -10.41 -33.60 9.65
CA TRP H 49 -9.65 -34.33 10.70
C TRP H 49 -10.27 -35.73 10.88
N PHE H 50 -9.47 -36.80 10.72
CA PHE H 50 -9.97 -38.15 10.85
C PHE H 50 -8.92 -39.00 11.51
N ASP H 51 -9.31 -40.19 11.93
CA ASP H 51 -8.43 -41.11 12.64
C ASP H 51 -7.95 -40.49 13.94
N LEU H 52 -8.79 -39.65 14.52
CA LEU H 52 -8.44 -38.95 15.74
C LEU H 52 -8.48 -39.90 16.92
N ASN H 53 -7.54 -39.71 17.85
CA ASN H 53 -7.42 -40.55 19.03
C ASN H 53 -6.95 -39.72 20.20
N TRP H 54 -7.74 -39.71 21.27
CA TRP H 54 -7.36 -39.06 22.53
C TRP H 54 -6.91 -40.15 23.49
N SER H 55 -5.70 -40.01 24.02
CA SER H 55 -5.14 -41.04 24.88
C SER H 55 -5.81 -41.09 26.24
N LYS H 56 -6.48 -40.03 26.66
CA LYS H 56 -7.13 -40.01 27.97
C LYS H 56 -8.24 -38.98 27.95
N ASP H 57 -9.13 -39.09 28.93
CA ASP H 57 -10.14 -38.08 29.17
C ASP H 57 -10.20 -37.66 30.63
N GLN H 58 -9.30 -38.14 31.47
CA GLN H 58 -9.28 -37.82 32.89
C GLN H 58 -7.81 -37.77 33.32
N VAL H 59 -7.28 -36.57 33.46
CA VAL H 59 -5.87 -36.38 33.78
C VAL H 59 -5.75 -35.64 35.09
N SER H 60 -4.63 -35.86 35.77
CA SER H 60 -4.29 -35.10 36.95
C SER H 60 -3.16 -34.12 36.63
N VAL H 61 -3.05 -33.08 37.44
CA VAL H 61 -2.03 -32.07 37.20
C VAL H 61 -0.67 -32.72 37.13
N ASN H 62 0.16 -32.26 36.20
CA ASN H 62 1.50 -32.77 35.90
C ASN H 62 1.44 -34.02 35.05
N GLU H 63 0.27 -34.53 34.71
CA GLU H 63 0.15 -35.70 33.85
C GLU H 63 0.01 -35.27 32.40
N THR H 64 0.31 -36.18 31.49
CA THR H 64 0.28 -35.88 30.07
C THR H 64 -0.76 -36.74 29.35
N MET H 65 -1.33 -36.16 28.29
CA MET H 65 -2.19 -36.87 27.37
C MET H 65 -1.80 -36.47 25.96
N SER H 66 -2.14 -37.30 25.00
CA SER H 66 -1.76 -37.06 23.61
C SER H 66 -2.98 -37.11 22.72
N ILE H 67 -2.90 -36.35 21.62
CA ILE H 67 -3.94 -36.33 20.61
C ILE H 67 -3.27 -36.60 19.27
N SER H 68 -3.70 -37.66 18.60
CA SER H 68 -3.10 -38.06 17.34
C SER H 68 -4.18 -38.17 16.28
N GLY H 69 -3.74 -38.28 15.03
CA GLY H 69 -4.67 -38.45 13.93
C GLY H 69 -4.04 -37.96 12.64
N LYS H 70 -4.90 -37.75 11.65
CA LYS H 70 -4.48 -37.21 10.38
C LYS H 70 -5.46 -36.13 9.95
N PHE H 71 -5.02 -35.28 9.04
CA PHE H 71 -5.90 -34.30 8.45
C PHE H 71 -5.56 -34.16 6.97
N HIS H 72 -6.58 -33.96 6.16
CA HIS H 72 -6.43 -33.90 4.72
C HIS H 72 -6.82 -32.50 4.24
N VAL H 73 -5.87 -31.82 3.60
CA VAL H 73 -6.12 -30.44 3.08
C VAL H 73 -6.98 -30.56 1.81
N PHE H 74 -8.11 -29.85 1.74
CA PHE H 74 -9.02 -29.99 0.57
C PHE H 74 -8.47 -29.18 -0.60
N ALA H 75 -8.40 -29.80 -1.78
CA ALA H 75 -7.88 -29.12 -3.00
C ALA H 75 -8.83 -28.01 -3.43
N GLY H 76 -10.14 -28.16 -3.19
CA GLY H 76 -11.12 -27.09 -3.49
C GLY H 76 -11.13 -26.05 -2.39
N TRP H 77 -9.95 -25.55 -2.01
CA TRP H 77 -9.80 -24.54 -0.93
C TRP H 77 -10.68 -23.32 -1.20
N PRO H 78 -11.20 -22.61 -0.17
CA PRO H 78 -11.95 -21.37 -0.39
C PRO H 78 -11.08 -20.25 -0.96
N GLU H 79 -11.64 -19.41 -1.82
CA GLU H 79 -10.90 -18.33 -2.48
C GLU H 79 -10.41 -17.30 -1.48
N THR H 80 -11.28 -16.93 -0.54
CA THR H 80 -10.95 -15.88 0.42
C THR H 80 -9.99 -16.34 1.50
N VAL H 81 -9.68 -17.63 1.56
CA VAL H 81 -8.70 -18.15 2.51
C VAL H 81 -7.39 -18.39 1.77
N ASP H 82 -6.34 -17.69 2.17
CA ASP H 82 -5.05 -17.87 1.51
C ASP H 82 -4.65 -19.33 1.53
N LYS H 83 -3.97 -19.76 0.49
CA LYS H 83 -3.44 -21.11 0.48
C LYS H 83 -2.46 -21.27 1.62
N PRO H 84 -2.42 -22.45 2.24
CA PRO H 84 -1.65 -22.60 3.47
C PRO H 84 -0.15 -22.70 3.26
N GLU H 85 0.48 -21.66 2.70
CA GLU H 85 1.94 -21.63 2.70
C GLU H 85 2.47 -21.54 4.12
N VAL H 86 1.78 -20.82 4.98
CA VAL H 86 2.19 -20.61 6.36
C VAL H 86 1.05 -21.06 7.25
N ALA H 87 1.25 -22.15 7.97
CA ALA H 87 0.25 -22.67 8.88
C ALA H 87 0.92 -23.03 10.20
N PHE H 88 0.13 -23.05 11.26
CA PHE H 88 0.64 -23.36 12.59
C PHE H 88 -0.30 -24.35 13.26
N LEU H 89 0.24 -25.48 13.70
CA LEU H 89 -0.54 -26.49 14.39
C LEU H 89 -0.75 -26.05 15.83
N ASN H 90 -1.97 -25.62 16.14
CA ASN H 90 -2.28 -25.05 17.43
C ASN H 90 -3.17 -25.98 18.24
N ILE H 91 -3.55 -25.53 19.42
CA ILE H 91 -4.46 -26.26 20.30
C ILE H 91 -5.53 -25.28 20.77
N GLY H 92 -6.78 -25.70 20.68
CA GLY H 92 -7.87 -24.86 21.11
C GLY H 92 -8.30 -25.13 22.54
N ILE H 93 -7.93 -24.22 23.44
CA ILE H 93 -8.33 -24.33 24.85
C ILE H 93 -8.42 -22.94 25.45
N PRO H 94 -9.19 -22.79 26.51
CA PRO H 94 -9.38 -21.47 27.14
C PRO H 94 -8.18 -21.06 27.99
N GLY H 95 -7.10 -20.68 27.32
CA GLY H 95 -5.89 -20.33 28.01
C GLY H 95 -5.09 -21.57 28.36
N PRO H 96 -3.91 -21.38 28.92
CA PRO H 96 -3.04 -22.52 29.20
C PRO H 96 -3.55 -23.37 30.36
N VAL H 97 -4.63 -24.10 30.15
CA VAL H 97 -5.03 -25.12 31.11
C VAL H 97 -4.14 -26.33 30.96
N PHE H 98 -3.73 -26.66 29.74
CA PHE H 98 -2.63 -27.55 29.46
C PHE H 98 -1.45 -26.72 29.00
N ILE H 99 -0.29 -27.35 28.90
CA ILE H 99 0.85 -26.78 28.21
C ILE H 99 1.24 -27.73 27.08
N ARG H 100 1.53 -27.16 25.92
CA ARG H 100 1.89 -27.93 24.74
C ARG H 100 3.30 -28.45 24.92
N ALA H 101 3.43 -29.64 25.50
CA ALA H 101 4.74 -30.20 25.74
C ALA H 101 5.44 -30.57 24.44
N GLY H 102 4.68 -30.74 23.36
CA GLY H 102 5.28 -31.08 22.08
C GLY H 102 4.21 -31.23 21.03
N SER H 103 4.63 -31.18 19.78
CA SER H 103 3.70 -31.33 18.67
C SER H 103 4.47 -31.72 17.42
N TRP H 104 4.03 -32.78 16.76
CA TRP H 104 4.72 -33.33 15.60
C TRP H 104 3.78 -33.39 14.41
N ILE H 105 4.32 -33.15 13.23
CA ILE H 105 3.61 -33.34 11.98
C ILE H 105 4.47 -34.24 11.10
N GLY H 106 4.04 -35.48 10.92
CA GLY H 106 4.84 -36.40 10.15
C GLY H 106 6.11 -36.82 10.84
N GLY H 107 6.19 -36.68 12.16
CA GLY H 107 7.32 -37.14 12.92
C GLY H 107 8.31 -36.06 13.33
N GLN H 108 8.16 -34.84 12.82
CA GLN H 108 9.06 -33.74 13.14
C GLN H 108 8.39 -32.78 14.11
N LEU H 109 9.15 -32.32 15.09
CA LEU H 109 8.65 -31.28 15.97
C LEU H 109 8.38 -30.01 15.18
N VAL H 110 7.27 -29.35 15.46
CA VAL H 110 6.88 -28.18 14.70
C VAL H 110 6.62 -26.99 15.63
N PRO H 111 7.62 -26.51 16.35
CA PRO H 111 7.40 -25.30 17.16
C PRO H 111 7.24 -24.05 16.32
N ARG H 112 7.65 -24.06 15.06
CA ARG H 112 7.47 -22.93 14.17
C ARG H 112 6.28 -23.18 13.26
N SER H 113 5.99 -22.21 12.40
CA SER H 113 4.98 -22.44 11.38
C SER H 113 5.51 -23.39 10.33
N VAL H 114 4.60 -23.92 9.52
CA VAL H 114 4.92 -24.92 8.52
C VAL H 114 4.17 -24.60 7.23
N SER H 115 4.50 -25.35 6.18
CA SER H 115 3.86 -25.21 4.88
C SER H 115 3.11 -26.49 4.54
N LEU H 116 1.97 -26.33 3.88
CA LEU H 116 1.15 -27.46 3.48
C LEU H 116 0.81 -27.34 2.00
N GLU H 117 0.42 -28.45 1.39
CA GLU H 117 0.00 -28.47 0.00
C GLU H 117 -1.46 -28.88 -0.10
N LEU H 118 -2.21 -28.18 -0.92
CA LEU H 118 -3.59 -28.54 -1.17
C LEU H 118 -3.65 -29.98 -1.67
N GLY H 119 -4.51 -30.78 -1.06
CA GLY H 119 -4.74 -32.13 -1.48
C GLY H 119 -3.89 -33.18 -0.80
N GLU H 120 -3.03 -32.80 0.12
CA GLU H 120 -2.19 -33.77 0.81
C GLU H 120 -2.84 -34.22 2.11
N THR H 121 -2.33 -35.33 2.63
CA THR H 121 -2.76 -35.86 3.92
C THR H 121 -1.54 -35.92 4.83
N TYR H 122 -1.69 -35.46 6.06
CA TYR H 122 -0.61 -35.43 7.01
C TYR H 122 -1.00 -36.16 8.28
N GLU H 123 -0.02 -36.76 8.94
CA GLU H 123 -0.21 -37.35 10.25
C GLU H 123 0.35 -36.42 11.30
N PHE H 124 -0.41 -36.19 12.37
CA PHE H 124 0.00 -35.25 13.40
C PHE H 124 -0.17 -35.88 14.76
N LYS H 125 0.46 -35.27 15.75
CA LYS H 125 0.37 -35.69 17.13
C LYS H 125 0.70 -34.52 18.03
N VAL H 126 -0.02 -34.40 19.14
CA VAL H 126 0.18 -33.32 20.09
C VAL H 126 0.25 -33.92 21.49
N LEU H 127 1.16 -33.40 22.31
CA LEU H 127 1.37 -33.90 23.66
C LEU H 127 1.08 -32.78 24.64
N LEU H 128 0.11 -32.98 25.52
CA LEU H 128 -0.32 -31.97 26.46
C LEU H 128 0.03 -32.39 27.88
N LYS H 129 0.25 -31.40 28.73
CA LYS H 129 0.51 -31.61 30.15
C LYS H 129 -0.52 -30.85 30.97
N ALA H 130 -1.28 -31.56 31.78
CA ALA H 130 -2.37 -30.94 32.52
C ALA H 130 -1.82 -29.93 33.52
N ARG H 131 -2.44 -28.75 33.57
CA ARG H 131 -1.96 -27.67 34.40
C ARG H 131 -2.99 -27.11 35.36
N ARG H 132 -4.25 -26.99 34.94
CA ARG H 132 -5.25 -26.32 35.75
C ARG H 132 -6.51 -27.19 35.86
N PRO H 133 -6.98 -27.47 37.06
CA PRO H 133 -8.15 -28.35 37.22
C PRO H 133 -9.39 -27.75 36.60
N GLY H 134 -10.32 -28.62 36.23
CA GLY H 134 -11.57 -28.22 35.63
C GLY H 134 -11.96 -29.20 34.54
N ASP H 135 -12.97 -28.80 33.77
CA ASP H 135 -13.42 -29.57 32.62
C ASP H 135 -13.27 -28.67 31.40
N TRP H 136 -12.48 -29.12 30.42
CA TRP H 136 -12.19 -28.24 29.26
C TRP H 136 -12.47 -28.95 27.93
N HIS H 137 -13.00 -28.23 26.95
CA HIS H 137 -13.22 -28.81 25.60
C HIS H 137 -11.93 -28.63 24.80
N VAL H 138 -11.20 -29.72 24.54
CA VAL H 138 -9.88 -29.61 23.86
C VAL H 138 -10.05 -29.85 22.36
N HIS H 139 -9.81 -28.82 21.54
CA HIS H 139 -9.97 -28.96 20.06
C HIS H 139 -8.59 -28.97 19.39
N THR H 140 -8.49 -29.56 18.20
CA THR H 140 -7.21 -29.52 17.43
C THR H 140 -7.40 -28.53 16.29
N MET H 141 -6.60 -27.47 16.22
CA MET H 141 -6.87 -26.43 15.23
C MET H 141 -5.61 -26.15 14.43
N MET H 142 -5.81 -25.53 13.29
CA MET H 142 -4.74 -25.15 12.38
C MET H 142 -4.93 -23.69 12.02
N ASN H 143 -4.02 -22.84 12.46
CA ASN H 143 -4.05 -21.44 12.07
C ASN H 143 -3.37 -21.29 10.72
N VAL H 144 -4.04 -20.62 9.80
CA VAL H 144 -3.53 -20.41 8.45
C VAL H 144 -3.37 -18.91 8.25
N GLN H 145 -2.14 -18.47 8.03
CA GLN H 145 -1.90 -17.06 7.81
C GLN H 145 -2.70 -16.57 6.62
N GLY H 146 -3.27 -15.37 6.75
CA GLY H 146 -4.17 -14.87 5.74
C GLY H 146 -5.49 -15.60 5.67
N GLY H 147 -5.67 -16.64 6.47
CA GLY H 147 -6.92 -17.37 6.52
C GLY H 147 -7.61 -17.15 7.85
N GLY H 148 -7.44 -18.08 8.77
CA GLY H 148 -8.00 -17.94 10.09
C GLY H 148 -7.86 -19.23 10.86
N PRO H 149 -8.60 -19.36 11.94
CA PRO H 149 -8.56 -20.62 12.70
C PRO H 149 -9.41 -21.69 12.04
N ILE H 150 -8.85 -22.88 11.89
CA ILE H 150 -9.56 -24.01 11.32
C ILE H 150 -9.66 -25.05 12.43
N ILE H 151 -10.81 -25.11 13.08
CA ILE H 151 -10.98 -25.85 14.32
C ILE H 151 -11.46 -27.25 14.02
N GLY H 152 -10.79 -28.24 14.61
CA GLY H 152 -11.21 -29.62 14.48
C GLY H 152 -12.18 -29.99 15.57
N PRO H 153 -12.53 -31.26 15.65
CA PRO H 153 -13.47 -31.69 16.70
C PRO H 153 -12.86 -31.56 18.07
N GLY H 154 -13.70 -31.24 19.04
CA GLY H 154 -13.28 -31.10 20.42
C GLY H 154 -13.72 -32.27 21.27
N LYS H 155 -13.02 -32.47 22.38
CA LYS H 155 -13.32 -33.54 23.32
C LYS H 155 -13.29 -32.98 24.72
N TRP H 156 -14.17 -33.47 25.57
CA TRP H 156 -14.23 -33.01 26.96
C TRP H 156 -13.21 -33.77 27.79
N VAL H 157 -12.24 -33.06 28.34
CA VAL H 157 -11.22 -33.64 29.19
C VAL H 157 -11.31 -32.99 30.56
N THR H 158 -11.15 -33.80 31.59
CA THR H 158 -11.23 -33.33 32.97
C THR H 158 -9.86 -33.39 33.61
N ILE H 159 -9.46 -32.31 34.26
CA ILE H 159 -8.20 -32.21 34.97
C ILE H 159 -8.51 -32.14 36.46
N THR H 160 -7.84 -32.97 37.25
CA THR H 160 -8.04 -33.02 38.68
C THR H 160 -6.73 -32.77 39.40
N GLY H 161 -6.82 -32.18 40.59
CA GLY H 161 -5.65 -31.84 41.37
C GLY H 161 -5.68 -30.38 41.74
N SER H 162 -4.52 -29.86 42.10
CA SER H 162 -4.37 -28.46 42.49
C SER H 162 -3.31 -27.82 41.62
N MET H 163 -3.62 -26.65 41.06
CA MET H 163 -2.67 -25.97 40.18
C MET H 163 -1.36 -25.66 40.89
N GLY H 164 -1.36 -25.58 42.22
CA GLY H 164 -0.15 -25.32 42.94
C GLY H 164 0.91 -26.41 42.81
N ASP H 165 0.54 -27.56 42.28
CA ASP H 165 1.47 -28.67 42.13
C ASP H 165 2.16 -28.71 40.77
N PHE H 166 1.78 -27.82 39.86
CA PHE H 166 2.33 -27.86 38.51
C PHE H 166 3.82 -27.54 38.51
N LYS H 167 4.59 -28.39 37.84
CA LYS H 167 6.01 -28.20 37.70
C LYS H 167 6.38 -28.26 36.23
N ASN H 168 7.24 -27.35 35.80
CA ASN H 168 7.68 -27.26 34.41
C ASN H 168 9.20 -27.24 34.38
N PRO H 169 9.84 -28.34 34.75
CA PRO H 169 11.30 -28.35 34.81
C PRO H 169 11.92 -28.33 33.43
N ILE H 170 13.05 -27.65 33.31
CA ILE H 170 13.75 -27.52 32.03
C ILE H 170 15.24 -27.46 32.32
N THR H 171 16.04 -28.06 31.44
CA THR H 171 17.49 -27.97 31.53
C THR H 171 18.02 -27.21 30.33
N THR H 172 18.89 -26.25 30.58
CA THR H 172 19.39 -25.37 29.54
C THR H 172 20.69 -25.91 28.95
N LEU H 173 21.12 -25.29 27.86
CA LEU H 173 22.39 -25.67 27.26
C LEU H 173 23.58 -25.42 28.17
N THR H 174 23.34 -24.89 29.37
CA THR H 174 24.33 -24.82 30.43
C THR H 174 24.00 -25.74 31.59
N GLY H 175 22.72 -25.93 31.90
CA GLY H 175 22.29 -27.02 32.76
C GLY H 175 22.87 -27.08 34.15
N GLU H 176 22.43 -26.23 35.08
CA GLU H 176 21.31 -25.31 34.92
C GLU H 176 19.98 -25.91 34.50
N THR H 177 19.37 -26.67 35.41
CA THR H 177 17.97 -27.03 35.29
C THR H 177 17.14 -26.03 36.07
N ILE H 178 16.08 -25.53 35.46
CA ILE H 178 15.25 -24.48 36.05
C ILE H 178 13.80 -24.90 35.99
N ASP H 179 12.95 -24.07 36.59
CA ASP H 179 11.50 -24.30 36.61
C ASP H 179 10.84 -23.17 35.84
N LEU H 180 10.46 -23.45 34.60
CA LEU H 180 9.97 -22.40 33.72
C LEU H 180 8.72 -21.71 34.26
N GLU H 181 8.10 -22.25 35.29
CA GLU H 181 6.87 -21.65 35.80
C GLU H 181 7.15 -20.38 36.57
N THR H 182 8.26 -20.32 37.29
CA THR H 182 8.58 -19.17 38.13
C THR H 182 9.98 -18.64 37.91
N TYR H 183 10.69 -19.12 36.91
CA TYR H 183 12.08 -18.73 36.73
C TYR H 183 12.17 -17.27 36.29
N ALA H 184 13.12 -16.55 36.87
CA ALA H 184 13.43 -15.16 36.54
C ALA H 184 12.36 -14.20 37.05
N LEU H 185 11.43 -14.65 37.89
CA LEU H 185 10.35 -13.77 38.31
C LEU H 185 10.84 -12.69 39.26
N ASP H 186 11.65 -13.05 40.25
CA ASP H 186 12.13 -12.06 41.21
C ASP H 186 12.87 -10.94 40.51
N GLY H 187 13.61 -11.27 39.46
CA GLY H 187 14.30 -10.23 38.72
C GLY H 187 13.35 -9.24 38.08
N VAL H 188 12.31 -9.75 37.43
CA VAL H 188 11.30 -8.87 36.85
C VAL H 188 10.69 -7.97 37.91
N TYR H 189 10.24 -8.56 39.00
CA TYR H 189 9.63 -7.78 40.06
C TYR H 189 10.58 -6.71 40.58
N GLY H 190 11.81 -7.11 40.91
CA GLY H 190 12.75 -6.16 41.46
C GLY H 190 13.02 -5.01 40.53
N TRP H 191 13.32 -5.30 39.26
CA TRP H 191 13.67 -4.24 38.34
C TRP H 191 12.50 -3.29 38.11
N HIS H 192 11.31 -3.84 37.89
CA HIS H 192 10.16 -2.97 37.63
C HIS H 192 9.82 -2.15 38.86
N LEU H 193 9.87 -2.76 40.05
CA LEU H 193 9.60 -2.00 41.26
C LEU H 193 10.62 -0.90 41.46
N PHE H 194 11.90 -1.18 41.18
CA PHE H 194 12.92 -0.17 41.35
C PHE H 194 12.67 1.01 40.42
N TRP H 195 12.47 0.74 39.14
CA TRP H 195 12.25 1.85 38.22
C TRP H 195 11.00 2.63 38.57
N TYR H 196 9.96 1.95 39.03
CA TYR H 196 8.73 2.64 39.41
C TYR H 196 8.97 3.54 40.61
N LEU H 197 9.65 3.03 41.63
CA LEU H 197 9.94 3.86 42.79
C LEU H 197 10.83 5.03 42.43
N LEU H 198 11.74 4.84 41.48
CA LEU H 198 12.55 5.97 41.04
C LEU H 198 11.70 7.05 40.41
N GLY H 199 10.78 6.65 39.52
CA GLY H 199 9.89 7.62 38.85
C GLY H 199 8.95 8.30 39.82
N VAL H 200 8.44 7.55 40.81
CA VAL H 200 7.54 8.14 41.85
C VAL H 200 8.33 9.21 42.62
N ALA H 201 9.58 8.91 42.98
CA ALA H 201 10.42 9.86 43.76
C ALA H 201 10.60 11.18 42.98
N TRP H 202 10.77 11.11 41.65
CA TRP H 202 10.90 12.33 40.83
C TRP H 202 9.66 13.21 41.02
N MET H 203 8.47 12.64 40.84
CA MET H 203 7.21 13.41 41.02
C MET H 203 7.11 13.91 42.46
N VAL H 204 7.46 13.06 43.44
CA VAL H 204 7.36 13.44 44.88
C VAL H 204 8.25 14.66 45.16
N TYR H 205 9.45 14.71 44.57
CA TYR H 205 10.32 15.86 44.77
C TYR H 205 9.57 17.15 44.46
N TRP H 206 8.69 17.12 43.46
CA TRP H 206 7.95 18.35 43.06
C TRP H 206 6.53 18.39 43.67
N CYS H 207 6.05 17.30 44.25
CA CYS H 207 4.64 17.25 44.73
C CYS H 207 4.46 18.05 46.03
N ARG H 208 5.47 18.06 46.90
CA ARG H 208 5.38 18.79 48.20
C ARG H 208 5.12 20.27 47.92
N LYS H 209 5.80 20.83 46.91
CA LYS H 209 5.61 22.26 46.55
C LYS H 209 4.19 22.46 46.02
N PRO H 210 3.44 23.49 46.48
CA PRO H 210 2.11 23.78 45.94
C PRO H 210 2.14 23.87 44.41
N VAL H 211 1.32 23.07 43.74
CA VAL H 211 1.38 23.04 42.24
C VAL H 211 0.12 23.69 41.65
N PHE H 212 0.07 23.81 40.32
CA PHE H 212 -1.12 24.37 39.62
C PHE H 212 -1.33 25.86 39.92
N ILE H 213 -2.23 26.20 40.85
CA ILE H 213 -2.58 27.63 41.13
C ILE H 213 -1.35 28.56 41.23
N PRO H 214 -0.40 28.45 42.21
CA PRO H 214 0.70 29.41 42.31
C PRO H 214 1.49 29.42 40.99
N ARG H 215 1.70 28.25 40.40
CA ARG H 215 2.49 28.15 39.14
C ARG H 215 1.78 28.91 38.02
N ARG H 216 0.47 28.71 37.87
CA ARG H 216 -0.31 29.46 36.85
C ARG H 216 -0.07 30.97 37.06
N ILE H 217 -0.44 31.47 38.25
CA ILE H 217 -0.31 32.92 38.58
C ILE H 217 1.11 33.38 38.26
N ALA H 218 2.13 32.62 38.65
CA ALA H 218 3.53 33.02 38.42
C ALA H 218 3.77 33.29 36.94
N VAL H 219 3.56 32.30 36.07
CA VAL H 219 3.88 32.50 34.62
C VAL H 219 2.93 33.54 34.01
N ASP H 220 1.68 33.59 34.50
CA ASP H 220 0.72 34.62 34.01
C ASP H 220 1.27 36.02 34.29
N ALA H 221 1.84 36.23 35.49
CA ALA H 221 2.41 37.54 35.86
C ALA H 221 3.71 37.78 35.11
N GLY H 222 4.44 36.71 34.77
CA GLY H 222 5.72 36.85 34.05
C GLY H 222 6.87 36.29 34.86
N LYS H 223 6.57 35.67 36.01
CA LYS H 223 7.62 35.01 36.82
C LYS H 223 7.68 33.55 36.35
N ALA H 224 8.04 33.33 35.07
CA ALA H 224 8.11 31.96 34.50
C ALA H 224 9.00 31.08 35.37
N ASP H 225 10.07 31.66 35.96
CA ASP H 225 10.93 30.90 36.91
C ASP H 225 10.15 30.70 38.22
N SER H 226 9.20 29.77 38.24
CA SER H 226 8.36 29.56 39.45
C SER H 226 9.13 28.74 40.48
N LEU H 227 9.40 27.47 40.17
CA LEU H 227 10.11 26.57 41.13
C LEU H 227 11.30 25.92 40.42
N ILE H 228 11.78 26.51 39.33
CA ILE H 228 12.99 25.96 38.66
C ILE H 228 14.24 26.68 39.21
N THR H 229 14.55 26.45 40.48
CA THR H 229 15.73 27.09 41.13
C THR H 229 16.97 26.27 40.78
N PRO H 230 18.22 26.80 40.91
CA PRO H 230 19.42 26.01 40.67
C PRO H 230 19.43 24.66 41.41
N THR H 231 19.05 24.65 42.69
CA THR H 231 19.00 23.39 43.48
C THR H 231 18.00 22.43 42.85
N ASP H 232 16.93 22.97 42.27
CA ASP H 232 15.87 22.13 41.65
C ASP H 232 16.37 21.58 40.31
N LYS H 233 17.30 22.28 39.68
CA LYS H 233 17.84 21.85 38.37
C LYS H 233 19.00 20.87 38.58
N LYS H 234 19.73 21.02 39.70
CA LYS H 234 20.84 20.09 40.01
C LYS H 234 20.26 18.74 40.46
N VAL H 235 19.05 18.74 41.01
CA VAL H 235 18.39 17.45 41.35
C VAL H 235 18.10 16.72 40.05
N GLY H 236 17.68 17.46 39.01
CA GLY H 236 17.46 16.84 37.68
C GLY H 236 18.70 16.14 37.18
N MET H 237 19.88 16.77 37.32
CA MET H 237 21.15 16.16 36.86
C MET H 237 21.39 14.84 37.58
N ALA H 238 21.41 14.80 38.91
CA ALA H 238 21.54 13.61 39.73
C ALA H 238 20.64 12.50 39.20
N PHE H 239 19.35 12.79 39.06
CA PHE H 239 18.44 11.78 38.52
C PHE H 239 18.89 11.35 37.13
N ALA H 240 19.22 12.31 36.26
CA ALA H 240 19.63 11.96 34.92
C ALA H 240 20.96 11.21 34.92
N ALA H 241 21.88 11.59 35.80
CA ALA H 241 23.14 10.87 35.89
C ALA H 241 22.95 9.53 36.59
N GLY H 242 22.29 9.51 37.74
CA GLY H 242 22.03 8.25 38.40
C GLY H 242 21.29 7.27 37.51
N THR H 243 20.46 7.78 36.60
CA THR H 243 19.79 6.90 35.66
C THR H 243 20.76 6.37 34.61
N LEU H 244 21.36 7.26 33.84
CA LEU H 244 22.31 6.83 32.82
C LEU H 244 23.41 5.97 33.40
N ALA H 245 23.70 6.11 34.68
CA ALA H 245 24.69 5.23 35.31
C ALA H 245 24.14 3.84 35.54
N ILE H 246 22.98 3.74 36.17
CA ILE H 246 22.44 2.43 36.52
C ILE H 246 22.23 1.58 35.28
N VAL H 247 21.88 2.19 34.16
CA VAL H 247 21.66 1.42 32.95
C VAL H 247 22.94 0.72 32.51
N ALA H 248 24.06 1.43 32.56
CA ALA H 248 25.31 0.85 32.09
C ALA H 248 25.81 -0.25 33.03
N VAL H 249 25.84 0.03 34.34
CA VAL H 249 26.23 -1.00 35.29
C VAL H 249 25.34 -2.22 35.16
N SER H 250 24.05 -1.99 34.91
CA SER H 250 23.13 -3.11 34.83
C SER H 250 23.36 -3.94 33.57
N MET H 251 23.61 -3.27 32.44
CA MET H 251 23.95 -4.00 31.23
C MET H 251 25.20 -4.85 31.45
N GLY H 252 26.24 -4.26 32.05
CA GLY H 252 27.44 -5.04 32.32
C GLY H 252 27.19 -6.22 33.22
N GLN H 253 26.46 -5.99 34.31
CA GLN H 253 26.18 -7.06 35.24
C GLN H 253 25.37 -8.18 34.60
N ALA H 254 24.42 -7.82 33.72
CA ALA H 254 23.66 -8.85 33.02
C ALA H 254 24.56 -9.65 32.09
N ASN H 255 25.39 -8.97 31.31
CA ASN H 255 26.29 -9.69 30.41
C ASN H 255 27.22 -10.60 31.19
N GLU H 256 27.53 -10.24 32.44
CA GLU H 256 28.46 -11.05 33.22
C GLU H 256 27.72 -12.18 33.94
N LYS H 257 26.44 -12.01 34.19
CA LYS H 257 25.68 -13.03 34.91
C LYS H 257 25.08 -14.07 33.98
N TYR H 258 24.75 -13.67 32.75
CA TYR H 258 24.23 -14.58 31.73
C TYR H 258 25.16 -14.47 30.53
N PRO H 259 26.35 -15.11 30.54
CA PRO H 259 27.30 -14.95 29.44
C PRO H 259 26.75 -15.46 28.10
N VAL H 260 25.82 -16.41 28.14
CA VAL H 260 25.30 -17.02 26.87
C VAL H 260 23.83 -16.61 26.67
N THR H 261 23.55 -15.89 25.58
CA THR H 261 22.16 -15.45 25.28
C THR H 261 21.95 -15.40 23.76
N THR H 262 21.08 -16.24 23.22
CA THR H 262 20.78 -16.24 21.76
C THR H 262 19.57 -15.31 21.50
N PRO H 263 19.36 -14.84 20.24
CA PRO H 263 18.19 -14.02 19.93
C PRO H 263 16.90 -14.86 19.88
N LEU H 264 15.74 -14.19 19.91
CA LEU H 264 14.45 -14.93 19.79
C LEU H 264 14.44 -15.67 18.45
N GLN H 265 14.37 -17.01 18.50
CA GLN H 265 14.39 -17.83 17.25
C GLN H 265 13.05 -17.69 16.52
N ALA H 266 13.05 -18.00 15.22
CA ALA H 266 11.82 -17.92 14.43
C ALA H 266 12.15 -18.32 13.00
N GLY H 267 11.11 -18.68 12.26
CA GLY H 267 11.30 -19.04 10.88
C GLY H 267 10.49 -20.23 10.41
N LEU H 268 9.88 -20.11 9.25
CA LEU H 268 9.07 -21.16 8.65
C LEU H 268 9.85 -22.47 8.56
N MET H 269 9.10 -23.58 8.53
CA MET H 269 9.70 -24.93 8.34
C MET H 269 9.01 -25.53 7.11
N ARG H 270 9.47 -25.16 5.90
CA ARG H 270 8.80 -25.63 4.66
C ARG H 270 8.81 -27.16 4.58
N GLY H 271 9.93 -27.80 4.89
CA GLY H 271 10.05 -29.27 4.78
C GLY H 271 9.13 -30.01 5.73
N ILE H 272 7.92 -30.34 5.29
CA ILE H 272 6.96 -31.12 6.14
C ILE H 272 6.48 -32.31 5.30
N LYS H 273 6.59 -33.52 5.83
CA LYS H 273 6.26 -34.74 5.04
C LYS H 273 4.77 -35.06 5.07
N SER H 274 4.23 -35.53 3.93
CA SER H 274 2.81 -35.93 3.87
C SER H 274 2.71 -37.46 4.00
N LEU H 275 1.61 -38.05 3.51
CA LEU H 275 1.40 -39.51 3.65
C LEU H 275 1.21 -40.11 2.25
N GLU H 276 1.92 -41.19 1.94
CA GLU H 276 1.82 -41.83 0.60
C GLU H 276 0.68 -42.85 0.62
N LEU H 277 -0.56 -42.37 0.69
CA LEU H 277 -1.73 -43.28 0.77
C LEU H 277 -2.08 -43.78 -0.64
N PRO H 278 -2.31 -45.09 -0.93
CA PRO H 278 -2.70 -45.51 -2.28
C PRO H 278 -4.01 -44.85 -2.77
N GLN H 279 -4.06 -44.53 -4.06
CA GLN H 279 -5.27 -43.88 -4.66
C GLN H 279 -6.50 -44.76 -4.37
N PRO H 280 -7.59 -44.21 -3.79
CA PRO H 280 -8.82 -44.98 -3.58
C PRO H 280 -9.36 -45.47 -4.93
N THR H 281 -9.18 -46.76 -5.22
CA THR H 281 -9.67 -47.34 -6.50
C THR H 281 -11.19 -47.12 -6.59
N VAL H 282 -11.88 -47.24 -5.45
CA VAL H 282 -13.36 -46.96 -5.42
C VAL H 282 -13.57 -45.48 -5.76
N SER H 283 -14.13 -45.19 -6.94
CA SER H 283 -14.34 -43.79 -7.37
C SER H 283 -15.81 -43.41 -7.20
N VAL H 284 -16.08 -42.25 -6.61
CA VAL H 284 -17.49 -41.80 -6.37
C VAL H 284 -17.70 -40.46 -7.09
N LYS H 285 -18.81 -40.33 -7.82
CA LYS H 285 -19.12 -39.06 -8.53
C LYS H 285 -20.46 -38.53 -8.01
N VAL H 286 -20.52 -37.28 -7.55
CA VAL H 286 -21.77 -36.81 -7.00
C VAL H 286 -22.63 -36.30 -8.16
N VAL H 287 -23.80 -36.89 -8.34
CA VAL H 287 -24.71 -36.44 -9.39
C VAL H 287 -25.44 -35.18 -8.95
N ASP H 288 -25.90 -35.13 -7.70
CA ASP H 288 -26.55 -33.94 -7.19
C ASP H 288 -26.81 -34.12 -5.71
N ALA H 289 -26.81 -33.00 -4.99
CA ALA H 289 -26.99 -33.01 -3.54
C ALA H 289 -27.94 -31.89 -3.16
N SER H 290 -28.84 -32.17 -2.24
CA SER H 290 -29.79 -31.18 -1.78
C SER H 290 -30.00 -31.35 -0.29
N TYR H 291 -30.63 -30.36 0.35
CA TYR H 291 -30.96 -30.47 1.80
C TYR H 291 -32.32 -29.84 2.06
N ARG H 292 -33.08 -30.41 3.01
CA ARG H 292 -34.45 -29.91 3.29
C ARG H 292 -34.36 -28.67 4.19
N VAL H 293 -35.04 -27.59 3.79
CA VAL H 293 -35.08 -26.35 4.63
C VAL H 293 -36.55 -26.04 4.92
N PRO H 294 -37.03 -26.18 6.18
CA PRO H 294 -36.19 -26.60 7.31
C PRO H 294 -36.04 -28.12 7.47
N GLY H 295 -35.11 -28.55 8.35
CA GLY H 295 -34.87 -29.99 8.54
C GLY H 295 -33.41 -30.26 8.84
N ARG H 296 -33.11 -31.44 9.41
CA ARG H 296 -31.72 -31.80 9.77
C ARG H 296 -31.24 -32.95 8.89
N ALA H 297 -31.42 -32.86 7.57
CA ALA H 297 -31.07 -33.99 6.68
C ALA H 297 -30.53 -33.49 5.34
N MET H 298 -29.51 -34.16 4.79
CA MET H 298 -29.01 -33.81 3.44
C MET H 298 -29.16 -35.06 2.57
N GLN H 299 -29.22 -34.89 1.24
CA GLN H 299 -29.46 -36.06 0.35
C GLN H 299 -28.57 -36.01 -0.89
N MET H 300 -27.67 -36.98 -1.05
CA MET H 300 -26.78 -37.05 -2.19
C MET H 300 -27.21 -38.20 -3.10
N THR H 301 -26.85 -38.09 -4.36
CA THR H 301 -27.00 -39.18 -5.32
C THR H 301 -25.62 -39.51 -5.87
N LEU H 302 -25.10 -40.66 -5.49
CA LEU H 302 -23.73 -41.03 -5.78
C LEU H 302 -23.69 -42.07 -6.88
N GLU H 303 -22.73 -41.94 -7.78
CA GLU H 303 -22.43 -42.95 -8.78
C GLU H 303 -21.10 -43.57 -8.40
N ILE H 304 -21.13 -44.81 -7.95
CA ILE H 304 -19.97 -45.45 -7.35
C ILE H 304 -19.41 -46.51 -8.29
N THR H 305 -18.09 -46.65 -8.28
CA THR H 305 -17.40 -47.70 -9.00
C THR H 305 -16.47 -48.43 -8.05
N ASN H 306 -16.15 -49.67 -8.39
CA ASN H 306 -15.34 -50.53 -7.55
C ASN H 306 -14.14 -51.07 -8.31
N ASN H 307 -13.38 -50.16 -8.93
CA ASN H 307 -12.21 -50.55 -9.69
C ASN H 307 -11.25 -51.39 -8.85
N GLY H 308 -11.45 -51.43 -7.54
CA GLY H 308 -10.67 -52.26 -6.67
C GLY H 308 -10.83 -53.73 -7.00
N ASP H 309 -10.30 -54.57 -6.11
CA ASP H 309 -10.30 -56.01 -6.31
C ASP H 309 -11.25 -56.74 -5.38
N SER H 310 -11.84 -56.06 -4.41
CA SER H 310 -12.70 -56.68 -3.43
C SER H 310 -14.00 -55.90 -3.30
N ALA H 311 -15.03 -56.56 -2.80
CA ALA H 311 -16.32 -55.89 -2.65
C ALA H 311 -16.27 -54.90 -1.50
N VAL H 312 -16.76 -53.69 -1.74
CA VAL H 312 -16.71 -52.62 -0.77
C VAL H 312 -18.13 -52.24 -0.37
N ARG H 313 -18.22 -51.45 0.70
CA ARG H 313 -19.50 -50.95 1.18
C ARG H 313 -19.29 -49.57 1.78
N LEU H 314 -20.28 -48.71 1.61
CA LEU H 314 -20.21 -47.36 2.17
C LEU H 314 -20.36 -47.43 3.68
N ALA H 315 -19.34 -46.98 4.40
CA ALA H 315 -19.31 -47.10 5.85
C ALA H 315 -19.62 -45.80 6.58
N GLU H 316 -19.00 -44.70 6.18
CA GLU H 316 -19.15 -43.46 6.92
C GLU H 316 -19.03 -42.28 5.97
N PHE H 317 -19.73 -41.21 6.29
CA PHE H 317 -19.60 -39.93 5.60
C PHE H 317 -19.21 -38.88 6.64
N ASN H 318 -18.07 -38.26 6.44
CA ASN H 318 -17.51 -37.32 7.40
C ASN H 318 -17.46 -35.93 6.77
N THR H 319 -18.12 -34.96 7.41
CA THR H 319 -18.13 -33.60 6.92
C THR H 319 -18.19 -32.64 8.10
N ALA H 320 -17.33 -31.63 8.09
CA ALA H 320 -17.32 -30.62 9.14
C ALA H 320 -17.19 -31.25 10.52
N SER H 321 -16.45 -32.34 10.60
CA SER H 321 -16.16 -33.05 11.83
C SER H 321 -17.32 -33.93 12.29
N VAL H 322 -18.46 -33.86 11.63
CA VAL H 322 -19.59 -34.72 11.95
C VAL H 322 -19.41 -36.04 11.22
N ARG H 323 -19.60 -37.15 11.93
CA ARG H 323 -19.40 -38.48 11.38
C ARG H 323 -20.74 -39.19 11.30
N PHE H 324 -21.23 -39.39 10.09
CA PHE H 324 -22.43 -40.16 9.84
C PHE H 324 -22.01 -41.58 9.51
N LEU H 325 -22.43 -42.53 10.33
CA LEU H 325 -22.07 -43.93 10.14
C LEU H 325 -23.30 -44.74 9.74
N ASP H 326 -23.05 -45.88 9.10
CA ASP H 326 -24.10 -46.84 8.79
C ASP H 326 -23.88 -48.05 9.70
N ALA H 327 -24.70 -48.16 10.74
CA ALA H 327 -24.50 -49.17 11.76
C ALA H 327 -24.34 -50.57 11.17
N ASP H 328 -24.95 -50.85 10.03
CA ASP H 328 -24.88 -52.18 9.45
C ASP H 328 -23.52 -52.50 8.85
N VAL H 329 -22.63 -51.51 8.72
CA VAL H 329 -21.33 -51.69 8.11
C VAL H 329 -20.20 -51.41 9.10
N TYR H 330 -20.34 -50.36 9.89
CA TYR H 330 -19.22 -49.88 10.70
C TYR H 330 -19.76 -49.22 11.96
N GLU H 331 -19.02 -49.37 13.05
CA GLU H 331 -19.34 -48.72 14.31
C GLU H 331 -18.05 -48.17 14.92
N ASP H 332 -18.17 -47.02 15.56
CA ASP H 332 -17.02 -46.32 16.09
C ASP H 332 -16.46 -47.07 17.29
N ASP H 333 -15.14 -47.01 17.44
CA ASP H 333 -14.45 -47.64 18.57
C ASP H 333 -13.37 -46.73 19.15
N THR H 334 -13.44 -45.43 18.87
CA THR H 334 -12.42 -44.48 19.30
C THR H 334 -12.96 -43.46 20.28
N ASN H 335 -14.14 -43.68 20.84
CA ASN H 335 -14.72 -42.75 21.80
C ASN H 335 -14.89 -41.37 21.19
N TYR H 336 -15.18 -41.33 19.91
CA TYR H 336 -15.39 -40.06 19.23
C TYR H 336 -16.42 -39.24 20.00
N PRO H 337 -16.24 -37.93 20.10
CA PRO H 337 -17.21 -37.11 20.84
C PRO H 337 -18.62 -37.42 20.38
N ASP H 338 -19.47 -37.80 21.34
CA ASP H 338 -20.79 -38.30 20.96
C ASP H 338 -21.61 -37.24 20.24
N ASP H 339 -21.52 -35.99 20.68
CA ASP H 339 -22.33 -34.95 20.08
C ASP H 339 -21.98 -34.72 18.61
N LEU H 340 -20.87 -35.28 18.15
CA LEU H 340 -20.49 -35.21 16.74
C LEU H 340 -20.59 -36.55 16.04
N LEU H 341 -21.08 -37.57 16.72
CA LEU H 341 -21.14 -38.92 16.18
C LEU H 341 -22.59 -39.31 15.91
N ALA H 342 -22.88 -39.64 14.67
CA ALA H 342 -24.20 -40.14 14.28
C ALA H 342 -24.05 -41.62 13.96
N GLU H 343 -24.36 -42.47 14.94
CA GLU H 343 -24.15 -43.90 14.77
C GLU H 343 -24.89 -44.43 13.56
N GLU H 344 -26.17 -44.10 13.44
CA GLU H 344 -26.97 -44.52 12.30
C GLU H 344 -27.45 -43.32 11.49
N GLY H 345 -26.63 -42.27 11.44
CA GLY H 345 -26.99 -41.09 10.68
C GLY H 345 -26.93 -41.28 9.18
N LEU H 346 -26.13 -42.23 8.71
CA LEU H 346 -26.00 -42.47 7.28
C LEU H 346 -27.03 -43.52 6.86
N SER H 347 -27.75 -43.23 5.78
CA SER H 347 -28.76 -44.12 5.26
C SER H 347 -28.57 -44.25 3.76
N VAL H 348 -28.16 -45.43 3.30
CA VAL H 348 -27.93 -45.68 1.89
C VAL H 348 -29.09 -46.52 1.37
N SER H 349 -29.63 -46.14 0.21
CA SER H 349 -30.74 -46.91 -0.41
C SER H 349 -30.32 -48.36 -0.60
N ASP H 350 -29.09 -48.59 -1.09
CA ASP H 350 -28.61 -49.97 -1.33
C ASP H 350 -27.14 -50.08 -0.90
N ASN H 351 -26.89 -50.65 0.29
CA ASN H 351 -25.50 -50.85 0.78
C ASN H 351 -25.09 -52.30 0.58
N SER H 352 -25.70 -52.99 -0.38
CA SER H 352 -25.30 -54.39 -0.69
C SER H 352 -23.84 -54.39 -1.16
N PRO H 353 -22.99 -55.32 -0.67
CA PRO H 353 -21.57 -55.35 -1.03
C PRO H 353 -21.27 -55.02 -2.50
N LEU H 354 -20.79 -53.80 -2.76
CA LEU H 354 -20.45 -53.38 -4.14
C LEU H 354 -19.22 -54.18 -4.59
N ALA H 355 -19.38 -55.13 -5.52
CA ALA H 355 -18.28 -56.03 -5.98
C ALA H 355 -17.45 -55.39 -7.09
N PRO H 356 -16.20 -55.86 -7.39
CA PRO H 356 -15.33 -55.32 -8.45
C PRO H 356 -15.99 -54.76 -9.73
N GLY H 357 -15.44 -53.67 -10.28
CA GLY H 357 -16.11 -53.01 -11.43
C GLY H 357 -17.50 -52.65 -10.95
N GLU H 358 -18.55 -53.13 -11.61
CA GLU H 358 -19.89 -52.99 -11.05
C GLU H 358 -20.15 -51.57 -10.54
N THR H 359 -20.19 -50.64 -11.49
CA THR H 359 -20.63 -49.28 -11.19
C THR H 359 -22.04 -49.31 -10.63
N ARG H 360 -22.42 -48.29 -9.86
CA ARG H 360 -23.74 -48.24 -9.28
C ARG H 360 -24.04 -46.83 -8.84
N THR H 361 -25.33 -46.51 -8.72
CA THR H 361 -25.78 -45.21 -8.24
C THR H 361 -26.72 -45.42 -7.08
N VAL H 362 -26.49 -44.69 -6.00
CA VAL H 362 -27.29 -44.82 -4.79
C VAL H 362 -27.65 -43.45 -4.25
N ASP H 363 -28.69 -43.41 -3.45
CA ASP H 363 -29.14 -42.17 -2.82
C ASP H 363 -28.80 -42.22 -1.34
N VAL H 364 -27.89 -41.36 -0.93
CA VAL H 364 -27.39 -41.31 0.43
C VAL H 364 -28.12 -40.21 1.19
N THR H 365 -28.48 -40.49 2.43
CA THR H 365 -29.15 -39.50 3.28
C THR H 365 -28.43 -39.45 4.62
N ALA H 366 -27.76 -38.35 4.90
CA ALA H 366 -27.06 -38.13 6.15
C ALA H 366 -27.90 -37.18 6.99
N SER H 367 -28.50 -37.69 8.06
CA SER H 367 -29.37 -36.90 8.91
C SER H 367 -28.99 -37.09 10.36
N ASP H 368 -28.98 -36.00 11.12
CA ASP H 368 -28.64 -36.05 12.57
C ASP H 368 -29.02 -34.72 13.21
N ALA H 369 -29.27 -34.69 14.52
CA ALA H 369 -29.56 -33.42 15.22
C ALA H 369 -28.38 -32.46 15.06
N ALA H 370 -27.15 -32.98 14.96
CA ALA H 370 -25.94 -32.14 14.83
C ALA H 370 -25.99 -31.26 13.57
N TRP H 371 -26.75 -31.65 12.55
CA TRP H 371 -26.91 -30.78 11.35
C TRP H 371 -27.46 -29.41 11.79
N GLU H 372 -28.38 -29.40 12.74
CA GLU H 372 -28.98 -28.12 13.22
C GLU H 372 -28.22 -27.62 14.45
N VAL H 373 -27.74 -28.53 15.30
CA VAL H 373 -27.02 -28.13 16.55
C VAL H 373 -25.74 -27.39 16.17
N TYR H 374 -24.98 -27.92 15.19
CA TYR H 374 -23.68 -27.30 14.80
C TYR H 374 -23.91 -26.28 13.68
N ARG H 375 -25.12 -25.73 13.56
CA ARG H 375 -25.42 -24.65 12.58
C ARG H 375 -24.96 -25.00 11.16
N LEU H 376 -24.89 -26.28 10.80
CA LEU H 376 -24.60 -26.64 9.42
C LEU H 376 -25.75 -26.27 8.50
N ALA H 377 -26.97 -26.25 9.01
CA ALA H 377 -28.11 -25.83 8.20
C ALA H 377 -28.03 -24.37 7.82
N ASP H 378 -27.16 -23.59 8.45
CA ASP H 378 -26.99 -22.20 8.09
C ASP H 378 -26.23 -22.01 6.80
N LEU H 379 -26.01 -23.08 6.03
CA LEU H 379 -25.46 -22.93 4.70
C LEU H 379 -26.32 -22.04 3.84
N ILE H 380 -27.58 -21.82 4.24
CA ILE H 380 -28.48 -20.99 3.45
C ILE H 380 -28.08 -19.53 3.45
N TYR H 381 -27.35 -19.10 4.49
CA TYR H 381 -26.98 -17.66 4.62
C TYR H 381 -25.60 -17.48 4.00
N ASP H 382 -24.98 -18.61 3.65
CA ASP H 382 -23.62 -18.53 3.04
C ASP H 382 -23.78 -18.09 1.60
N PRO H 383 -22.93 -17.18 1.09
CA PRO H 383 -22.97 -16.78 -0.32
C PRO H 383 -22.32 -17.83 -1.22
N ASP H 384 -22.25 -19.08 -0.76
CA ASP H 384 -21.66 -20.19 -1.56
C ASP H 384 -22.29 -21.50 -1.06
N SER H 385 -23.42 -21.90 -1.66
CA SER H 385 -24.12 -23.14 -1.22
C SER H 385 -23.47 -24.37 -1.84
N ARG H 386 -22.29 -24.75 -1.34
CA ARG H 386 -21.57 -25.95 -1.84
C ARG H 386 -21.09 -26.75 -0.63
N PHE H 387 -20.56 -27.97 -0.84
CA PHE H 387 -20.16 -28.80 0.28
C PHE H 387 -19.03 -29.73 -0.14
N ALA H 388 -18.38 -30.31 0.88
CA ALA H 388 -17.29 -31.28 0.64
C ALA H 388 -17.29 -32.27 1.81
N GLY H 389 -16.96 -33.55 1.57
CA GLY H 389 -17.00 -34.55 2.64
C GLY H 389 -16.06 -35.71 2.41
N LEU H 390 -15.95 -36.63 3.38
CA LEU H 390 -15.01 -37.77 3.29
C LEU H 390 -15.80 -39.08 3.29
N LEU H 391 -15.71 -39.85 2.21
CA LEU H 391 -16.42 -41.15 2.12
C LEU H 391 -15.46 -42.28 2.52
N PHE H 392 -15.91 -43.20 3.36
CA PHE H 392 -15.09 -44.34 3.76
C PHE H 392 -15.78 -45.64 3.36
N PHE H 393 -15.02 -46.53 2.74
CA PHE H 393 -15.51 -47.83 2.31
C PHE H 393 -14.73 -48.92 3.00
N ILE H 394 -15.37 -50.06 3.20
CA ILE H 394 -14.76 -51.20 3.89
C ILE H 394 -14.97 -52.46 3.06
N ASP H 395 -13.95 -53.31 3.03
CA ASP H 395 -14.00 -54.54 2.26
C ASP H 395 -14.51 -55.67 3.13
N GLU H 396 -14.45 -56.91 2.62
CA GLU H 396 -14.79 -58.06 3.45
C GLU H 396 -13.78 -58.21 4.59
N ASP H 397 -12.50 -57.96 4.30
CA ASP H 397 -11.47 -58.08 5.33
C ASP H 397 -11.66 -57.01 6.40
N GLY H 398 -11.95 -55.78 6.00
CA GLY H 398 -12.11 -54.70 6.95
C GLY H 398 -11.20 -53.53 6.69
N ASN H 399 -10.61 -53.49 5.50
CA ASN H 399 -9.79 -52.34 5.11
C ASN H 399 -10.66 -51.15 4.82
N ARG H 400 -10.07 -49.96 4.87
CA ARG H 400 -10.79 -48.72 4.66
C ARG H 400 -10.16 -47.94 3.52
N GLN H 401 -11.01 -47.42 2.65
CA GLN H 401 -10.62 -46.50 1.60
C GLN H 401 -11.28 -45.16 1.83
N MET H 402 -10.54 -44.10 1.56
CA MET H 402 -10.98 -42.75 1.82
C MET H 402 -11.15 -42.03 0.50
N THR H 403 -12.37 -41.63 0.17
CA THR H 403 -12.67 -40.90 -1.04
C THR H 403 -13.19 -39.53 -0.71
N MET H 404 -12.88 -38.55 -1.56
CA MET H 404 -13.27 -37.17 -1.36
C MET H 404 -14.47 -36.86 -2.23
N VAL H 405 -15.49 -36.23 -1.66
CA VAL H 405 -16.67 -35.82 -2.40
C VAL H 405 -16.85 -34.32 -2.26
N ASP H 406 -17.42 -33.71 -3.27
CA ASP H 406 -17.73 -32.28 -3.20
C ASP H 406 -18.59 -31.91 -4.40
N ALA H 407 -19.54 -31.00 -4.17
CA ALA H 407 -20.48 -30.52 -5.23
C ALA H 407 -21.41 -29.44 -4.65
N PRO H 408 -22.25 -28.74 -5.44
CA PRO H 408 -23.23 -27.79 -4.88
C PRO H 408 -24.34 -28.44 -4.02
N LEU H 409 -24.67 -27.82 -2.88
CA LEU H 409 -25.79 -28.31 -2.03
C LEU H 409 -27.01 -27.45 -2.36
N ILE H 410 -28.13 -28.05 -2.79
CA ILE H 410 -29.31 -27.24 -3.24
C ILE H 410 -30.41 -27.24 -2.19
N PRO H 411 -30.68 -26.14 -1.48
CA PRO H 411 -31.78 -26.08 -0.53
C PRO H 411 -33.16 -26.44 -1.13
N THR H 412 -33.71 -27.58 -0.76
CA THR H 412 -35.07 -27.96 -1.22
C THR H 412 -36.08 -27.44 -0.20
N PHE H 413 -36.68 -26.28 -0.45
CA PHE H 413 -37.61 -25.66 0.53
C PHE H 413 -38.89 -26.48 0.63
N ILE H 414 -39.20 -26.96 1.84
CA ILE H 414 -40.42 -27.78 2.06
C ILE H 414 -41.64 -26.87 2.01
N HIS I 33 33.05 -10.75 -1.91
CA HIS I 33 33.93 -10.18 -0.87
C HIS I 33 33.09 -9.89 0.38
N GLY I 34 31.84 -9.47 0.18
CA GLY I 34 30.95 -9.13 1.31
C GLY I 34 30.11 -10.32 1.76
N GLU I 35 30.39 -11.51 1.24
CA GLU I 35 29.67 -12.73 1.69
C GLU I 35 29.93 -12.93 3.20
N LYS I 36 31.11 -12.51 3.69
CA LYS I 36 31.43 -12.76 5.09
C LYS I 36 30.47 -12.05 6.04
N SER I 37 29.73 -11.05 5.57
CA SER I 37 28.83 -10.30 6.43
C SER I 37 27.39 -10.78 6.35
N GLN I 38 27.09 -11.74 5.49
CA GLN I 38 25.72 -12.23 5.38
C GLN I 38 25.44 -13.28 6.45
N ALA I 39 24.16 -13.38 6.81
CA ALA I 39 23.73 -14.36 7.84
C ALA I 39 24.29 -15.74 7.52
N ALA I 40 24.91 -16.40 8.50
CA ALA I 40 25.54 -17.72 8.27
C ALA I 40 24.50 -18.73 7.78
N PHE I 41 23.32 -18.79 8.41
CA PHE I 41 22.30 -19.79 8.03
C PHE I 41 21.80 -19.52 6.61
N MET I 42 21.71 -18.24 6.22
CA MET I 42 21.28 -17.89 4.85
C MET I 42 22.31 -18.43 3.86
N ARG I 43 23.59 -18.18 4.10
CA ARG I 43 24.66 -18.66 3.20
C ARG I 43 24.59 -20.17 3.09
N MET I 44 24.07 -20.87 4.11
CA MET I 44 24.12 -22.36 4.10
C MET I 44 22.84 -22.97 3.53
N ARG I 45 21.71 -22.26 3.59
CA ARG I 45 20.43 -22.87 3.16
C ARG I 45 19.82 -22.13 1.98
N THR I 46 20.61 -21.73 0.98
CA THR I 46 20.02 -21.10 -0.22
C THR I 46 20.47 -21.81 -1.50
N ILE I 47 21.68 -21.51 -1.99
CA ILE I 47 22.17 -22.07 -3.28
C ILE I 47 23.56 -22.67 -3.05
N HIS I 48 23.82 -23.85 -3.62
CA HIS I 48 25.13 -24.54 -3.41
C HIS I 48 25.89 -24.65 -4.73
N TRP I 49 27.04 -23.98 -4.83
CA TRP I 49 27.82 -23.98 -6.10
C TRP I 49 28.87 -25.10 -6.04
N PHE I 50 28.84 -26.02 -7.02
CA PHE I 50 29.79 -27.14 -7.03
C PHE I 50 30.18 -27.42 -8.46
N ASP I 51 31.22 -28.23 -8.62
CA ASP I 51 31.75 -28.56 -9.94
C ASP I 51 32.25 -27.30 -10.64
N LEU I 52 32.72 -26.35 -9.85
CA LEU I 52 33.17 -25.08 -10.39
C LEU I 52 34.51 -25.25 -11.08
N ASN I 53 34.69 -24.54 -12.18
CA ASN I 53 35.92 -24.61 -12.96
C ASN I 53 36.22 -23.24 -13.54
N TRP I 54 37.40 -22.71 -13.24
CA TRP I 54 37.90 -21.48 -13.83
C TRP I 54 38.90 -21.85 -14.91
N SER I 55 38.69 -21.35 -16.11
CA SER I 55 39.55 -21.73 -17.22
C SER I 55 40.92 -21.10 -17.14
N LYS I 56 41.08 -20.02 -16.38
CA LYS I 56 42.37 -19.35 -16.28
C LYS I 56 42.42 -18.58 -14.98
N ASP I 57 43.63 -18.21 -14.58
CA ASP I 57 43.84 -17.29 -13.47
C ASP I 57 44.78 -16.15 -13.81
N GLN I 58 45.22 -16.05 -15.06
CA GLN I 58 46.16 -15.03 -15.49
C GLN I 58 45.78 -14.65 -16.92
N VAL I 59 45.10 -13.52 -17.08
CA VAL I 59 44.60 -13.10 -18.38
C VAL I 59 45.22 -11.76 -18.74
N SER I 60 45.32 -11.50 -20.04
CA SER I 60 45.72 -10.20 -20.53
C SER I 60 44.52 -9.48 -21.11
N VAL I 61 44.62 -8.15 -21.19
CA VAL I 61 43.51 -7.36 -21.69
C VAL I 61 43.12 -7.86 -23.06
N ASN I 62 41.81 -7.91 -23.32
CA ASN I 62 41.19 -8.40 -24.55
C ASN I 62 41.12 -9.91 -24.57
N GLU I 63 41.63 -10.60 -23.56
CA GLU I 63 41.55 -12.05 -23.52
C GLU I 63 40.32 -12.48 -22.73
N THR I 64 39.90 -13.72 -22.94
CA THR I 64 38.69 -14.22 -22.32
C THR I 64 39.00 -15.40 -21.40
N MET I 65 38.20 -15.52 -20.35
CA MET I 65 38.22 -16.68 -19.47
C MET I 65 36.78 -17.06 -19.17
N SER I 66 36.58 -18.31 -18.78
CA SER I 66 35.23 -18.81 -18.55
C SER I 66 35.13 -19.41 -17.17
N ILE I 67 33.93 -19.37 -16.61
CA ILE I 67 33.62 -19.96 -15.32
C ILE I 67 32.41 -20.85 -15.51
N SER I 68 32.56 -22.13 -15.20
CA SER I 68 31.50 -23.10 -15.40
C SER I 68 31.24 -23.85 -14.10
N GLY I 69 30.14 -24.57 -14.07
CA GLY I 69 29.80 -25.36 -12.91
C GLY I 69 28.31 -25.60 -12.85
N LYS I 70 27.86 -26.01 -11.67
CA LYS I 70 26.45 -26.21 -11.41
C LYS I 70 26.10 -25.60 -10.08
N PHE I 71 24.81 -25.34 -9.87
CA PHE I 71 24.34 -24.89 -8.59
C PHE I 71 22.99 -25.54 -8.31
N HIS I 72 22.76 -25.87 -7.06
CA HIS I 72 21.56 -26.58 -6.65
C HIS I 72 20.75 -25.70 -5.72
N VAL I 73 19.50 -25.40 -6.12
CA VAL I 73 18.62 -24.52 -5.29
C VAL I 73 18.11 -25.37 -4.12
N PHE I 74 18.25 -24.89 -2.88
CA PHE I 74 17.85 -25.69 -1.70
C PHE I 74 16.33 -25.60 -1.51
N ALA I 75 15.67 -26.75 -1.33
CA ALA I 75 14.20 -26.79 -1.14
C ALA I 75 13.81 -26.15 0.19
N GLY I 76 14.68 -26.24 1.21
CA GLY I 76 14.42 -25.58 2.50
C GLY I 76 14.80 -24.11 2.43
N TRP I 77 14.32 -23.41 1.41
CA TRP I 77 14.64 -21.96 1.19
C TRP I 77 14.29 -21.14 2.44
N PRO I 78 15.01 -20.03 2.74
CA PRO I 78 14.63 -19.16 3.85
C PRO I 78 13.29 -18.45 3.63
N GLU I 79 12.51 -18.25 4.69
CA GLU I 79 11.19 -17.65 4.60
C GLU I 79 11.26 -16.20 4.13
N THR I 80 12.22 -15.45 4.66
CA THR I 80 12.33 -14.04 4.34
C THR I 80 12.92 -13.78 2.97
N VAL I 81 13.39 -14.80 2.28
CA VAL I 81 13.89 -14.66 0.91
C VAL I 81 12.83 -15.17 -0.04
N ASP I 82 12.33 -14.29 -0.90
CA ASP I 82 11.31 -14.70 -1.85
C ASP I 82 11.79 -15.89 -2.66
N LYS I 83 10.86 -16.77 -3.01
CA LYS I 83 11.22 -17.87 -3.88
C LYS I 83 11.71 -17.33 -5.22
N PRO I 84 12.68 -17.98 -5.82
CA PRO I 84 13.33 -17.39 -7.00
C PRO I 84 12.51 -17.49 -8.28
N GLU I 85 11.33 -16.88 -8.32
CA GLU I 85 10.63 -16.74 -9.59
C GLU I 85 11.44 -15.87 -10.55
N VAL I 86 12.09 -14.86 -10.02
CA VAL I 86 12.87 -13.90 -10.81
C VAL I 86 14.28 -13.89 -10.27
N ALA I 87 15.22 -14.42 -11.04
CA ALA I 87 16.62 -14.42 -10.65
C ALA I 87 17.46 -13.99 -11.82
N PHE I 88 18.65 -13.49 -11.51
CA PHE I 88 19.57 -13.01 -12.53
C PHE I 88 20.96 -13.54 -12.25
N LEU I 89 21.54 -14.22 -13.23
CA LEU I 89 22.89 -14.76 -13.08
C LEU I 89 23.90 -13.63 -13.29
N ASN I 90 24.51 -13.19 -12.20
CA ASN I 90 25.39 -12.04 -12.21
C ASN I 90 26.83 -12.46 -12.00
N ILE I 91 27.71 -11.47 -11.96
CA ILE I 91 29.13 -11.67 -11.69
C ILE I 91 29.56 -10.69 -10.63
N GLY I 92 30.26 -11.17 -9.62
CA GLY I 92 30.72 -10.31 -8.55
C GLY I 92 32.12 -9.80 -8.77
N ILE I 93 32.25 -8.53 -9.15
CA ILE I 93 33.55 -7.90 -9.34
C ILE I 93 33.44 -6.41 -9.06
N PRO I 94 34.54 -5.77 -8.72
CA PRO I 94 34.52 -4.34 -8.37
C PRO I 94 34.42 -3.45 -9.61
N GLY I 95 33.24 -3.42 -10.21
CA GLY I 95 33.05 -2.66 -11.43
C GLY I 95 33.50 -3.46 -12.62
N PRO I 96 33.28 -2.92 -13.80
CA PRO I 96 33.61 -3.67 -15.02
C PRO I 96 35.11 -3.80 -15.25
N VAL I 97 35.77 -4.61 -14.44
CA VAL I 97 37.14 -4.98 -14.74
C VAL I 97 37.17 -6.02 -15.85
N PHE I 98 36.18 -6.91 -15.86
CA PHE I 98 35.85 -7.73 -17.01
C PHE I 98 34.57 -7.21 -17.63
N ILE I 99 34.25 -7.71 -18.81
CA ILE I 99 32.94 -7.52 -19.40
C ILE I 99 32.32 -8.88 -19.62
N ARG I 100 31.04 -9.01 -19.28
CA ARG I 100 30.32 -10.26 -19.40
C ARG I 100 30.03 -10.50 -20.87
N ALA I 101 30.94 -11.19 -21.55
CA ALA I 101 30.76 -11.44 -22.98
C ALA I 101 29.61 -12.40 -23.23
N GLY I 102 29.21 -13.18 -22.23
CA GLY I 102 28.11 -14.10 -22.39
C GLY I 102 27.87 -14.86 -21.11
N SER I 103 26.70 -15.45 -21.01
CA SER I 103 26.36 -16.24 -19.84
C SER I 103 25.22 -17.19 -20.20
N TRP I 104 25.38 -18.46 -19.89
CA TRP I 104 24.42 -19.49 -20.24
C TRP I 104 23.98 -20.24 -19.00
N ILE I 105 22.71 -20.65 -18.98
CA ILE I 105 22.18 -21.53 -17.96
C ILE I 105 21.51 -22.68 -18.67
N GLY I 106 22.12 -23.86 -18.60
CA GLY I 106 21.57 -24.99 -19.32
C GLY I 106 21.69 -24.88 -20.81
N GLY I 107 22.61 -24.06 -21.31
CA GLY I 107 22.85 -23.95 -22.72
C GLY I 107 22.23 -22.76 -23.41
N GLN I 108 21.36 -22.01 -22.73
CA GLN I 108 20.71 -20.85 -23.31
C GLN I 108 21.33 -19.58 -22.78
N LEU I 109 21.52 -18.60 -23.66
CA LEU I 109 21.96 -17.28 -23.22
C LEU I 109 20.91 -16.67 -22.31
N VAL I 110 21.36 -16.04 -21.23
CA VAL I 110 20.42 -15.48 -20.25
C VAL I 110 20.74 -14.02 -20.00
N PRO I 111 20.60 -13.14 -21.00
CA PRO I 111 20.77 -11.71 -20.74
C PRO I 111 19.66 -11.12 -19.91
N ARG I 112 18.51 -11.78 -19.83
CA ARG I 112 17.41 -11.31 -19.00
C ARG I 112 17.38 -12.10 -17.70
N SER I 113 16.42 -11.77 -16.85
CA SER I 113 16.22 -12.56 -15.65
C SER I 113 15.59 -13.89 -16.02
N VAL I 114 15.63 -14.84 -15.08
CA VAL I 114 15.16 -16.20 -15.32
C VAL I 114 14.39 -16.66 -14.10
N SER I 115 13.77 -17.83 -14.23
CA SER I 115 13.00 -18.45 -13.17
C SER I 115 13.67 -19.76 -12.75
N LEU I 116 13.61 -20.07 -11.47
CA LEU I 116 14.20 -21.29 -10.95
C LEU I 116 13.18 -22.01 -10.07
N GLU I 117 13.39 -23.30 -9.85
CA GLU I 117 12.53 -24.08 -8.98
C GLU I 117 13.32 -24.59 -7.78
N LEU I 118 12.72 -24.49 -6.61
CA LEU I 118 13.33 -25.03 -5.41
C LEU I 118 13.63 -26.51 -5.61
N GLY I 119 14.86 -26.91 -5.31
CA GLY I 119 15.24 -28.30 -5.37
C GLY I 119 15.83 -28.76 -6.69
N GLU I 120 15.97 -27.87 -7.66
CA GLU I 120 16.53 -28.26 -8.94
C GLU I 120 18.03 -28.00 -8.98
N THR I 121 18.69 -28.61 -9.95
CA THR I 121 20.11 -28.39 -10.21
C THR I 121 20.26 -27.88 -11.62
N TYR I 122 21.07 -26.84 -11.79
CA TYR I 122 21.28 -26.23 -13.09
C TYR I 122 22.76 -26.20 -13.42
N GLU I 123 23.08 -26.28 -14.70
CA GLU I 123 24.43 -26.11 -15.18
C GLU I 123 24.55 -24.71 -15.77
N PHE I 124 25.61 -24.00 -15.42
CA PHE I 124 25.79 -22.63 -15.86
C PHE I 124 27.20 -22.44 -16.40
N LYS I 125 27.38 -21.34 -17.13
CA LYS I 125 28.67 -20.98 -17.67
C LYS I 125 28.69 -19.48 -17.93
N VAL I 126 29.82 -18.85 -17.66
CA VAL I 126 29.97 -17.40 -17.86
C VAL I 126 31.26 -17.16 -18.61
N LEU I 127 31.24 -16.23 -19.54
CA LEU I 127 32.39 -15.91 -20.36
C LEU I 127 32.78 -14.45 -20.13
N LEU I 128 33.99 -14.23 -19.64
CA LEU I 128 34.47 -12.90 -19.30
C LEU I 128 35.57 -12.48 -20.24
N LYS I 129 35.68 -11.16 -20.45
CA LYS I 129 36.74 -10.57 -21.25
C LYS I 129 37.49 -9.56 -20.41
N ALA I 130 38.79 -9.78 -20.24
CA ALA I 130 39.59 -8.93 -19.37
C ALA I 130 39.64 -7.51 -19.91
N ARG I 131 39.45 -6.54 -19.01
CA ARG I 131 39.37 -5.15 -19.42
C ARG I 131 40.34 -4.24 -18.68
N ARG I 132 40.55 -4.45 -17.39
CA ARG I 132 41.34 -3.53 -16.58
C ARG I 132 42.40 -4.29 -15.79
N PRO I 133 43.66 -3.91 -15.89
CA PRO I 133 44.71 -4.65 -15.18
C PRO I 133 44.56 -4.57 -13.67
N GLY I 134 45.09 -5.56 -12.99
CA GLY I 134 45.03 -5.63 -11.55
C GLY I 134 44.82 -7.06 -11.10
N ASP I 135 44.53 -7.22 -9.82
CA ASP I 135 44.20 -8.51 -9.24
C ASP I 135 42.80 -8.40 -8.65
N TRP I 136 41.88 -9.24 -9.13
CA TRP I 136 40.46 -9.11 -8.70
C TRP I 136 39.90 -10.44 -8.20
N HIS I 137 39.07 -10.39 -7.15
CA HIS I 137 38.40 -11.62 -6.66
C HIS I 137 37.11 -11.79 -7.45
N VAL I 138 37.05 -12.80 -8.33
CA VAL I 138 35.86 -12.98 -9.22
C VAL I 138 34.91 -14.01 -8.60
N HIS I 139 33.71 -13.56 -8.20
CA HIS I 139 32.72 -14.46 -7.56
C HIS I 139 31.57 -14.74 -8.55
N THR I 140 30.87 -15.86 -8.39
CA THR I 140 29.68 -16.16 -9.23
C THR I 140 28.46 -15.94 -8.34
N MET I 141 27.55 -15.04 -8.71
CA MET I 141 26.46 -14.71 -7.81
C MET I 141 25.13 -14.81 -8.54
N MET I 142 24.07 -14.91 -7.76
CA MET I 142 22.71 -15.00 -8.26
C MET I 142 21.87 -13.98 -7.52
N ASN I 143 21.41 -12.96 -8.22
CA ASN I 143 20.50 -12.00 -7.64
C ASN I 143 19.09 -12.54 -7.69
N VAL I 144 18.39 -12.53 -6.56
CA VAL I 144 17.03 -13.03 -6.47
C VAL I 144 16.14 -11.87 -6.08
N GLN I 145 15.20 -11.52 -6.96
CA GLN I 145 14.29 -10.43 -6.67
C GLN I 145 13.53 -10.71 -5.38
N GLY I 146 13.37 -9.67 -4.57
CA GLY I 146 12.80 -9.85 -3.24
C GLY I 146 13.68 -10.60 -2.28
N GLY I 147 14.84 -11.06 -2.73
CA GLY I 147 15.79 -11.74 -1.87
C GLY I 147 17.01 -10.89 -1.66
N GLY I 148 18.06 -11.18 -2.43
CA GLY I 148 19.27 -10.39 -2.37
C GLY I 148 20.37 -11.05 -3.16
N PRO I 149 21.59 -10.64 -2.94
CA PRO I 149 22.71 -11.28 -3.63
C PRO I 149 23.08 -12.60 -2.97
N ILE I 150 23.23 -13.64 -3.77
CA ILE I 150 23.64 -14.95 -3.28
C ILE I 150 25.00 -15.24 -3.90
N ILE I 151 26.06 -15.03 -3.15
CA ILE I 151 27.41 -14.99 -3.67
C ILE I 151 28.04 -16.38 -3.55
N GLY I 152 28.61 -16.84 -4.65
CA GLY I 152 29.32 -18.09 -4.66
C GLY I 152 30.78 -17.89 -4.31
N PRO I 153 31.58 -18.95 -4.42
CA PRO I 153 33.00 -18.83 -4.09
C PRO I 153 33.71 -17.94 -5.09
N GLY I 154 34.70 -17.21 -4.60
CA GLY I 154 35.49 -16.31 -5.42
C GLY I 154 36.87 -16.88 -5.69
N LYS I 155 37.47 -16.41 -6.78
CA LYS I 155 38.81 -16.82 -7.17
C LYS I 155 39.63 -15.59 -7.54
N TRP I 156 40.91 -15.62 -7.21
CA TRP I 156 41.79 -14.50 -7.53
C TRP I 156 42.29 -14.63 -8.96
N VAL I 157 41.93 -13.66 -9.79
CA VAL I 157 42.36 -13.62 -11.18
C VAL I 157 43.16 -12.35 -11.40
N THR I 158 44.25 -12.47 -12.15
CA THR I 158 45.12 -11.34 -12.44
C THR I 158 45.00 -10.95 -13.90
N ILE I 159 44.83 -9.66 -14.14
CA ILE I 159 44.75 -9.11 -15.49
C ILE I 159 45.99 -8.28 -15.74
N THR I 160 46.65 -8.50 -16.87
CA THR I 160 47.87 -7.79 -17.21
C THR I 160 47.69 -7.11 -18.55
N GLY I 161 48.38 -5.98 -18.73
CA GLY I 161 48.29 -5.20 -19.94
C GLY I 161 47.93 -3.77 -19.59
N SER I 162 47.43 -3.05 -20.60
CA SER I 162 47.03 -1.67 -20.43
C SER I 162 45.58 -1.51 -20.87
N MET I 163 44.78 -0.84 -20.04
CA MET I 163 43.37 -0.68 -20.36
C MET I 163 43.16 0.06 -21.67
N GLY I 164 44.14 0.83 -22.13
CA GLY I 164 44.01 1.52 -23.39
C GLY I 164 43.90 0.61 -24.59
N ASP I 165 44.18 -0.66 -24.43
CA ASP I 165 44.13 -1.62 -25.54
C ASP I 165 42.79 -2.32 -25.65
N PHE I 166 41.87 -2.08 -24.73
CA PHE I 166 40.61 -2.80 -24.73
C PHE I 166 39.77 -2.44 -25.95
N LYS I 167 39.28 -3.45 -26.64
CA LYS I 167 38.42 -3.27 -27.79
C LYS I 167 37.15 -4.08 -27.61
N ASN I 168 36.01 -3.47 -27.93
CA ASN I 168 34.71 -4.12 -27.80
C ASN I 168 33.97 -4.01 -29.12
N PRO I 169 34.44 -4.70 -30.16
CA PRO I 169 33.82 -4.56 -31.47
C PRO I 169 32.46 -5.24 -31.51
N ILE I 170 31.54 -4.66 -32.25
CA ILE I 170 30.18 -5.18 -32.38
C ILE I 170 29.68 -4.87 -33.77
N THR I 171 28.90 -5.78 -34.34
CA THR I 171 28.26 -5.56 -35.62
C THR I 171 26.75 -5.53 -35.42
N THR I 172 26.11 -4.51 -36.00
CA THR I 172 24.69 -4.31 -35.80
C THR I 172 23.88 -4.98 -36.89
N LEU I 173 22.56 -5.01 -36.69
CA LEU I 173 21.68 -5.57 -37.71
C LEU I 173 21.73 -4.78 -39.01
N THR I 174 22.50 -3.71 -39.07
CA THR I 174 22.83 -3.02 -40.30
C THR I 174 24.28 -3.19 -40.72
N GLY I 175 25.19 -3.28 -39.76
CA GLY I 175 26.54 -3.77 -40.02
C GLY I 175 27.36 -3.03 -41.05
N GLU I 176 27.89 -1.84 -40.74
CA GLU I 176 27.88 -1.24 -39.40
C GLU I 176 28.45 -2.06 -38.26
N THR I 177 29.77 -2.27 -38.29
CA THR I 177 30.49 -2.73 -37.12
C THR I 177 31.03 -1.53 -36.37
N ILE I 178 30.83 -1.51 -35.05
CA ILE I 178 31.19 -0.37 -34.23
C ILE I 178 32.01 -0.86 -33.04
N ASP I 179 32.50 0.11 -32.26
CA ASP I 179 33.29 -0.18 -31.06
C ASP I 179 32.51 0.32 -29.86
N LEU I 180 31.86 -0.61 -29.16
CA LEU I 180 30.95 -0.23 -28.09
C LEU I 180 31.63 0.55 -26.97
N GLU I 181 32.96 0.60 -26.97
CA GLU I 181 33.64 1.29 -25.88
C GLU I 181 33.54 2.80 -26.02
N THR I 182 33.54 3.31 -27.25
CA THR I 182 33.53 4.74 -27.48
C THR I 182 32.47 5.18 -28.47
N TYR I 183 31.59 4.29 -28.89
CA TYR I 183 30.62 4.62 -29.93
C TYR I 183 29.60 5.61 -29.41
N ALA I 184 29.27 6.60 -30.24
CA ALA I 184 28.26 7.62 -29.97
C ALA I 184 28.71 8.62 -28.91
N LEU I 185 29.99 8.63 -28.53
CA LEU I 185 30.42 9.52 -27.46
C LEU I 185 30.43 10.98 -27.91
N ASP I 186 30.98 11.25 -29.10
CA ASP I 186 31.06 12.62 -29.56
C ASP I 186 29.67 13.26 -29.63
N GLY I 187 28.66 12.46 -30.00
CA GLY I 187 27.32 12.99 -30.02
C GLY I 187 26.84 13.42 -28.65
N VAL I 188 27.05 12.56 -27.65
CA VAL I 188 26.67 12.93 -26.29
C VAL I 188 27.36 14.21 -25.87
N TYR I 189 28.68 14.26 -26.05
CA TYR I 189 29.42 15.44 -25.64
C TYR I 189 28.90 16.68 -26.35
N GLY I 190 28.76 16.62 -27.67
CA GLY I 190 28.32 17.78 -28.42
C GLY I 190 26.96 18.27 -27.97
N TRP I 191 26.00 17.37 -27.86
CA TRP I 191 24.65 17.79 -27.51
C TRP I 191 24.60 18.38 -26.11
N HIS I 192 25.23 17.71 -25.15
CA HIS I 192 25.18 18.24 -23.79
C HIS I 192 25.90 19.56 -23.68
N LEU I 193 27.06 19.69 -24.33
CA LEU I 193 27.78 20.95 -24.29
C LEU I 193 26.97 22.05 -24.94
N PHE I 194 26.29 21.75 -26.04
CA PHE I 194 25.48 22.78 -26.71
C PHE I 194 24.36 23.26 -25.80
N TRP I 195 23.60 22.33 -25.24
CA TRP I 195 22.49 22.75 -24.37
C TRP I 195 23.00 23.51 -23.16
N TYR I 196 24.15 23.10 -22.61
CA TYR I 196 24.70 23.81 -21.47
C TYR I 196 25.10 25.22 -21.83
N LEU I 197 25.79 25.38 -22.97
CA LEU I 197 26.18 26.72 -23.37
C LEU I 197 24.96 27.58 -23.67
N LEU I 198 23.89 26.98 -24.19
CA LEU I 198 22.68 27.75 -24.41
C LEU I 198 22.11 28.26 -23.10
N GLY I 199 22.04 27.39 -22.09
CA GLY I 199 21.51 27.78 -20.77
C GLY I 199 22.39 28.81 -20.08
N VAL I 200 23.71 28.68 -20.22
CA VAL I 200 24.66 29.66 -19.62
C VAL I 200 24.40 31.02 -20.27
N ALA I 201 24.23 31.06 -21.60
CA ALA I 201 24.01 32.33 -22.32
C ALA I 201 22.74 33.03 -21.80
N TRP I 202 21.68 32.27 -21.49
CA TRP I 202 20.45 32.88 -20.94
C TRP I 202 20.79 33.64 -19.66
N MET I 203 21.46 32.97 -18.72
CA MET I 203 21.83 33.63 -17.43
C MET I 203 22.76 34.82 -17.72
N VAL I 204 23.72 34.65 -18.62
CA VAL I 204 24.69 35.73 -18.95
C VAL I 204 23.95 36.96 -19.47
N TYR I 205 22.92 36.78 -20.31
CA TYR I 205 22.16 37.92 -20.78
C TYR I 205 21.69 38.78 -19.63
N TRP I 206 21.35 38.17 -18.49
CA TRP I 206 20.85 38.93 -17.32
C TRP I 206 21.95 39.19 -16.28
N CYS I 207 23.11 38.55 -16.40
CA CYS I 207 24.15 38.67 -15.34
C CYS I 207 24.88 40.02 -15.41
N ARG I 208 25.05 40.56 -16.61
CA ARG I 208 25.76 41.86 -16.78
C ARG I 208 25.01 42.94 -16.00
N LYS I 209 23.68 42.93 -16.06
CA LYS I 209 22.85 43.92 -15.33
C LYS I 209 23.02 43.71 -13.83
N PRO I 210 23.25 44.78 -13.02
CA PRO I 210 23.34 44.64 -11.56
C PRO I 210 22.11 43.90 -11.01
N VAL I 211 22.34 42.79 -10.28
CA VAL I 211 21.19 41.97 -9.81
C VAL I 211 21.03 42.12 -8.30
N PHE I 212 19.99 41.50 -7.72
CA PHE I 212 19.74 41.51 -6.25
C PHE I 212 19.41 42.92 -5.74
N ILE I 213 20.38 43.63 -5.16
CA ILE I 213 20.13 44.96 -4.52
C ILE I 213 19.22 45.88 -5.37
N PRO I 214 19.58 46.39 -6.59
CA PRO I 214 18.71 47.34 -7.30
C PRO I 214 17.33 46.70 -7.53
N ARG I 215 17.29 45.40 -7.85
CA ARG I 215 16.01 44.71 -8.13
C ARG I 215 15.16 44.70 -6.87
N ARG I 216 15.74 44.35 -5.71
CA ARG I 216 14.97 44.39 -4.43
C ARG I 216 14.37 45.78 -4.26
N ILE I 217 15.22 46.82 -4.22
CA ILE I 217 14.76 48.22 -4.00
C ILE I 217 13.64 48.53 -5.00
N ALA I 218 13.81 48.17 -6.27
CA ALA I 218 12.81 48.48 -7.31
C ALA I 218 11.44 47.95 -6.90
N VAL I 219 11.32 46.63 -6.70
CA VAL I 219 9.98 46.05 -6.40
C VAL I 219 9.49 46.53 -5.03
N ASP I 220 10.42 46.75 -4.09
CA ASP I 220 10.03 47.27 -2.75
C ASP I 220 9.37 48.65 -2.92
N ALA I 221 9.93 49.50 -3.78
CA ALA I 221 9.36 50.85 -4.02
C ALA I 221 8.06 50.74 -4.84
N GLY I 222 7.95 49.71 -5.68
CA GLY I 222 6.74 49.52 -6.50
C GLY I 222 7.07 49.57 -7.98
N LYS I 223 8.37 49.65 -8.31
CA LYS I 223 8.79 49.59 -9.73
C LYS I 223 9.04 48.12 -10.06
N ALA I 224 8.01 47.28 -9.97
CA ALA I 224 8.15 45.82 -10.26
C ALA I 224 8.80 45.62 -11.63
N ASP I 225 8.50 46.50 -12.59
CA ASP I 225 9.15 46.42 -13.93
C ASP I 225 10.60 46.90 -13.78
N SER I 226 11.48 46.06 -13.23
CA SER I 226 12.89 46.47 -12.99
C SER I 226 13.68 46.38 -14.29
N LEU I 227 13.88 45.16 -14.80
CA LEU I 227 14.68 44.97 -16.04
C LEU I 227 13.89 44.13 -17.04
N ILE I 228 12.56 44.08 -16.89
CA ILE I 228 11.72 43.34 -17.88
C ILE I 228 11.25 44.33 -18.95
N THR I 229 12.19 44.84 -19.75
CA THR I 229 11.85 45.81 -20.84
C THR I 229 11.35 45.02 -22.07
N PRO I 230 10.64 45.62 -23.04
CA PRO I 230 10.25 44.91 -24.26
C PRO I 230 11.42 44.17 -24.94
N THR I 231 12.57 44.82 -25.07
CA THR I 231 13.76 44.18 -25.70
C THR I 231 14.18 42.97 -24.87
N ASP I 232 13.99 43.03 -23.56
CA ASP I 232 14.39 41.91 -22.65
C ASP I 232 13.38 40.78 -22.78
N LYS I 233 12.14 41.10 -23.16
CA LYS I 233 11.09 40.06 -23.29
C LYS I 233 11.15 39.44 -24.69
N LYS I 234 11.59 40.20 -25.69
CA LYS I 234 11.73 39.67 -27.07
C LYS I 234 12.94 38.73 -27.13
N VAL I 235 13.92 38.95 -26.26
CA VAL I 235 15.09 38.00 -26.19
C VAL I 235 14.54 36.67 -25.69
N GLY I 236 13.62 36.70 -24.72
CA GLY I 236 12.98 35.46 -24.23
C GLY I 236 12.32 34.69 -25.36
N MET I 237 11.61 35.38 -26.26
CA MET I 237 10.93 34.71 -27.40
C MET I 237 11.96 33.99 -28.28
N ALA I 238 12.98 34.68 -28.77
CA ALA I 238 14.08 34.12 -29.54
C ALA I 238 14.59 32.84 -28.90
N PHE I 239 14.96 32.91 -27.63
CA PHE I 239 15.41 31.72 -26.93
C PHE I 239 14.34 30.64 -26.96
N ALA I 240 13.10 31.01 -26.64
CA ALA I 240 12.03 30.03 -26.63
C ALA I 240 11.75 29.48 -28.03
N ALA I 241 11.83 30.35 -29.04
CA ALA I 241 11.63 29.87 -30.41
C ALA I 241 12.84 29.10 -30.91
N GLY I 242 14.04 29.66 -30.74
CA GLY I 242 15.23 28.93 -31.13
C GLY I 242 15.33 27.58 -30.45
N THR I 243 14.79 27.46 -29.24
CA THR I 243 14.78 26.17 -28.57
C THR I 243 13.77 25.24 -29.21
N LEU I 244 12.49 25.61 -29.18
CA LEU I 244 11.47 24.77 -29.79
C LEU I 244 11.78 24.43 -31.23
N ALA I 245 12.57 25.26 -31.91
CA ALA I 245 12.97 24.93 -33.28
C ALA I 245 14.03 23.84 -33.30
N ILE I 246 15.10 24.01 -32.52
CA ILE I 246 16.20 23.06 -32.58
C ILE I 246 15.73 21.66 -32.21
N VAL I 247 14.76 21.56 -31.31
CA VAL I 247 14.28 20.24 -30.90
C VAL I 247 13.67 19.51 -32.09
N ALA I 248 12.87 20.20 -32.89
CA ALA I 248 12.18 19.56 -33.99
C ALA I 248 13.16 19.17 -35.10
N VAL I 249 14.02 20.10 -35.51
CA VAL I 249 15.03 19.78 -36.51
C VAL I 249 15.88 18.62 -36.05
N SER I 250 16.19 18.58 -34.75
CA SER I 250 17.06 17.53 -34.25
C SER I 250 16.36 16.19 -34.25
N MET I 251 15.09 16.15 -33.86
CA MET I 251 14.33 14.92 -33.96
C MET I 251 14.30 14.41 -35.39
N GLY I 252 14.00 15.30 -36.34
CA GLY I 252 13.98 14.87 -37.73
C GLY I 252 15.32 14.35 -38.20
N GLN I 253 16.39 15.07 -37.87
CA GLN I 253 17.72 14.64 -38.29
C GLN I 253 18.10 13.31 -37.67
N ALA I 254 17.71 13.07 -36.43
CA ALA I 254 17.99 11.77 -35.81
C ALA I 254 17.22 10.67 -36.51
N ASN I 255 15.92 10.87 -36.75
CA ASN I 255 15.14 9.85 -37.44
C ASN I 255 15.72 9.57 -38.82
N GLU I 256 16.36 10.56 -39.43
CA GLU I 256 16.89 10.36 -40.78
C GLU I 256 18.28 9.74 -40.74
N LYS I 257 19.00 9.92 -39.64
CA LYS I 257 20.35 9.40 -39.55
C LYS I 257 20.39 7.99 -38.98
N TYR I 258 19.43 7.64 -38.14
CA TYR I 258 19.30 6.29 -37.59
C TYR I 258 17.90 5.82 -37.94
N PRO I 259 17.64 5.36 -39.19
CA PRO I 259 16.28 4.98 -39.58
C PRO I 259 15.74 3.79 -38.76
N VAL I 260 16.62 2.94 -38.24
CA VAL I 260 16.17 1.72 -37.51
C VAL I 260 16.51 1.86 -36.02
N THR I 261 15.50 1.85 -35.16
CA THR I 261 15.72 1.97 -33.68
C THR I 261 14.63 1.19 -32.95
N THR I 262 15.00 0.13 -32.22
CA THR I 262 14.02 -0.67 -31.45
C THR I 262 13.96 -0.12 -30.02
N PRO I 263 12.90 -0.41 -29.22
CA PRO I 263 12.84 0.03 -27.83
C PRO I 263 13.77 -0.79 -26.94
N LEU I 264 14.04 -0.30 -25.71
CA LEU I 264 14.89 -1.07 -24.76
C LEU I 264 14.20 -2.41 -24.49
N GLN I 265 14.86 -3.52 -24.84
CA GLN I 265 14.26 -4.88 -24.67
C GLN I 265 14.26 -5.25 -23.19
N ALA I 266 13.42 -6.21 -22.80
CA ALA I 266 13.34 -6.65 -21.41
C ALA I 266 12.28 -7.72 -21.30
N GLY I 267 12.35 -8.50 -20.23
CA GLY I 267 11.37 -9.53 -20.01
C GLY I 267 11.94 -10.83 -19.49
N LEU I 268 11.26 -11.40 -18.50
CA LEU I 268 11.66 -12.66 -17.89
C LEU I 268 11.81 -13.76 -18.93
N MET I 269 12.62 -14.76 -18.60
CA MET I 269 12.80 -15.96 -19.48
C MET I 269 12.45 -17.17 -18.60
N ARG I 270 11.15 -17.47 -18.46
CA ARG I 270 10.72 -18.58 -17.56
C ARG I 270 11.34 -19.90 -17.99
N GLY I 271 11.34 -20.19 -19.31
CA GLY I 271 11.86 -21.49 -19.81
C GLY I 271 13.34 -21.66 -19.57
N ILE I 272 13.72 -22.27 -18.44
CA ILE I 272 15.16 -22.54 -18.13
C ILE I 272 15.28 -24.02 -17.77
N LYS I 273 16.18 -24.76 -18.42
CA LYS I 273 16.26 -26.22 -18.22
C LYS I 273 17.12 -26.58 -17.01
N SER I 274 16.72 -27.62 -16.27
CA SER I 274 17.51 -28.10 -15.11
C SER I 274 18.34 -29.32 -15.54
N LEU I 275 18.74 -30.16 -14.57
CA LEU I 275 19.59 -31.33 -14.88
C LEU I 275 18.87 -32.60 -14.39
N GLU I 276 18.80 -33.62 -15.23
CA GLU I 276 18.10 -34.88 -14.86
C GLU I 276 19.11 -35.80 -14.16
N LEU I 277 19.52 -35.46 -12.95
CA LEU I 277 20.54 -36.27 -12.21
C LEU I 277 19.83 -37.45 -11.56
N PRO I 278 20.33 -38.74 -11.64
CA PRO I 278 19.65 -39.84 -10.93
C PRO I 278 19.58 -39.64 -9.41
N GLN I 279 18.47 -40.06 -8.80
CA GLN I 279 18.31 -39.92 -7.33
C GLN I 279 19.48 -40.59 -6.61
N PRO I 280 20.19 -39.90 -5.69
CA PRO I 280 21.27 -40.52 -4.92
C PRO I 280 20.72 -41.70 -4.10
N THR I 281 20.98 -42.93 -4.54
CA THR I 281 20.49 -44.13 -3.82
C THR I 281 21.03 -44.11 -2.39
N VAL I 282 22.27 -43.64 -2.21
CA VAL I 282 22.86 -43.50 -0.85
C VAL I 282 22.04 -42.45 -0.08
N SER I 283 21.27 -42.88 0.92
CA SER I 283 20.42 -41.93 1.68
C SER I 283 21.06 -41.63 3.03
N VAL I 284 21.12 -40.36 3.41
CA VAL I 284 21.75 -39.95 4.70
C VAL I 284 20.71 -39.22 5.55
N LYS I 285 20.61 -39.58 6.83
CA LYS I 285 19.64 -38.92 7.75
C LYS I 285 20.43 -38.29 8.90
N VAL I 286 20.24 -36.99 9.17
CA VAL I 286 21.05 -36.39 10.22
C VAL I 286 20.34 -36.64 11.55
N VAL I 287 21.01 -37.32 12.47
CA VAL I 287 20.42 -37.56 13.78
C VAL I 287 20.54 -36.32 14.65
N ASP I 288 21.68 -35.64 14.61
CA ASP I 288 21.84 -34.41 15.38
C ASP I 288 23.17 -33.79 15.01
N ALA I 289 23.24 -32.47 15.10
CA ALA I 289 24.41 -31.72 14.73
C ALA I 289 24.65 -30.63 15.76
N SER I 290 25.91 -30.43 16.15
CA SER I 290 26.26 -29.42 17.12
C SER I 290 27.57 -28.79 16.71
N TYR I 291 27.91 -27.66 17.34
CA TYR I 291 29.21 -26.99 17.07
C TYR I 291 29.77 -26.42 18.38
N ARG I 292 31.10 -26.44 18.52
CA ARG I 292 31.73 -25.97 19.78
C ARG I 292 31.82 -24.45 19.76
N VAL I 293 31.35 -23.79 20.83
CA VAL I 293 31.46 -22.31 20.94
C VAL I 293 32.23 -21.99 22.22
N PRO I 294 33.48 -21.47 22.15
CA PRO I 294 34.13 -21.16 20.88
C PRO I 294 34.87 -22.34 20.23
N GLY I 295 35.30 -22.17 18.96
CA GLY I 295 35.98 -23.26 18.24
C GLY I 295 35.65 -23.23 16.76
N ARG I 296 36.46 -23.90 15.93
CA ARG I 296 36.24 -23.90 14.47
C ARG I 296 35.88 -25.31 14.01
N ALA I 297 34.91 -25.95 14.67
CA ALA I 297 34.57 -27.35 14.34
C ALA I 297 33.07 -27.61 14.50
N MET I 298 32.48 -28.40 13.59
CA MET I 298 31.05 -28.80 13.75
C MET I 298 31.00 -30.33 13.82
N GLN I 299 29.95 -30.91 14.40
CA GLN I 299 29.90 -32.37 14.58
C GLN I 299 28.52 -32.93 14.25
N MET I 300 28.41 -33.77 13.21
CA MET I 300 27.16 -34.38 12.83
C MET I 300 27.18 -35.85 13.19
N THR I 301 25.99 -36.42 13.36
CA THR I 301 25.82 -37.85 13.51
C THR I 301 24.90 -38.33 12.40
N LEU I 302 25.47 -39.06 11.44
CA LEU I 302 24.77 -39.43 10.22
C LEU I 302 24.38 -40.90 10.28
N GLU I 303 23.18 -41.19 9.80
CA GLU I 303 22.73 -42.56 9.58
C GLU I 303 22.67 -42.78 8.08
N ILE I 304 23.59 -43.59 7.57
CA ILE I 304 23.79 -43.73 6.14
C ILE I 304 23.29 -45.08 5.66
N THR I 305 22.75 -45.09 4.45
CA THR I 305 22.34 -46.32 3.79
C THR I 305 22.96 -46.36 2.39
N ASN I 306 23.09 -47.57 1.86
CA ASN I 306 23.76 -47.79 0.58
C ASN I 306 22.85 -48.56 -0.36
N ASN I 307 21.62 -48.07 -0.53
CA ASN I 307 20.66 -48.72 -1.42
C ASN I 307 21.24 -48.91 -2.82
N GLY I 308 22.35 -48.26 -3.11
CA GLY I 308 23.03 -48.43 -4.38
C GLY I 308 23.50 -49.86 -4.57
N ASP I 309 24.31 -50.05 -5.61
CA ASP I 309 24.80 -51.37 -5.97
C ASP I 309 26.28 -51.57 -5.70
N SER I 310 26.98 -50.51 -5.30
CA SER I 310 28.42 -50.57 -5.10
C SER I 310 28.77 -49.93 -3.76
N ALA I 311 29.93 -50.30 -3.22
CA ALA I 311 30.35 -49.75 -1.95
C ALA I 311 30.76 -48.29 -2.10
N VAL I 312 30.26 -47.44 -1.22
CA VAL I 312 30.50 -46.01 -1.28
C VAL I 312 31.30 -45.58 -0.06
N ARG I 313 31.81 -44.35 -0.13
CA ARG I 313 32.54 -43.76 0.98
C ARG I 313 32.30 -42.26 0.99
N LEU I 314 32.24 -41.69 2.19
CA LEU I 314 32.02 -40.26 2.34
C LEU I 314 33.29 -39.53 1.90
N ALA I 315 33.15 -38.68 0.89
CA ALA I 315 34.30 -38.01 0.30
C ALA I 315 34.43 -36.55 0.71
N GLU I 316 33.34 -35.79 0.63
CA GLU I 316 33.43 -34.36 0.88
C GLU I 316 32.11 -33.87 1.46
N PHE I 317 32.21 -32.83 2.29
CA PHE I 317 31.06 -32.12 2.81
C PHE I 317 31.19 -30.66 2.42
N ASN I 318 30.23 -30.15 1.67
CA ASN I 318 30.29 -28.81 1.11
C ASN I 318 29.17 -27.98 1.72
N THR I 319 29.53 -26.88 2.36
CA THR I 319 28.55 -25.98 2.96
C THR I 319 29.05 -24.55 2.88
N ALA I 320 28.20 -23.65 2.42
CA ALA I 320 28.53 -22.23 2.35
C ALA I 320 29.82 -22.02 1.55
N SER I 321 30.01 -22.84 0.52
CA SER I 321 31.14 -22.76 -0.39
C SER I 321 32.42 -23.33 0.21
N VAL I 322 32.43 -23.71 1.48
CA VAL I 322 33.59 -24.34 2.09
C VAL I 322 33.53 -25.84 1.80
N ARG I 323 34.65 -26.40 1.38
CA ARG I 323 34.73 -27.80 0.99
C ARG I 323 35.61 -28.53 1.98
N PHE I 324 35.00 -29.38 2.81
CA PHE I 324 35.71 -30.25 3.72
C PHE I 324 35.90 -31.60 3.03
N LEU I 325 37.14 -31.99 2.82
CA LEU I 325 37.46 -33.23 2.15
C LEU I 325 38.08 -34.22 3.13
N ASP I 326 38.00 -35.50 2.79
CA ASP I 326 38.67 -36.56 3.53
C ASP I 326 39.81 -37.07 2.64
N ALA I 327 41.03 -36.66 2.97
CA ALA I 327 42.17 -36.96 2.11
C ALA I 327 42.26 -38.44 1.75
N ASP I 328 41.80 -39.32 2.63
CA ASP I 328 41.92 -40.76 2.36
C ASP I 328 40.96 -41.25 1.29
N VAL I 329 40.02 -40.41 0.86
CA VAL I 329 39.03 -40.81 -0.14
C VAL I 329 39.12 -39.96 -1.39
N TYR I 330 39.32 -38.66 -1.24
CA TYR I 330 39.22 -37.75 -2.38
C TYR I 330 40.13 -36.55 -2.16
N GLU I 331 40.69 -36.05 -3.25
CA GLU I 331 41.51 -34.85 -3.23
C GLU I 331 41.12 -33.98 -4.41
N ASP I 332 41.16 -32.67 -4.18
CA ASP I 332 40.71 -31.71 -5.18
C ASP I 332 41.70 -31.66 -6.33
N ASP I 333 41.18 -31.44 -7.54
CA ASP I 333 42.01 -31.31 -8.74
C ASP I 333 41.54 -30.16 -9.62
N THR I 334 40.78 -29.22 -9.07
CA THR I 334 40.21 -28.13 -9.84
C THR I 334 40.76 -26.77 -9.40
N ASN I 335 41.83 -26.75 -8.63
CA ASN I 335 42.43 -25.49 -8.18
C ASN I 335 41.42 -24.66 -7.40
N TYR I 336 40.55 -25.34 -6.67
CA TYR I 336 39.57 -24.65 -5.86
C TYR I 336 40.27 -23.62 -4.97
N PRO I 337 39.67 -22.45 -4.77
CA PRO I 337 40.32 -21.43 -3.93
C PRO I 337 40.77 -22.03 -2.62
N ASP I 338 42.06 -21.90 -2.32
CA ASP I 338 42.62 -22.62 -1.18
C ASP I 338 41.97 -22.17 0.12
N ASP I 339 41.71 -20.87 0.26
CA ASP I 339 41.16 -20.38 1.52
C ASP I 339 39.78 -20.94 1.80
N LEU I 340 39.16 -21.59 0.82
CA LEU I 340 37.88 -22.25 1.01
C LEU I 340 37.98 -23.77 0.95
N LEU I 341 39.19 -24.30 0.83
CA LEU I 341 39.40 -25.73 0.66
C LEU I 341 40.04 -26.29 1.92
N ALA I 342 39.38 -27.27 2.53
CA ALA I 342 39.92 -27.99 3.68
C ALA I 342 40.27 -29.39 3.22
N GLU I 343 41.54 -29.60 2.87
CA GLU I 343 41.95 -30.88 2.31
C GLU I 343 41.61 -32.03 3.25
N GLU I 344 41.96 -31.91 4.52
CA GLU I 344 41.65 -32.93 5.51
C GLU I 344 40.72 -32.38 6.59
N GLY I 345 39.83 -31.47 6.20
CA GLY I 345 38.89 -30.91 7.15
C GLY I 345 37.80 -31.86 7.59
N LEU I 346 37.49 -32.86 6.76
CA LEU I 346 36.45 -33.82 7.09
C LEU I 346 37.07 -34.99 7.83
N SER I 347 36.46 -35.38 8.94
CA SER I 347 36.93 -36.49 9.75
C SER I 347 35.75 -37.38 10.08
N VAL I 348 35.74 -38.58 9.52
CA VAL I 348 34.67 -39.54 9.76
C VAL I 348 35.18 -40.60 10.70
N SER I 349 34.37 -40.95 11.72
CA SER I 349 34.76 -42.00 12.69
C SER I 349 35.07 -43.30 11.95
N ASP I 350 34.23 -43.67 10.97
CA ASP I 350 34.43 -44.93 10.21
C ASP I 350 34.14 -44.69 8.73
N ASN I 351 35.18 -44.51 7.91
CA ASN I 351 34.99 -44.31 6.45
C ASN I 351 35.29 -45.61 5.71
N SER I 352 35.15 -46.76 6.40
CA SER I 352 35.34 -48.07 5.73
C SER I 352 34.31 -48.22 4.61
N PRO I 353 34.70 -48.67 3.40
CA PRO I 353 33.78 -48.79 2.26
C PRO I 353 32.38 -49.28 2.63
N LEU I 354 31.42 -48.35 2.68
CA LEU I 354 30.00 -48.72 3.00
C LEU I 354 29.45 -49.55 1.83
N ALA I 355 29.24 -50.86 2.02
CA ALA I 355 28.78 -51.78 0.94
C ALA I 355 27.24 -51.77 0.81
N PRO I 356 26.65 -52.24 -0.33
CA PRO I 356 25.19 -52.30 -0.54
C PRO I 356 24.28 -52.56 0.66
N GLY I 357 23.10 -51.90 0.71
CA GLY I 357 22.25 -52.00 1.91
C GLY I 357 23.11 -51.54 3.06
N GLU I 358 23.30 -52.38 4.10
CA GLU I 358 24.29 -52.05 5.12
C GLU I 358 24.16 -50.60 5.58
N THR I 359 23.04 -50.33 6.25
CA THR I 359 22.88 -49.05 6.94
C THR I 359 23.98 -48.88 7.98
N ARG I 360 24.28 -47.64 8.34
CA ARG I 360 25.32 -47.38 9.31
C ARG I 360 25.16 -45.97 9.85
N THR I 361 25.72 -45.73 11.03
CA THR I 361 25.70 -44.42 11.66
C THR I 361 27.13 -44.03 12.00
N VAL I 362 27.53 -42.82 11.64
CA VAL I 362 28.88 -42.35 11.87
C VAL I 362 28.84 -40.92 12.39
N ASP I 363 29.93 -40.53 13.04
CA ASP I 363 30.06 -39.19 13.60
C ASP I 363 31.06 -38.42 12.74
N VAL I 364 30.56 -37.41 12.04
CA VAL I 364 31.35 -36.60 11.12
C VAL I 364 31.77 -35.32 11.83
N THR I 365 33.02 -34.91 11.62
CA THR I 365 33.54 -33.68 12.20
C THR I 365 34.21 -32.88 11.10
N ALA I 366 33.60 -31.74 10.75
CA ALA I 366 34.15 -30.84 9.75
C ALA I 366 34.75 -29.65 10.48
N SER I 367 36.08 -29.56 10.46
CA SER I 367 36.78 -28.50 11.16
C SER I 367 37.80 -27.86 10.24
N ASP I 368 37.89 -26.52 10.29
CA ASP I 368 38.86 -25.76 9.45
C ASP I 368 38.93 -24.33 9.96
N ALA I 369 40.03 -23.63 9.72
CA ALA I 369 40.13 -22.20 10.11
C ALA I 369 39.03 -21.40 9.41
N ALA I 370 38.62 -21.80 8.21
CA ALA I 370 37.59 -21.08 7.43
C ALA I 370 36.25 -21.01 8.20
N TRP I 371 36.00 -21.94 9.13
CA TRP I 371 34.77 -21.86 9.96
C TRP I 371 34.74 -20.52 10.71
N GLU I 372 35.91 -20.06 11.17
CA GLU I 372 35.98 -18.78 11.93
C GLU I 372 36.35 -17.63 10.97
N VAL I 373 37.17 -17.91 9.95
CA VAL I 373 37.61 -16.86 8.99
C VAL I 373 36.40 -16.35 8.21
N TYR I 374 35.53 -17.26 7.75
CA TYR I 374 34.36 -16.85 6.94
C TYR I 374 33.14 -16.62 7.85
N ARG I 375 33.38 -16.29 9.12
CA ARG I 375 32.28 -15.94 10.07
C ARG I 375 31.14 -16.96 10.07
N LEU I 376 31.41 -18.22 9.73
CA LEU I 376 30.37 -19.24 9.88
C LEU I 376 30.03 -19.51 11.33
N ALA I 377 30.99 -19.30 12.24
CA ALA I 377 30.71 -19.47 13.66
C ALA I 377 29.74 -18.43 14.17
N ASP I 378 29.47 -17.38 13.41
CA ASP I 378 28.49 -16.38 13.81
C ASP I 378 27.07 -16.86 13.66
N LEU I 379 26.85 -18.16 13.42
CA LEU I 379 25.50 -18.71 13.46
C LEU I 379 24.86 -18.48 14.81
N ILE I 380 25.64 -18.16 15.84
CA ILE I 380 25.10 -17.96 17.17
C ILE I 380 24.25 -16.70 17.25
N TYR I 381 24.52 -15.73 16.38
CA TYR I 381 23.81 -14.43 16.44
C TYR I 381 22.61 -14.50 15.48
N ASP I 382 22.54 -15.60 14.72
CA ASP I 382 21.43 -15.77 13.77
C ASP I 382 20.19 -16.18 14.57
N PRO I 383 19.00 -15.62 14.27
CA PRO I 383 17.76 -16.04 14.94
C PRO I 383 17.24 -17.37 14.37
N ASP I 384 18.12 -18.16 13.76
CA ASP I 384 17.73 -19.48 13.20
C ASP I 384 18.99 -20.36 13.18
N SER I 385 19.23 -21.11 14.27
CA SER I 385 20.45 -21.95 14.35
C SER I 385 20.22 -23.27 13.62
N ARG I 386 20.23 -23.25 12.28
CA ARG I 386 20.04 -24.48 11.47
C ARG I 386 21.11 -24.47 10.37
N PHE I 387 21.24 -25.56 9.61
CA PHE I 387 22.29 -25.63 8.60
C PHE I 387 21.86 -26.56 7.48
N ALA I 388 22.58 -26.47 6.36
CA ALA I 388 22.33 -27.34 5.19
C ALA I 388 23.67 -27.54 4.47
N GLY I 389 23.89 -28.72 3.87
CA GLY I 389 25.18 -29.00 3.22
C GLY I 389 25.08 -30.03 2.11
N LEU I 390 26.18 -30.27 1.40
CA LEU I 390 26.18 -31.21 0.25
C LEU I 390 27.14 -32.38 0.55
N LEU I 391 26.61 -33.59 0.62
CA LEU I 391 27.46 -34.79 0.90
C LEU I 391 27.80 -35.45 -0.43
N PHE I 392 29.08 -35.81 -0.63
CA PHE I 392 29.52 -36.51 -1.83
C PHE I 392 30.11 -37.86 -1.47
N PHE I 393 29.67 -38.89 -2.19
CA PHE I 393 30.16 -40.24 -2.00
C PHE I 393 30.82 -40.74 -3.27
N ILE I 394 31.77 -41.64 -3.12
CA ILE I 394 32.53 -42.18 -4.25
C ILE I 394 32.54 -43.70 -4.15
N ASP I 395 32.42 -44.37 -5.30
CA ASP I 395 32.41 -45.82 -5.35
C ASP I 395 33.83 -46.34 -5.55
N GLU I 396 33.96 -47.64 -5.80
CA GLU I 396 35.25 -48.20 -6.16
C GLU I 396 35.72 -47.65 -7.49
N ASP I 397 34.80 -47.51 -8.44
CA ASP I 397 35.16 -46.98 -9.75
C ASP I 397 35.59 -45.52 -9.66
N GLY I 398 34.86 -44.72 -8.89
CA GLY I 398 35.19 -43.32 -8.76
C GLY I 398 34.04 -42.39 -9.11
N ASN I 399 32.84 -42.96 -9.19
CA ASN I 399 31.66 -42.15 -9.43
C ASN I 399 31.31 -41.35 -8.18
N ARG I 400 30.53 -40.29 -8.37
CA ARG I 400 30.16 -39.40 -7.29
C ARG I 400 28.64 -39.31 -7.19
N GLN I 401 28.14 -39.40 -5.96
CA GLN I 401 26.75 -39.17 -5.66
C GLN I 401 26.64 -37.96 -4.75
N MET I 402 25.61 -37.15 -4.99
CA MET I 402 25.41 -35.90 -4.28
C MET I 402 24.14 -36.02 -3.44
N THR I 403 24.30 -35.95 -2.12
CA THR I 403 23.18 -36.01 -1.20
C THR I 403 23.07 -34.70 -0.44
N MET I 404 21.84 -34.32 -0.12
CA MET I 404 21.56 -33.08 0.58
C MET I 404 21.30 -33.37 2.04
N VAL I 405 21.94 -32.61 2.93
CA VAL I 405 21.74 -32.73 4.37
C VAL I 405 21.27 -31.40 4.92
N ASP I 406 20.48 -31.48 5.99
CA ASP I 406 20.04 -30.27 6.67
C ASP I 406 19.36 -30.65 7.96
N ALA I 407 19.57 -29.82 9.00
CA ALA I 407 18.99 -30.05 10.35
C ALA I 407 19.38 -28.90 11.28
N PRO I 408 18.86 -28.79 12.52
CA PRO I 408 19.33 -27.77 13.48
C PRO I 408 20.78 -27.94 13.95
N LEU I 409 21.53 -26.83 14.02
CA LEU I 409 22.92 -26.87 14.55
C LEU I 409 22.85 -26.39 16.01
N ILE I 410 23.31 -27.21 16.97
CA ILE I 410 23.15 -26.86 18.42
C ILE I 410 24.48 -26.38 19.01
N PRO I 411 24.64 -25.08 19.33
CA PRO I 411 25.87 -24.60 19.97
C PRO I 411 26.19 -25.32 21.29
N THR I 412 27.26 -26.12 21.30
CA THR I 412 27.70 -26.78 22.55
C THR I 412 28.73 -25.88 23.22
N PHE I 413 28.29 -25.07 24.21
CA PHE I 413 29.20 -24.09 24.86
C PHE I 413 30.24 -24.83 25.70
N ILE I 414 31.52 -24.60 25.39
CA ILE I 414 32.63 -25.26 26.14
C ILE I 414 32.75 -24.60 27.52
#